data_8GCD
#
_entry.id   8GCD
#
_cell.length_a   1.00
_cell.length_b   1.00
_cell.length_c   1.00
_cell.angle_alpha   90.00
_cell.angle_beta   90.00
_cell.angle_gamma   90.00
#
_symmetry.space_group_name_H-M   'P 1'
#
loop_
_entity.id
_entity.type
_entity.pdbx_description
1 polymer 'Integrin alpha-IIb'
2 polymer 'Integrin beta-3'
3 branched alpha-D-mannopyranose-(1-3)-[beta-D-mannopyranose-(1-6)]beta-D-mannopyranose-(1-4)-2-acetamido-2-deoxy-beta-D-glucopyranose-(1-4)-2-acetamido-2-deoxy-beta-D-glucopyranose
4 branched beta-D-mannopyranose-(1-4)-2-acetamido-2-deoxy-beta-D-glucopyranose-(1-4)-2-acetamido-2-deoxy-beta-D-glucopyranose
5 branched 2-acetamido-2-deoxy-beta-D-glucopyranose-(1-4)-2-acetamido-2-deoxy-beta-D-glucopyranose
6 non-polymer 'CALCIUM ION'
7 non-polymer 2-acetamido-2-deoxy-beta-D-glucopyranose
8 non-polymer 'MAGNESIUM ION'
9 water water
#
loop_
_entity_poly.entity_id
_entity_poly.type
_entity_poly.pdbx_seq_one_letter_code
_entity_poly.pdbx_strand_id
1 'polypeptide(L)'
;MARALCPLQALWLLEWVLLLLGPCAAPPAWALNLDPVQLTFYAGPNGSQFGFSLDFHKDSHGRVAIVVGAPRTLGPSQEE
TGGVFLCPWRAEGGQCPSLLFDLRDETRNVGSQTLQTFKARQGLGASVVSWSDVIVACAPWQHWNVLEKTEEAEKTPVGS
CFLAQPESGRRAEYSPCRGNTLSRIYVENDFSWDKRYCEAGFSSVVTQAGELVLGAPGGYYFLGLLAQAPVADIFSSYRP
GILLWHVSSQSLSFDSSNPEYFDGYWGYSVAVGEFDGDLNTTEYVVGAPTWSWTLGAVEILDSYYQRLHRLRGEQMASYF
GHSVAVTDVNGDGRHDLLVGAPLYMESRADRKLAEVGRVYLFLQPRGPHALGAPSLLLTGTQLYGRFGSAIAPLGDLDRD
GYNDIAVAAPYGGPSGRGQVLVFLGQSEGLRSRPSQVLDSPFPTGSAFGFSLRGAVDIDDNGYPDLIVGAYGANQVAVYR
AQPVVKASVQLLVQDSLNPAVKSCVLPQTKTPVSCFNIQMCVGATGHNIPQKLSLNAELQLDRQKPRQGRRVLLLGSQQA
GTTLNLDLGGKHSPICHTTMAFLRDEADFRDKLSPIVLSLNVSLPPTEAGMAPAVVLHGDTHVQEQTRIVLDCGEDDVCV
PQLQLTASVTGSPLLVGADNVLELQMDAANEGEGAYEAELAVHLPQGAHYMRALSNVEGFERLICNQKKENETRVVLCEL
GNPMKKNAQIGIAMLVSVGNLEEAGESVSFQLQIRSKNSQNPNSKIVLLDVPVRAEAQVELRGNSFPASLVVAAEEGERE
QNSLDSWGPKVEHTYELHNNGPGTVNGLHLSIHLPGQSQPSDLLYILDIQPQGGLQCFPQPPVNPLKVDWGLPIPSPSPI
HPAHHKRDRRQIFLPEPEQPSRLQDPVLVSCDSAPCTVVQCDLQEMARGQRAMVTVLAFLWLPSLYQRPLDQFVLQSHAW
FNVSSLPYAVPPLSLPRGEAQVWTQLLRALEERAIPIWWVLVGVLGGLLLLTILVLAMWKVGFFKRNRPPLEEDDEEGE
;
A
2 'polypeptide(L)'
;MRARPRPRPLWATVLALGALAGVGVGGPNICTTRGVSSCQQCLAVSPMCAWCSDEALPLGSPRCDLKENLLKDNCAPESI
EFPVSEARVLEDRPLSDKGSGDSSQVTQVSPQRIALRLRPDDSKNFSIQVRQVEDYPVDIYYLMDLSYSMKDDLWSIQNL
GTKLATQMRKLTSNLRIGFGAFVDKPVSPYMYISPPEALENPCYDMKTTCLPMFGYKHVLTLTDQVTRFNEEVKKQSVSR
NRDAPEGGFDAIMQATVCDEKIGWRNDASHLLVFTTDAKTHIALDGRLAGIVQPNDGQCHVGSDNHYSASTTMDYPSLGL
MTEKLSQKNINLIFAVTENVVNLYQNYSELIPGTTVGVLSMDSSNVLQLIVDAYGKIRSKVELEVRDLPEELSLSFNATC
LNNEVIPGLKSCMGLKIGDTVSFSIEAKVRGCPQEKEKSFTIKPVGFKDSLIVQVTFDCDCACQAQAEPNSHRCNNGNGT
FECGVCRCGPGWLGSQCECSEEDYRPSQQDECSPREGQPVCSQRGECLCGQCVCHSSDFGKITGKYCECDDFSCVRYKGE
MCSGHGQCSCGDCLCDSDWTGYYCNCTTRTDTCMSSNGLLCSGRGKCECGSCVCIQPGSYGDTCEKCPTCPDACTFKKEC
VECKKFDRGALHDENTCNRYCRDEIESVKELKDTGKDAVNCTYKNEDDCVVRFQYYEDSSGKSILYVVEEPECPKGPDIL
VVLLSVMGAILLIGLAALLIWKLLITIHDRKEFAKFEEERARAKWDTANNPLYKEATSTFTNITYRGT
;
B
#
loop_
_chem_comp.id
_chem_comp.type
_chem_comp.name
_chem_comp.formula
BMA D-saccharide, beta linking beta-D-mannopyranose 'C6 H12 O6'
CA non-polymer 'CALCIUM ION' 'Ca 2'
MAN D-saccharide, alpha linking alpha-D-mannopyranose 'C6 H12 O6'
MG non-polymer 'MAGNESIUM ION' 'Mg 2'
NAG D-saccharide, beta linking 2-acetamido-2-deoxy-beta-D-glucopyranose 'C8 H15 N O6'
#
# COMPACT_ATOMS: atom_id res chain seq x y z
N LEU A 32 20.69 -5.41 -18.93
CA LEU A 32 19.71 -6.49 -19.00
C LEU A 32 20.36 -7.77 -19.54
N ASN A 33 21.64 -7.58 -19.91
CA ASN A 33 22.46 -8.62 -20.55
C ASN A 33 22.95 -9.71 -19.61
N LEU A 34 23.05 -9.47 -18.32
CA LEU A 34 23.68 -10.47 -17.45
C LEU A 34 23.44 -11.88 -18.01
N ASP A 35 24.42 -12.51 -18.68
CA ASP A 35 24.34 -13.85 -19.25
C ASP A 35 24.21 -14.89 -18.13
N PRO A 36 23.08 -15.61 -18.06
CA PRO A 36 22.88 -16.56 -16.95
C PRO A 36 23.25 -17.99 -17.28
N VAL A 37 23.59 -18.28 -18.54
CA VAL A 37 23.82 -19.66 -18.94
C VAL A 37 25.21 -20.12 -18.52
N GLN A 38 26.22 -19.30 -18.75
CA GLN A 38 27.60 -19.63 -18.39
C GLN A 38 28.02 -18.75 -17.21
N LEU A 39 28.22 -19.38 -16.05
CA LEU A 39 28.61 -18.68 -14.85
C LEU A 39 29.97 -19.18 -14.39
N THR A 40 30.68 -18.32 -13.65
CA THR A 40 31.94 -18.67 -13.02
C THR A 40 31.72 -18.77 -11.52
N PHE A 41 31.84 -19.98 -10.99
CA PHE A 41 31.55 -20.25 -9.59
C PHE A 41 32.85 -20.33 -8.81
N TYR A 42 33.02 -19.41 -7.86
CA TYR A 42 34.14 -19.41 -6.94
C TYR A 42 33.71 -20.08 -5.64
N ALA A 43 34.40 -21.14 -5.26
CA ALA A 43 34.03 -21.93 -4.10
C ALA A 43 34.98 -21.65 -2.95
N GLY A 44 34.57 -22.05 -1.76
CA GLY A 44 35.35 -21.82 -0.57
C GLY A 44 35.29 -23.00 0.36
N PRO A 45 35.98 -22.90 1.50
CA PRO A 45 35.98 -24.01 2.46
C PRO A 45 34.58 -24.37 2.93
N ASN A 46 34.43 -25.61 3.34
CA ASN A 46 33.11 -25.98 3.85
C ASN A 46 32.96 -25.25 5.17
N GLY A 47 31.78 -24.85 5.51
CA GLY A 47 31.38 -24.15 6.72
C GLY A 47 31.74 -22.68 6.77
N SER A 48 32.48 -22.18 5.78
CA SER A 48 32.86 -20.77 5.71
C SER A 48 31.92 -20.08 4.75
N GLN A 49 31.25 -19.04 5.23
CA GLN A 49 30.13 -18.48 4.48
C GLN A 49 30.56 -17.85 3.15
N PHE A 50 31.80 -17.37 3.02
CA PHE A 50 32.42 -17.11 1.72
C PHE A 50 31.50 -16.44 0.71
N GLY A 51 31.12 -15.20 0.95
CA GLY A 51 30.16 -14.53 0.11
C GLY A 51 29.28 -13.60 0.90
N PHE A 52 29.55 -13.53 2.21
CA PHE A 52 28.86 -12.58 3.07
C PHE A 52 29.06 -11.16 2.57
N SER A 53 30.28 -10.83 2.11
CA SER A 53 30.57 -9.53 1.54
C SER A 53 31.60 -9.67 0.44
N LEU A 54 31.55 -8.76 -0.52
CA LEU A 54 32.40 -8.79 -1.70
C LEU A 54 32.88 -7.37 -2.03
N ASP A 55 33.94 -7.30 -2.82
CA ASP A 55 34.40 -6.05 -3.41
C ASP A 55 35.50 -6.28 -4.44
N PHE A 56 35.62 -5.36 -5.39
CA PHE A 56 36.67 -5.42 -6.40
C PHE A 56 37.94 -4.76 -5.88
N HIS A 57 39.07 -5.16 -6.46
CA HIS A 57 40.36 -4.55 -6.14
C HIS A 57 41.15 -4.39 -7.43
N LYS A 58 41.47 -3.15 -7.77
CA LYS A 58 42.25 -2.84 -8.97
C LYS A 58 43.68 -2.52 -8.54
N ASP A 59 44.61 -3.40 -8.90
CA ASP A 59 46.00 -3.26 -8.51
C ASP A 59 46.67 -2.18 -9.36
N SER A 60 47.99 -2.00 -9.14
CA SER A 60 48.73 -1.01 -9.90
C SER A 60 48.80 -1.38 -11.38
N HIS A 61 49.09 -2.64 -11.68
CA HIS A 61 49.23 -3.09 -13.07
C HIS A 61 47.91 -3.65 -13.60
N GLY A 62 46.84 -2.89 -13.47
CA GLY A 62 45.53 -3.39 -13.85
C GLY A 62 45.20 -4.66 -13.09
N ARG A 63 44.77 -5.68 -13.84
CA ARG A 63 44.55 -7.02 -13.30
C ARG A 63 43.58 -6.99 -12.10
N VAL A 64 42.34 -6.60 -12.40
CA VAL A 64 41.32 -6.53 -11.38
C VAL A 64 41.04 -7.91 -10.82
N ALA A 65 41.13 -8.04 -9.50
CA ALA A 65 40.81 -9.27 -8.79
C ALA A 65 39.49 -9.10 -8.06
N ILE A 66 39.13 -10.12 -7.28
CA ILE A 66 37.92 -10.11 -6.47
C ILE A 66 38.32 -10.35 -5.03
N VAL A 67 37.84 -9.49 -4.14
CA VAL A 67 38.02 -9.66 -2.69
C VAL A 67 36.70 -10.18 -2.15
N VAL A 68 36.73 -11.42 -1.64
CA VAL A 68 35.53 -12.07 -1.11
C VAL A 68 35.73 -12.31 0.37
N GLY A 69 34.81 -11.77 1.18
CA GLY A 69 34.86 -12.00 2.61
C GLY A 69 34.29 -13.37 2.93
N ALA A 70 34.81 -13.97 4.00
CA ALA A 70 34.42 -15.31 4.40
C ALA A 70 34.47 -15.43 5.92
N PRO A 71 33.38 -15.09 6.59
CA PRO A 71 33.34 -15.26 8.05
C PRO A 71 33.34 -16.72 8.43
N ARG A 72 33.76 -16.98 9.67
CA ARG A 72 33.76 -18.32 10.27
C ARG A 72 34.64 -19.30 9.51
N THR A 73 35.68 -18.80 8.83
CA THR A 73 36.56 -19.65 8.04
C THR A 73 37.67 -20.23 8.90
N LEU A 74 37.29 -20.87 10.01
CA LEU A 74 38.21 -21.53 10.92
C LEU A 74 39.42 -20.66 11.22
N GLY A 75 40.61 -21.25 11.23
CA GLY A 75 41.82 -20.50 11.46
C GLY A 75 42.96 -21.32 12.02
N PRO A 76 43.83 -20.68 12.80
CA PRO A 76 45.02 -21.36 13.31
C PRO A 76 44.75 -22.45 14.34
N SER A 77 43.89 -22.17 15.32
CA SER A 77 43.70 -23.03 16.47
C SER A 77 42.31 -23.66 16.47
N GLN A 78 41.80 -23.97 15.28
CA GLN A 78 40.50 -24.65 15.12
C GLN A 78 39.37 -23.86 15.79
N GLU A 79 39.39 -22.54 15.62
CA GLU A 79 38.29 -21.69 16.06
C GLU A 79 37.92 -20.74 14.93
N GLU A 80 36.62 -20.45 14.84
CA GLU A 80 36.09 -19.68 13.71
C GLU A 80 36.39 -18.20 13.92
N THR A 81 37.34 -17.67 13.15
CA THR A 81 37.68 -16.26 13.19
C THR A 81 37.50 -15.57 11.84
N GLY A 82 36.92 -16.25 10.86
CA GLY A 82 36.73 -15.65 9.55
C GLY A 82 38.04 -15.52 8.79
N GLY A 83 37.91 -15.03 7.57
CA GLY A 83 39.08 -14.84 6.72
C GLY A 83 38.68 -14.08 5.47
N VAL A 84 39.71 -13.63 4.75
CA VAL A 84 39.54 -12.88 3.52
C VAL A 84 40.28 -13.61 2.41
N PHE A 85 39.59 -13.84 1.30
CA PHE A 85 40.15 -14.55 0.16
C PHE A 85 40.28 -13.58 -1.01
N LEU A 86 41.50 -13.42 -1.51
CA LEU A 86 41.78 -12.53 -2.63
C LEU A 86 41.78 -13.37 -3.91
N CYS A 87 40.59 -13.62 -4.44
CA CYS A 87 40.46 -14.46 -5.62
C CYS A 87 40.82 -13.68 -6.87
N PRO A 88 41.77 -14.15 -7.68
CA PRO A 88 42.03 -13.50 -8.97
C PRO A 88 40.93 -13.82 -9.98
N TRP A 89 41.05 -13.31 -11.19
CA TRP A 89 40.04 -13.52 -12.21
C TRP A 89 40.50 -14.61 -13.18
N ARG A 90 39.65 -15.62 -13.36
CA ARG A 90 39.92 -16.70 -14.29
C ARG A 90 38.60 -17.17 -14.88
N ALA A 91 38.67 -17.74 -16.08
CA ALA A 91 37.45 -18.14 -16.78
C ALA A 91 36.74 -19.28 -16.04
N GLU A 92 37.49 -20.26 -15.56
CA GLU A 92 36.86 -21.44 -14.96
C GLU A 92 36.36 -21.17 -13.55
N GLY A 93 37.19 -20.56 -12.71
CA GLY A 93 36.82 -20.29 -11.33
C GLY A 93 37.10 -21.46 -10.40
N GLY A 94 37.74 -21.18 -9.27
CA GLY A 94 38.10 -22.24 -8.36
C GLY A 94 38.41 -21.70 -6.98
N GLN A 95 39.09 -22.51 -6.18
CA GLN A 95 39.43 -22.14 -4.82
C GLN A 95 40.38 -20.95 -4.80
N CYS A 96 40.22 -20.09 -3.80
CA CYS A 96 40.89 -18.80 -3.73
C CYS A 96 42.19 -18.88 -2.93
N PRO A 97 43.14 -17.98 -3.21
CA PRO A 97 44.43 -18.06 -2.51
C PRO A 97 44.36 -17.77 -1.02
N SER A 98 43.66 -16.68 -0.63
CA SER A 98 43.46 -16.21 0.75
C SER A 98 44.52 -15.20 1.15
N LEU A 99 44.10 -14.10 1.78
CA LEU A 99 44.99 -13.04 2.25
C LEU A 99 45.18 -13.20 3.75
N LEU A 100 46.43 -13.18 4.20
CA LEU A 100 46.78 -13.55 5.57
C LEU A 100 46.76 -12.32 6.47
N PHE A 101 45.93 -12.35 7.50
CA PHE A 101 45.92 -11.35 8.56
C PHE A 101 46.28 -12.02 9.89
N ASP A 102 46.90 -11.25 10.78
CA ASP A 102 47.30 -11.79 12.07
C ASP A 102 46.08 -12.08 12.94
N LEU A 103 46.03 -13.28 13.50
CA LEU A 103 44.97 -13.72 14.41
C LEU A 103 45.63 -14.44 15.59
N ARG A 104 46.00 -13.69 16.63
CA ARG A 104 46.81 -14.28 17.69
C ARG A 104 46.51 -13.73 19.09
N ASP A 105 45.32 -13.14 19.29
CA ASP A 105 44.85 -12.75 20.62
C ASP A 105 45.89 -11.91 21.38
N GLU A 106 46.11 -10.70 20.87
CA GLU A 106 47.15 -9.84 21.42
C GLU A 106 46.84 -9.42 22.85
N THR A 107 47.91 -9.22 23.62
CA THR A 107 47.80 -8.82 25.02
C THR A 107 49.02 -8.00 25.42
N ARG A 108 48.77 -6.85 26.05
CA ARG A 108 49.86 -6.01 26.54
C ARG A 108 49.49 -5.38 27.88
N ASN A 109 50.50 -4.84 28.56
CA ASN A 109 50.34 -4.11 29.81
C ASN A 109 50.92 -2.71 29.63
N VAL A 110 50.05 -1.73 29.32
CA VAL A 110 50.53 -0.36 29.16
C VAL A 110 51.00 0.18 30.50
N GLY A 111 50.17 0.02 31.54
CA GLY A 111 50.52 0.40 32.89
C GLY A 111 49.91 -0.59 33.85
N SER A 112 49.17 -0.11 34.85
CA SER A 112 48.30 -1.00 35.61
C SER A 112 47.22 -1.60 34.73
N GLN A 113 46.96 -1.01 33.56
CA GLN A 113 46.03 -1.58 32.60
C GLN A 113 46.59 -2.87 32.00
N THR A 114 45.69 -3.71 31.52
CA THR A 114 46.02 -5.00 30.92
C THR A 114 45.24 -5.18 29.62
N LEU A 115 45.34 -4.19 28.74
CA LEU A 115 44.60 -4.13 27.49
C LEU A 115 44.59 -5.47 26.77
N GLN A 116 43.40 -6.00 26.51
CA GLN A 116 43.24 -7.30 25.87
C GLN A 116 42.35 -7.17 24.63
N THR A 117 42.64 -7.99 23.64
CA THR A 117 41.76 -8.16 22.48
C THR A 117 41.59 -9.65 22.24
N PHE A 118 40.36 -10.06 21.96
CA PHE A 118 40.01 -11.48 21.85
C PHE A 118 39.57 -11.76 20.43
N LYS A 119 40.46 -12.40 19.66
CA LYS A 119 40.21 -12.70 18.26
C LYS A 119 39.57 -14.07 18.17
N ALA A 120 38.26 -14.11 18.33
CA ALA A 120 37.50 -15.35 18.23
C ALA A 120 36.06 -15.01 17.89
N ARG A 121 35.48 -15.79 16.98
CA ARG A 121 34.12 -15.56 16.49
C ARG A 121 33.97 -14.13 15.95
N GLN A 122 35.01 -13.66 15.26
CA GLN A 122 34.99 -12.37 14.61
C GLN A 122 34.72 -12.56 13.12
N GLY A 123 33.72 -11.85 12.61
CA GLY A 123 33.37 -11.96 11.22
C GLY A 123 34.35 -11.24 10.30
N LEU A 124 35.64 -11.54 10.43
CA LEU A 124 36.64 -10.91 9.57
C LEU A 124 36.34 -11.25 8.12
N GLY A 125 35.95 -10.24 7.34
CA GLY A 125 35.42 -10.45 6.01
C GLY A 125 33.97 -10.07 5.85
N ALA A 126 33.31 -9.63 6.92
CA ALA A 126 31.92 -9.17 6.82
C ALA A 126 31.80 -7.89 6.00
N SER A 127 32.90 -7.20 5.74
CA SER A 127 32.91 -6.04 4.84
C SER A 127 34.33 -5.85 4.37
N VAL A 128 34.54 -5.93 3.06
CA VAL A 128 35.89 -5.99 2.49
C VAL A 128 36.15 -4.85 1.52
N VAL A 129 35.59 -3.67 1.82
CA VAL A 129 35.76 -2.53 0.92
C VAL A 129 37.24 -2.23 0.69
N SER A 130 37.53 -1.62 -0.45
CA SER A 130 38.91 -1.45 -0.92
C SER A 130 39.11 -0.03 -1.44
N TRP A 131 40.38 0.32 -1.59
CA TRP A 131 40.80 1.58 -2.21
C TRP A 131 41.76 1.25 -3.36
N SER A 132 42.43 2.28 -3.87
CA SER A 132 43.30 2.09 -5.03
C SER A 132 44.40 1.06 -4.76
N ASP A 133 44.89 0.98 -3.53
CA ASP A 133 45.93 0.01 -3.20
C ASP A 133 45.70 -0.67 -1.86
N VAL A 134 44.62 -0.34 -1.15
CA VAL A 134 44.42 -0.78 0.23
C VAL A 134 43.19 -1.66 0.30
N ILE A 135 43.29 -2.75 1.06
CA ILE A 135 42.17 -3.63 1.37
C ILE A 135 41.84 -3.44 2.84
N VAL A 136 40.57 -3.17 3.13
CA VAL A 136 40.16 -2.64 4.44
C VAL A 136 39.17 -3.59 5.08
N ALA A 137 39.38 -4.90 4.89
CA ALA A 137 38.48 -5.91 5.45
C ALA A 137 38.34 -5.72 6.96
N CYS A 138 37.09 -5.76 7.44
CA CYS A 138 36.75 -5.43 8.81
C CYS A 138 36.16 -6.63 9.53
N ALA A 139 36.29 -6.62 10.86
CA ALA A 139 35.76 -7.67 11.74
C ALA A 139 34.80 -7.02 12.73
N PRO A 140 33.51 -6.97 12.42
CA PRO A 140 32.57 -6.23 13.27
C PRO A 140 32.42 -6.78 14.68
N TRP A 141 32.74 -8.03 14.94
CA TRP A 141 32.55 -8.62 16.27
C TRP A 141 33.92 -9.02 16.83
N GLN A 142 34.62 -8.07 17.43
CA GLN A 142 35.86 -8.32 18.12
C GLN A 142 35.77 -7.73 19.52
N HIS A 143 36.30 -8.46 20.50
CA HIS A 143 36.13 -8.11 21.89
C HIS A 143 37.35 -7.36 22.43
N TRP A 144 37.09 -6.53 23.44
CA TRP A 144 38.13 -5.70 24.05
C TRP A 144 37.81 -5.56 25.52
N ASN A 145 38.83 -5.75 26.36
CA ASN A 145 38.62 -5.86 27.81
C ASN A 145 39.89 -5.43 28.51
N VAL A 146 39.90 -4.19 29.02
CA VAL A 146 41.01 -3.74 29.86
C VAL A 146 40.75 -4.21 31.28
N LEU A 147 41.82 -4.50 32.02
CA LEU A 147 41.71 -5.12 33.34
C LEU A 147 42.63 -4.40 34.31
N GLU A 148 42.08 -3.48 35.10
CA GLU A 148 42.82 -2.75 36.11
C GLU A 148 42.46 -3.32 37.48
N LYS A 149 43.44 -3.94 38.14
CA LYS A 149 43.29 -4.48 39.49
C LYS A 149 42.10 -5.43 39.49
N THR A 150 41.01 -5.12 40.19
CA THR A 150 39.80 -5.94 40.15
C THR A 150 38.74 -5.38 39.21
N GLU A 151 38.70 -4.07 39.02
CA GLU A 151 37.74 -3.45 38.13
C GLU A 151 38.02 -3.85 36.67
N GLU A 152 36.95 -3.93 35.88
CA GLU A 152 37.05 -4.37 34.50
C GLU A 152 36.18 -3.47 33.63
N ALA A 153 36.51 -3.42 32.35
CA ALA A 153 35.71 -2.69 31.38
C ALA A 153 34.75 -3.58 30.60
N GLU A 154 34.76 -4.89 30.86
CA GLU A 154 33.75 -5.82 30.36
C GLU A 154 33.94 -6.13 28.88
N LYS A 155 33.90 -7.41 28.52
CA LYS A 155 34.00 -7.79 27.12
C LYS A 155 32.85 -7.20 26.31
N THR A 156 33.19 -6.43 25.28
CA THR A 156 32.20 -5.81 24.39
C THR A 156 32.70 -5.94 22.96
N PRO A 157 31.79 -6.04 21.98
CA PRO A 157 32.18 -6.15 20.56
C PRO A 157 32.55 -4.80 19.95
N VAL A 158 33.79 -4.38 20.17
CA VAL A 158 34.23 -3.08 19.66
C VAL A 158 34.38 -3.13 18.14
N GLY A 159 35.03 -4.15 17.62
CA GLY A 159 35.28 -4.28 16.20
C GLY A 159 36.68 -3.84 15.82
N SER A 160 36.99 -4.00 14.54
CA SER A 160 38.26 -3.57 13.97
C SER A 160 38.11 -3.49 12.46
N CYS A 161 39.16 -3.00 11.81
CA CYS A 161 39.22 -2.90 10.35
C CYS A 161 40.68 -3.08 9.92
N PHE A 162 41.02 -4.30 9.55
CA PHE A 162 42.39 -4.62 9.16
C PHE A 162 42.68 -4.05 7.78
N LEU A 163 43.69 -3.18 7.71
CA LEU A 163 44.09 -2.56 6.45
C LEU A 163 45.25 -3.34 5.87
N ALA A 164 45.02 -3.99 4.74
CA ALA A 164 46.06 -4.77 4.06
C ALA A 164 46.59 -3.99 2.87
N GLN A 165 47.73 -4.44 2.36
CA GLN A 165 48.33 -3.83 1.19
C GLN A 165 49.12 -4.86 0.41
N PRO A 166 48.71 -5.20 -0.81
CA PRO A 166 49.56 -6.02 -1.68
C PRO A 166 50.89 -5.33 -1.96
N GLU A 167 51.80 -6.01 -2.66
CA GLU A 167 53.17 -5.52 -2.86
C GLU A 167 53.86 -5.34 -1.50
N SER A 168 54.06 -6.46 -0.82
CA SER A 168 54.60 -6.53 0.54
C SER A 168 53.61 -5.96 1.54
N GLY A 169 53.51 -4.64 1.60
CA GLY A 169 52.49 -4.00 2.42
C GLY A 169 52.67 -4.22 3.91
N ARG A 170 51.74 -3.64 4.67
CA ARG A 170 51.77 -3.68 6.12
C ARG A 170 50.39 -4.03 6.64
N ARG A 171 50.34 -4.71 7.78
CA ARG A 171 49.07 -5.11 8.40
C ARG A 171 48.61 -4.04 9.40
N ALA A 172 48.37 -2.85 8.87
CA ALA A 172 47.84 -1.77 9.69
C ALA A 172 46.41 -2.08 10.13
N GLU A 173 46.12 -1.80 11.39
CA GLU A 173 44.80 -2.00 11.96
C GLU A 173 44.26 -0.66 12.43
N TYR A 174 42.95 -0.46 12.31
CA TYR A 174 42.31 0.79 12.70
C TYR A 174 41.01 0.48 13.45
N SER A 175 41.09 0.43 14.76
CA SER A 175 39.86 0.36 15.53
C SER A 175 39.55 1.72 16.14
N PRO A 176 38.44 2.34 15.76
CA PRO A 176 38.21 3.74 16.15
C PRO A 176 37.88 3.92 17.63
N CYS A 177 37.04 3.07 18.18
CA CYS A 177 36.48 3.26 19.51
C CYS A 177 37.02 2.23 20.49
N ARG A 178 38.30 1.91 20.39
CA ARG A 178 38.95 1.11 21.43
C ARG A 178 39.23 1.99 22.64
N GLY A 179 38.47 1.78 23.72
CA GLY A 179 38.56 2.61 24.89
C GLY A 179 39.24 1.92 26.06
N ASN A 180 39.58 2.72 27.07
CA ASN A 180 40.21 2.24 28.29
C ASN A 180 39.56 2.88 29.51
N THR A 181 38.25 2.99 29.50
CA THR A 181 37.49 3.57 30.60
C THR A 181 36.78 2.46 31.37
N LEU A 182 36.89 2.51 32.69
CA LEU A 182 36.31 1.46 33.54
C LEU A 182 34.79 1.57 33.55
N SER A 183 34.16 0.57 34.18
CA SER A 183 32.71 0.47 34.15
C SER A 183 32.06 1.48 35.09
N ARG A 184 32.71 1.76 36.23
CA ARG A 184 32.10 2.66 37.21
C ARG A 184 31.96 4.06 36.65
N ILE A 185 32.90 4.52 35.82
CA ILE A 185 32.78 5.82 35.20
C ILE A 185 31.55 5.87 34.29
N TYR A 186 31.35 4.81 33.50
CA TYR A 186 30.19 4.77 32.62
C TYR A 186 28.89 4.75 33.39
N VAL A 187 28.81 3.96 34.47
CA VAL A 187 27.56 3.86 35.21
C VAL A 187 27.27 5.15 35.97
N GLU A 188 28.31 5.81 36.49
CA GLU A 188 28.09 7.03 37.26
C GLU A 188 27.69 8.20 36.37
N ASN A 189 28.18 8.25 35.14
CA ASN A 189 27.81 9.29 34.19
C ASN A 189 26.54 8.95 33.41
N ASP A 190 25.80 7.93 33.84
CA ASP A 190 24.56 7.50 33.20
C ASP A 190 24.78 7.16 31.73
N PHE A 191 25.85 6.39 31.47
CA PHE A 191 26.12 5.83 30.15
C PHE A 191 26.24 6.92 29.08
N SER A 192 27.10 7.90 29.34
CA SER A 192 27.39 8.96 28.39
C SER A 192 28.68 8.65 27.65
N TRP A 193 28.65 8.75 26.33
CA TRP A 193 29.79 8.43 25.48
C TRP A 193 30.25 6.98 25.69
N ASP A 194 29.30 6.06 25.53
CA ASP A 194 29.53 4.64 25.75
C ASP A 194 29.81 4.00 24.39
N LYS A 195 31.09 4.03 23.97
CA LYS A 195 31.52 3.45 22.72
C LYS A 195 31.98 2.00 22.89
N ARG A 196 31.44 1.27 23.86
CA ARG A 196 31.90 -0.09 24.09
C ARG A 196 31.39 -1.05 23.04
N TYR A 197 30.15 -0.88 22.56
CA TYR A 197 29.51 -1.86 21.69
C TYR A 197 29.41 -1.37 20.25
N CYS A 198 30.43 -0.69 19.75
CA CYS A 198 30.33 -0.10 18.41
C CYS A 198 30.00 -1.13 17.35
N GLU A 199 30.71 -2.27 17.36
CA GLU A 199 30.74 -3.17 16.22
C GLU A 199 31.17 -2.41 14.97
N ALA A 200 32.29 -1.70 15.10
CA ALA A 200 32.66 -0.62 14.18
C ALA A 200 33.33 -1.19 12.93
N GLY A 201 32.66 -2.17 12.34
CA GLY A 201 33.04 -2.68 11.03
C GLY A 201 31.80 -3.04 10.24
N PHE A 202 30.64 -2.66 10.77
CA PHE A 202 29.37 -3.11 10.21
C PHE A 202 29.20 -2.61 8.78
N SER A 203 29.49 -1.34 8.53
CA SER A 203 29.45 -0.77 7.19
C SER A 203 30.69 0.08 6.99
N SER A 204 31.08 0.25 5.73
CA SER A 204 32.31 0.96 5.43
C SER A 204 32.31 1.39 3.98
N VAL A 205 32.72 2.63 3.74
CA VAL A 205 32.98 3.15 2.40
C VAL A 205 34.20 4.03 2.47
N VAL A 206 35.01 3.99 1.41
CA VAL A 206 36.21 4.81 1.31
C VAL A 206 35.92 5.92 0.31
N THR A 207 35.90 7.16 0.79
CA THR A 207 35.68 8.29 -0.09
C THR A 207 36.87 8.45 -1.03
N GLN A 208 36.59 8.97 -2.23
CA GLN A 208 37.64 9.12 -3.23
C GLN A 208 38.77 10.03 -2.76
N ALA A 209 38.51 10.90 -1.78
CA ALA A 209 39.58 11.70 -1.20
C ALA A 209 40.59 10.83 -0.48
N GLY A 210 40.11 9.81 0.25
CA GLY A 210 41.00 8.91 0.96
C GLY A 210 40.60 8.65 2.40
N GLU A 211 39.47 9.19 2.82
CA GLU A 211 38.98 8.97 4.17
C GLU A 211 38.27 7.62 4.26
N LEU A 212 38.04 7.18 5.49
CA LEU A 212 37.41 5.90 5.76
C LEU A 212 36.39 6.08 6.87
N VAL A 213 35.11 6.03 6.52
CA VAL A 213 34.03 6.18 7.49
C VAL A 213 33.44 4.80 7.78
N LEU A 214 33.35 4.47 9.08
CA LEU A 214 32.94 3.14 9.52
C LEU A 214 31.64 3.25 10.31
N GLY A 215 30.66 2.45 9.94
CA GLY A 215 29.44 2.36 10.71
C GLY A 215 29.64 1.63 12.02
N ALA A 216 28.73 1.89 12.95
CA ALA A 216 28.82 1.29 14.28
C ALA A 216 27.46 1.32 14.96
N PRO A 217 26.53 0.43 14.57
CA PRO A 217 25.15 0.52 15.06
C PRO A 217 25.02 0.54 16.58
N GLY A 218 25.85 -0.21 17.28
CA GLY A 218 25.75 -0.30 18.72
C GLY A 218 26.45 0.79 19.49
N GLY A 219 27.04 1.79 18.82
CA GLY A 219 27.73 2.84 19.53
C GLY A 219 26.79 3.72 20.32
N TYR A 220 27.32 4.28 21.42
CA TYR A 220 26.58 5.17 22.31
C TYR A 220 25.32 4.48 22.84
N TYR A 221 25.48 3.22 23.28
CA TYR A 221 24.39 2.40 23.78
C TYR A 221 23.30 2.23 22.72
N PHE A 222 23.71 1.68 21.58
CA PHE A 222 22.88 1.23 20.47
C PHE A 222 22.22 2.37 19.71
N LEU A 223 22.57 3.62 19.96
CA LEU A 223 22.19 4.69 19.04
C LEU A 223 22.97 4.56 17.73
N GLY A 224 24.28 4.44 17.80
CA GLY A 224 25.12 4.33 16.63
C GLY A 224 25.98 5.57 16.42
N LEU A 225 27.02 5.40 15.61
CA LEU A 225 27.95 6.49 15.32
C LEU A 225 28.61 6.24 13.98
N LEU A 226 29.46 7.19 13.58
CA LEU A 226 30.25 7.10 12.35
C LEU A 226 31.64 7.66 12.65
N ALA A 227 32.67 6.86 12.43
CA ALA A 227 34.04 7.24 12.72
C ALA A 227 34.83 7.33 11.42
N GLN A 228 35.62 8.40 11.27
CA GLN A 228 36.36 8.67 10.05
C GLN A 228 37.81 9.00 10.37
N ALA A 229 38.72 8.47 9.54
CA ALA A 229 40.14 8.77 9.64
C ALA A 229 40.78 8.57 8.27
N PRO A 230 41.69 9.46 7.87
CA PRO A 230 42.33 9.31 6.56
C PRO A 230 43.16 8.03 6.47
N VAL A 231 43.20 7.46 5.27
CA VAL A 231 43.93 6.21 5.06
C VAL A 231 45.43 6.40 5.28
N ALA A 232 45.98 7.49 4.75
CA ALA A 232 47.41 7.74 4.92
C ALA A 232 47.76 7.96 6.39
N ASP A 233 46.89 8.66 7.13
CA ASP A 233 47.17 8.93 8.53
C ASP A 233 47.19 7.65 9.35
N ILE A 234 46.23 6.76 9.13
CA ILE A 234 46.22 5.51 9.89
C ILE A 234 47.36 4.60 9.45
N PHE A 235 47.72 4.63 8.16
CA PHE A 235 48.86 3.84 7.72
C PHE A 235 50.15 4.31 8.37
N SER A 236 50.36 5.62 8.45
CA SER A 236 51.59 6.15 9.03
C SER A 236 51.57 6.17 10.55
N SER A 237 50.40 6.04 11.17
CA SER A 237 50.29 6.10 12.63
C SER A 237 50.33 4.73 13.29
N TYR A 238 50.34 3.65 12.52
CA TYR A 238 50.36 2.32 13.12
C TYR A 238 51.76 1.96 13.57
N ARG A 239 51.85 1.28 14.71
CA ARG A 239 53.10 0.77 15.26
C ARG A 239 52.86 -0.71 15.53
N PRO A 240 53.79 -1.59 15.20
CA PRO A 240 53.49 -3.02 15.27
C PRO A 240 53.51 -3.58 16.69
N GLY A 241 52.35 -4.06 17.12
CA GLY A 241 52.11 -4.43 18.50
C GLY A 241 51.39 -3.38 19.31
N ILE A 242 51.15 -2.20 18.75
CA ILE A 242 50.44 -1.14 19.46
C ILE A 242 48.94 -1.40 19.32
N LEU A 243 48.23 -1.36 20.44
CA LEU A 243 46.81 -1.72 20.45
C LEU A 243 45.90 -0.51 20.66
N LEU A 244 46.22 0.32 21.66
CA LEU A 244 45.44 1.49 22.00
C LEU A 244 46.24 2.72 21.66
N TRP A 245 45.91 3.35 20.53
CA TRP A 245 46.52 4.59 20.10
C TRP A 245 45.46 5.41 19.39
N HIS A 246 45.49 6.72 19.62
CA HIS A 246 44.47 7.61 19.08
C HIS A 246 44.97 8.25 17.79
N VAL A 247 44.23 8.04 16.71
CA VAL A 247 44.57 8.67 15.44
C VAL A 247 44.43 10.18 15.58
N SER A 248 45.33 10.92 14.92
CA SER A 248 45.41 12.36 15.15
C SER A 248 44.22 13.08 14.52
N SER A 249 43.87 12.73 13.29
CA SER A 249 42.88 13.47 12.50
C SER A 249 41.56 12.71 12.37
N GLN A 250 41.15 12.04 13.43
CA GLN A 250 39.90 11.29 13.41
C GLN A 250 38.76 12.11 14.03
N SER A 251 37.54 11.68 13.77
CA SER A 251 36.35 12.34 14.29
C SER A 251 35.25 11.32 14.48
N LEU A 252 34.41 11.55 15.49
CA LEU A 252 33.31 10.66 15.80
C LEU A 252 32.00 11.45 15.88
N SER A 253 30.94 10.88 15.33
CA SER A 253 29.64 11.54 15.36
C SER A 253 29.11 11.63 16.79
N PHE A 254 28.35 12.69 17.05
CA PHE A 254 27.75 12.92 18.35
C PHE A 254 26.31 12.42 18.36
N ASP A 255 25.81 12.13 19.56
CA ASP A 255 24.44 11.67 19.71
C ASP A 255 23.94 12.05 21.10
N SER A 256 22.69 12.52 21.15
CA SER A 256 22.10 13.07 22.36
C SER A 256 20.90 12.22 22.80
N SER A 257 20.09 12.78 23.69
CA SER A 257 19.03 12.05 24.39
C SER A 257 17.65 12.24 23.75
N ASN A 258 17.58 12.40 22.43
CA ASN A 258 16.27 12.43 21.77
C ASN A 258 15.66 11.04 21.84
N PRO A 259 14.48 10.86 22.45
CA PRO A 259 13.91 9.51 22.58
C PRO A 259 13.61 8.83 21.26
N GLU A 260 13.42 9.59 20.18
CA GLU A 260 13.20 9.00 18.88
C GLU A 260 14.42 8.23 18.40
N TYR A 261 15.61 8.56 18.90
CA TYR A 261 16.86 7.95 18.44
C TYR A 261 17.22 6.70 19.23
N PHE A 262 16.52 6.39 20.31
CA PHE A 262 16.90 5.27 21.15
C PHE A 262 16.70 3.95 20.43
N ASP A 263 17.74 3.10 20.46
CA ASP A 263 17.72 1.80 19.80
C ASP A 263 17.35 1.91 18.34
N GLY A 264 17.87 2.95 17.68
CA GLY A 264 17.65 3.13 16.26
C GLY A 264 18.68 2.50 15.35
N TYR A 265 19.79 2.02 15.92
CA TYR A 265 20.87 1.39 15.16
C TYR A 265 21.33 2.29 14.02
N TRP A 266 21.57 3.56 14.34
CA TRP A 266 21.96 4.56 13.35
C TRP A 266 23.37 4.26 12.88
N GLY A 267 23.51 3.67 11.70
CA GLY A 267 24.80 3.27 11.20
C GLY A 267 24.77 1.85 10.68
N TYR A 268 23.56 1.30 10.55
CA TYR A 268 23.40 -0.06 10.03
C TYR A 268 23.92 -0.18 8.61
N SER A 269 23.90 0.91 7.85
CA SER A 269 24.39 0.91 6.48
C SER A 269 24.64 2.35 6.07
N VAL A 270 25.84 2.63 5.58
CA VAL A 270 26.25 3.98 5.25
C VAL A 270 26.56 4.06 3.75
N ALA A 271 26.63 5.28 3.24
CA ALA A 271 26.99 5.55 1.86
C ALA A 271 27.40 7.01 1.75
N VAL A 272 28.10 7.34 0.67
CA VAL A 272 28.58 8.70 0.44
C VAL A 272 28.08 9.19 -0.92
N GLY A 273 27.88 10.49 -1.00
CA GLY A 273 27.40 11.12 -2.23
C GLY A 273 27.61 12.61 -2.15
N GLU A 274 27.14 13.30 -3.19
CA GLU A 274 27.22 14.76 -3.28
C GLU A 274 25.81 15.32 -3.40
N PHE A 275 25.40 16.10 -2.41
CA PHE A 275 24.03 16.62 -2.36
C PHE A 275 23.96 18.14 -2.23
N ASP A 276 24.84 18.75 -1.44
CA ASP A 276 24.75 20.19 -1.22
C ASP A 276 24.99 20.98 -2.49
N GLY A 277 25.94 20.54 -3.32
CA GLY A 277 26.33 21.24 -4.54
C GLY A 277 27.78 21.66 -4.55
N ASP A 278 28.36 21.90 -3.39
CA ASP A 278 29.79 22.17 -3.30
C ASP A 278 30.54 20.85 -3.43
N LEU A 279 31.33 20.73 -4.51
CA LEU A 279 31.94 19.45 -4.86
C LEU A 279 32.97 19.01 -3.82
N ASN A 280 33.83 19.96 -3.47
CA ASN A 280 34.88 19.68 -2.46
C ASN A 280 34.22 19.24 -1.17
N THR A 281 33.07 19.81 -0.83
CA THR A 281 32.49 19.29 0.40
C THR A 281 31.82 17.94 0.10
N THR A 282 31.85 17.04 1.08
CA THR A 282 31.28 15.70 0.89
C THR A 282 30.19 15.45 1.93
N GLU A 283 29.20 14.65 1.55
CA GLU A 283 28.00 14.44 2.34
C GLU A 283 27.71 12.96 2.45
N TYR A 284 27.38 12.50 3.65
CA TYR A 284 27.15 11.08 3.91
C TYR A 284 25.66 10.76 3.90
N VAL A 285 25.36 9.47 3.72
CA VAL A 285 24.00 8.95 3.82
C VAL A 285 24.02 7.78 4.79
N VAL A 286 23.16 7.82 5.80
CA VAL A 286 23.17 6.85 6.88
C VAL A 286 21.76 6.33 7.10
N GLY A 287 21.64 5.04 7.35
CA GLY A 287 20.36 4.39 7.60
C GLY A 287 20.21 3.98 9.06
N ALA A 288 19.01 4.16 9.60
CA ALA A 288 18.67 3.76 10.96
C ALA A 288 17.40 2.92 10.89
N PRO A 289 17.54 1.60 10.74
CA PRO A 289 16.36 0.77 10.44
C PRO A 289 15.32 0.71 11.55
N THR A 290 15.68 1.03 12.79
CA THR A 290 14.75 0.95 13.90
C THR A 290 14.56 2.32 14.56
N TRP A 291 14.72 3.38 13.78
CA TRP A 291 14.56 4.73 14.28
C TRP A 291 13.10 5.01 14.63
N SER A 292 12.89 5.68 15.76
CA SER A 292 11.57 6.14 16.19
C SER A 292 10.59 4.98 16.34
N TRP A 293 10.89 4.10 17.29
CA TRP A 293 10.03 2.97 17.64
C TRP A 293 9.71 2.10 16.42
N THR A 294 10.76 1.50 15.88
CA THR A 294 10.67 0.47 14.84
C THR A 294 10.09 1.04 13.54
N LEU A 295 10.07 2.37 13.40
CA LEU A 295 9.62 2.97 12.14
C LEU A 295 10.77 3.04 11.13
N GLY A 296 11.92 3.52 11.56
CA GLY A 296 13.10 3.59 10.70
C GLY A 296 13.20 4.92 9.97
N ALA A 297 14.42 5.21 9.52
CA ALA A 297 14.70 6.45 8.81
C ALA A 297 16.02 6.32 8.06
N VAL A 298 16.29 7.29 7.20
CA VAL A 298 17.54 7.41 6.47
C VAL A 298 17.91 8.88 6.43
N GLU A 299 19.09 9.22 6.93
CA GLU A 299 19.51 10.61 7.07
C GLU A 299 20.62 10.93 6.08
N ILE A 300 20.69 12.20 5.68
CA ILE A 300 21.74 12.73 4.83
C ILE A 300 22.51 13.75 5.65
N LEU A 301 23.81 13.54 5.79
CA LEU A 301 24.64 14.33 6.70
C LEU A 301 25.63 15.18 5.92
N ASP A 302 26.46 15.90 6.68
CA ASP A 302 27.56 16.69 6.17
C ASP A 302 28.85 16.18 6.81
N SER A 303 29.99 16.52 6.19
CA SER A 303 31.27 16.00 6.64
C SER A 303 31.56 16.32 8.11
N TYR A 304 30.83 17.26 8.71
CA TYR A 304 30.95 17.56 10.13
C TYR A 304 29.81 16.94 10.94
N TYR A 305 29.08 16.00 10.36
CA TYR A 305 27.99 15.29 11.02
C TYR A 305 26.87 16.24 11.44
N GLN A 306 26.41 17.04 10.48
CA GLN A 306 25.25 17.91 10.64
C GLN A 306 24.15 17.45 9.69
N ARG A 307 22.95 17.27 10.23
CA ARG A 307 21.85 16.77 9.42
C ARG A 307 21.47 17.75 8.32
N LEU A 308 21.10 17.20 7.18
CA LEU A 308 20.53 17.97 6.08
C LEU A 308 19.11 17.56 5.72
N HIS A 309 18.74 16.31 5.98
CA HIS A 309 17.39 15.83 5.72
C HIS A 309 17.13 14.61 6.59
N ARG A 310 15.94 14.04 6.44
CA ARG A 310 15.56 12.82 7.12
C ARG A 310 14.32 12.25 6.45
N LEU A 311 14.38 10.98 6.07
CA LEU A 311 13.29 10.32 5.35
C LEU A 311 12.78 9.16 6.20
N ARG A 312 11.56 9.30 6.72
CA ARG A 312 10.98 8.28 7.57
C ARG A 312 10.29 7.20 6.74
N GLY A 313 10.12 6.03 7.35
CA GLY A 313 9.51 4.92 6.67
C GLY A 313 8.01 5.06 6.54
N GLU A 314 7.41 4.13 5.80
CA GLU A 314 5.97 4.14 5.54
C GLU A 314 5.20 3.29 6.52
N GLN A 315 5.75 2.14 6.92
CA GLN A 315 5.04 1.19 7.76
C GLN A 315 5.92 0.77 8.93
N MET A 316 5.27 0.45 10.05
CA MET A 316 5.98 -0.04 11.22
C MET A 316 6.57 -1.41 10.94
N ALA A 317 7.74 -1.68 11.53
CA ALA A 317 8.41 -2.97 11.45
C ALA A 317 8.70 -3.39 10.01
N SER A 318 8.93 -2.42 9.13
CA SER A 318 9.29 -2.71 7.75
C SER A 318 10.79 -2.66 7.50
N TYR A 319 11.58 -2.29 8.51
CA TYR A 319 13.03 -2.15 8.37
C TYR A 319 13.40 -1.22 7.21
N PHE A 320 12.96 0.03 7.33
CA PHE A 320 13.30 1.05 6.36
C PHE A 320 14.73 1.53 6.61
N GLY A 321 15.56 1.46 5.58
CA GLY A 321 16.94 1.83 5.70
C GLY A 321 17.90 0.69 5.97
N HIS A 322 17.47 -0.57 5.81
CA HIS A 322 18.36 -1.70 6.05
C HIS A 322 19.55 -1.68 5.10
N SER A 323 19.35 -1.18 3.87
CA SER A 323 20.42 -1.12 2.90
C SER A 323 20.17 0.06 1.97
N VAL A 324 21.09 1.01 1.93
CA VAL A 324 20.97 2.18 1.09
C VAL A 324 21.98 2.08 -0.05
N ALA A 325 21.76 2.90 -1.08
CA ALA A 325 22.63 2.92 -2.24
C ALA A 325 22.45 4.24 -2.96
N VAL A 326 23.54 4.97 -3.19
CA VAL A 326 23.51 6.28 -3.83
C VAL A 326 23.93 6.13 -5.27
N THR A 327 23.01 6.44 -6.19
CA THR A 327 23.31 6.40 -7.62
C THR A 327 22.43 7.41 -8.33
N ASP A 328 22.87 7.79 -9.52
CA ASP A 328 22.16 8.79 -10.35
C ASP A 328 21.41 8.05 -11.45
N VAL A 329 20.19 7.62 -11.14
CA VAL A 329 19.44 6.77 -12.05
C VAL A 329 18.99 7.54 -13.28
N ASN A 330 18.50 8.76 -13.10
CA ASN A 330 17.83 9.49 -14.17
C ASN A 330 18.78 10.30 -15.04
N GLY A 331 20.08 10.17 -14.83
CA GLY A 331 21.05 10.80 -15.71
C GLY A 331 20.97 12.31 -15.78
N ASP A 332 20.87 12.96 -14.63
CA ASP A 332 20.78 14.42 -14.57
C ASP A 332 21.96 15.07 -13.89
N GLY A 333 22.93 14.29 -13.42
CA GLY A 333 24.11 14.82 -12.78
C GLY A 333 24.00 14.98 -11.27
N ARG A 334 22.83 14.73 -10.69
CA ARG A 334 22.63 14.81 -9.24
C ARG A 334 22.38 13.41 -8.70
N HIS A 335 23.01 13.10 -7.58
CA HIS A 335 22.99 11.74 -7.04
C HIS A 335 21.66 11.48 -6.33
N ASP A 336 20.90 10.52 -6.84
CA ASP A 336 19.64 10.14 -6.24
C ASP A 336 19.91 9.14 -5.12
N LEU A 337 18.84 8.50 -4.61
CA LEU A 337 18.96 7.64 -3.44
C LEU A 337 17.95 6.50 -3.55
N LEU A 338 18.33 5.35 -3.00
CA LEU A 338 17.46 4.19 -2.94
C LEU A 338 17.54 3.59 -1.55
N VAL A 339 16.39 3.31 -0.95
CA VAL A 339 16.29 2.80 0.41
C VAL A 339 15.44 1.54 0.40
N GLY A 340 15.93 0.48 1.02
CA GLY A 340 15.26 -0.80 1.02
C GLY A 340 14.50 -1.06 2.32
N ALA A 341 13.35 -1.74 2.18
CA ALA A 341 12.53 -2.14 3.31
C ALA A 341 12.21 -3.62 3.14
N PRO A 342 13.09 -4.52 3.59
CA PRO A 342 12.90 -5.95 3.30
C PRO A 342 11.62 -6.54 3.85
N LEU A 343 11.15 -6.09 5.01
CA LEU A 343 10.03 -6.72 5.70
C LEU A 343 8.72 -5.98 5.51
N TYR A 344 8.50 -5.37 4.35
CA TYR A 344 7.26 -4.66 4.10
C TYR A 344 6.10 -5.64 3.94
N MET A 345 4.95 -5.26 4.47
CA MET A 345 3.77 -6.13 4.49
C MET A 345 2.66 -5.46 3.70
N GLU A 346 2.13 -6.17 2.70
CA GLU A 346 1.11 -5.64 1.81
C GLU A 346 -0.19 -6.43 1.97
N SER A 347 -1.25 -5.89 1.36
CA SER A 347 -2.59 -6.46 1.46
C SER A 347 -2.89 -7.31 0.24
N ARG A 348 -3.42 -8.52 0.47
CA ARG A 348 -3.73 -9.46 -0.59
C ARG A 348 -5.18 -9.92 -0.46
N ALA A 349 -5.61 -10.76 -1.40
CA ALA A 349 -7.00 -11.20 -1.44
C ALA A 349 -7.36 -12.01 -0.20
N ASP A 350 -6.74 -13.18 -0.05
CA ASP A 350 -7.04 -14.07 1.07
C ASP A 350 -6.12 -13.86 2.27
N ARG A 351 -5.10 -13.02 2.12
CA ARG A 351 -4.20 -12.66 3.22
C ARG A 351 -4.39 -11.18 3.52
N LYS A 352 -4.73 -10.87 4.77
CA LYS A 352 -4.90 -9.47 5.16
C LYS A 352 -3.60 -8.69 4.98
N LEU A 353 -2.50 -9.23 5.51
CA LEU A 353 -1.18 -8.61 5.37
C LEU A 353 -0.19 -9.68 4.92
N ALA A 354 0.51 -9.42 3.82
CA ALA A 354 1.45 -10.36 3.24
C ALA A 354 2.83 -9.73 3.17
N GLU A 355 3.85 -10.51 3.54
CA GLU A 355 5.21 -10.00 3.71
C GLU A 355 6.02 -10.16 2.42
N VAL A 356 6.01 -9.10 1.60
CA VAL A 356 6.70 -9.15 0.31
C VAL A 356 8.05 -8.44 0.40
N GLY A 357 8.05 -7.15 0.69
CA GLY A 357 9.24 -6.33 0.67
C GLY A 357 9.11 -5.18 -0.31
N ARG A 358 9.81 -4.09 -0.02
CA ARG A 358 9.66 -2.86 -0.78
C ARG A 358 11.01 -2.17 -0.96
N VAL A 359 11.12 -1.37 -2.02
CA VAL A 359 12.27 -0.52 -2.29
C VAL A 359 11.78 0.87 -2.65
N TYR A 360 12.39 1.90 -2.05
CA TYR A 360 12.00 3.29 -2.26
C TYR A 360 13.07 3.99 -3.07
N LEU A 361 12.65 4.79 -4.05
CA LEU A 361 13.57 5.58 -4.86
C LEU A 361 13.25 7.06 -4.68
N PHE A 362 14.25 7.84 -4.29
CA PHE A 362 14.10 9.29 -4.11
C PHE A 362 14.96 10.00 -5.16
N LEU A 363 14.33 10.88 -5.93
CA LEU A 363 15.03 11.64 -6.95
C LEU A 363 15.42 13.01 -6.41
N GLN A 364 16.66 13.41 -6.68
CA GLN A 364 17.15 14.67 -6.16
C GLN A 364 16.50 15.84 -6.88
N PRO A 365 15.87 16.78 -6.17
CA PRO A 365 15.28 17.94 -6.83
C PRO A 365 16.32 19.05 -7.03
N ARG A 366 16.01 19.91 -7.99
CA ARG A 366 16.88 21.06 -8.25
C ARG A 366 16.92 21.98 -7.03
N GLY A 367 18.13 22.43 -6.68
CA GLY A 367 18.31 23.34 -5.58
C GLY A 367 18.26 22.66 -4.23
N PRO A 368 18.26 23.46 -3.16
CA PRO A 368 18.23 22.90 -1.80
C PRO A 368 16.83 22.51 -1.34
N HIS A 369 15.92 22.38 -2.29
CA HIS A 369 14.53 22.07 -1.98
C HIS A 369 14.41 20.79 -1.18
N ALA A 370 13.29 20.64 -0.49
CA ALA A 370 13.05 19.45 0.31
C ALA A 370 12.73 18.26 -0.60
N LEU A 371 13.29 17.11 -0.26
CA LEU A 371 12.98 15.88 -0.99
C LEU A 371 11.50 15.55 -0.86
N GLY A 372 10.88 15.23 -1.98
CA GLY A 372 9.45 14.97 -2.01
C GLY A 372 9.11 13.54 -1.62
N ALA A 373 7.92 13.12 -2.04
CA ALA A 373 7.47 11.77 -1.78
C ALA A 373 8.31 10.79 -2.58
N PRO A 374 8.35 9.52 -2.17
CA PRO A 374 9.10 8.52 -2.94
C PRO A 374 8.61 8.48 -4.39
N SER A 375 9.55 8.69 -5.32
CA SER A 375 9.19 8.80 -6.72
C SER A 375 8.69 7.48 -7.28
N LEU A 376 9.23 6.35 -6.82
CA LEU A 376 8.82 5.04 -7.28
C LEU A 376 8.85 4.06 -6.11
N LEU A 377 7.89 3.15 -6.10
CA LEU A 377 7.79 2.13 -5.07
C LEU A 377 7.79 0.76 -5.75
N LEU A 378 8.84 -0.01 -5.52
CA LEU A 378 8.96 -1.36 -6.08
C LEU A 378 8.68 -2.37 -5.00
N THR A 379 7.71 -3.25 -5.24
CA THR A 379 7.27 -4.23 -4.25
C THR A 379 7.45 -5.64 -4.79
N GLY A 380 7.73 -6.57 -3.87
CA GLY A 380 7.94 -7.95 -4.23
C GLY A 380 6.65 -8.71 -4.44
N THR A 381 6.79 -9.94 -4.92
CA THR A 381 5.65 -10.79 -5.21
C THR A 381 5.63 -12.10 -4.42
N GLN A 382 6.80 -12.64 -4.07
CA GLN A 382 6.87 -13.91 -3.36
C GLN A 382 6.82 -13.67 -1.85
N LEU A 383 6.03 -14.49 -1.16
CA LEU A 383 5.89 -14.36 0.27
C LEU A 383 7.22 -14.63 0.97
N TYR A 384 7.52 -13.80 1.98
CA TYR A 384 8.78 -13.86 2.72
C TYR A 384 9.99 -13.87 1.77
N GLY A 385 9.90 -13.06 0.72
CA GLY A 385 11.00 -12.97 -0.23
C GLY A 385 12.11 -12.05 0.19
N ARG A 386 11.86 -11.18 1.18
CA ARG A 386 12.84 -10.19 1.62
C ARG A 386 13.40 -9.40 0.44
N PHE A 387 12.50 -8.98 -0.45
CA PHE A 387 12.90 -8.19 -1.61
C PHE A 387 13.52 -6.88 -1.16
N GLY A 388 14.60 -6.48 -1.83
CA GLY A 388 15.28 -5.25 -1.50
C GLY A 388 16.14 -5.28 -0.26
N SER A 389 16.72 -6.43 0.07
CA SER A 389 17.64 -6.52 1.20
C SER A 389 19.08 -6.24 0.81
N ALA A 390 19.35 -6.03 -0.48
CA ALA A 390 20.71 -5.70 -0.92
C ALA A 390 20.60 -4.99 -2.25
N ILE A 391 20.84 -3.68 -2.25
CA ILE A 391 20.80 -2.85 -3.45
C ILE A 391 22.21 -2.46 -3.82
N ALA A 392 22.59 -2.70 -5.07
CA ALA A 392 23.94 -2.42 -5.55
C ALA A 392 23.87 -1.66 -6.86
N PRO A 393 24.39 -0.43 -6.94
CA PRO A 393 24.46 0.25 -8.24
C PRO A 393 25.28 -0.56 -9.23
N LEU A 394 24.85 -0.50 -10.50
CA LEU A 394 25.39 -1.37 -11.53
C LEU A 394 26.10 -0.60 -12.64
N GLY A 395 26.36 0.69 -12.44
CA GLY A 395 26.85 1.44 -13.57
C GLY A 395 25.80 1.52 -14.65
N ASP A 396 26.25 1.51 -15.90
CA ASP A 396 25.36 1.45 -17.05
C ASP A 396 25.56 0.10 -17.71
N LEU A 397 24.71 -0.86 -17.35
CA LEU A 397 24.81 -2.20 -17.93
C LEU A 397 24.59 -2.16 -19.44
N ASP A 398 23.61 -1.39 -19.89
CA ASP A 398 23.25 -1.28 -21.30
C ASP A 398 24.05 -0.22 -22.04
N ARG A 399 24.86 0.58 -21.35
CA ARG A 399 25.58 1.71 -21.93
C ARG A 399 24.62 2.67 -22.62
N ASP A 400 23.50 2.96 -21.96
CA ASP A 400 22.47 3.85 -22.48
C ASP A 400 22.58 5.28 -21.99
N GLY A 401 23.48 5.54 -21.03
CA GLY A 401 23.56 6.83 -20.38
C GLY A 401 22.73 6.96 -19.13
N TYR A 402 21.90 5.97 -18.81
CA TYR A 402 21.11 5.95 -17.58
C TYR A 402 21.62 4.82 -16.70
N ASN A 403 22.12 5.18 -15.53
CA ASN A 403 22.69 4.18 -14.63
C ASN A 403 21.60 3.23 -14.10
N ASP A 404 21.94 1.95 -14.05
CA ASP A 404 21.00 0.91 -13.66
C ASP A 404 21.40 0.33 -12.30
N ILE A 405 20.43 -0.31 -11.66
CA ILE A 405 20.62 -0.91 -10.34
C ILE A 405 20.11 -2.34 -10.37
N ALA A 406 20.58 -3.12 -9.40
CA ALA A 406 20.15 -4.50 -9.23
C ALA A 406 19.63 -4.69 -7.82
N VAL A 407 18.42 -5.24 -7.69
CA VAL A 407 17.77 -5.45 -6.41
C VAL A 407 17.55 -6.94 -6.23
N ALA A 408 17.83 -7.45 -5.04
CA ALA A 408 17.89 -8.88 -4.79
C ALA A 408 16.81 -9.31 -3.79
N ALA A 409 16.28 -10.52 -4.01
CA ALA A 409 15.35 -11.16 -3.09
C ALA A 409 15.98 -12.48 -2.64
N PRO A 410 16.63 -12.52 -1.47
CA PRO A 410 17.37 -13.73 -1.10
C PRO A 410 16.53 -15.00 -1.05
N TYR A 411 15.27 -14.91 -0.60
CA TYR A 411 14.41 -16.08 -0.47
C TYR A 411 13.16 -15.95 -1.33
N GLY A 412 13.24 -15.18 -2.42
CA GLY A 412 12.14 -15.04 -3.34
C GLY A 412 12.11 -16.14 -4.37
N GLY A 413 11.39 -15.89 -5.46
CA GLY A 413 11.27 -16.84 -6.52
C GLY A 413 10.12 -17.81 -6.30
N PRO A 414 9.66 -18.45 -7.37
CA PRO A 414 8.54 -19.39 -7.24
C PRO A 414 8.85 -20.56 -6.30
N SER A 415 10.09 -21.04 -6.28
CA SER A 415 10.46 -22.18 -5.47
C SER A 415 11.05 -21.79 -4.12
N GLY A 416 11.16 -20.50 -3.83
CA GLY A 416 11.77 -20.07 -2.58
C GLY A 416 13.25 -20.39 -2.47
N ARG A 417 14.00 -20.20 -3.56
CA ARG A 417 15.42 -20.47 -3.58
C ARG A 417 16.27 -19.20 -3.57
N GLY A 418 15.94 -18.24 -4.42
CA GLY A 418 16.67 -16.99 -4.49
C GLY A 418 16.53 -16.36 -5.84
N GLN A 419 16.70 -15.04 -5.87
CA GLN A 419 16.50 -14.30 -7.11
C GLN A 419 17.25 -12.98 -7.02
N VAL A 420 17.60 -12.45 -8.20
CA VAL A 420 18.17 -11.11 -8.34
C VAL A 420 17.49 -10.44 -9.51
N LEU A 421 16.98 -9.23 -9.29
CA LEU A 421 16.20 -8.50 -10.28
C LEU A 421 16.95 -7.26 -10.71
N VAL A 422 17.02 -7.04 -12.02
CA VAL A 422 17.76 -5.93 -12.61
C VAL A 422 16.76 -4.89 -13.11
N PHE A 423 16.87 -3.67 -12.61
CA PHE A 423 16.04 -2.56 -13.03
C PHE A 423 16.89 -1.57 -13.84
N LEU A 424 16.27 -0.95 -14.83
CA LEU A 424 16.95 -0.03 -15.72
C LEU A 424 16.43 1.38 -15.50
N GLY A 425 17.35 2.32 -15.26
CA GLY A 425 16.96 3.70 -15.03
C GLY A 425 16.46 4.36 -16.31
N GLN A 426 15.61 5.38 -16.12
CA GLN A 426 15.06 6.14 -17.23
C GLN A 426 14.92 7.59 -16.78
N SER A 427 14.32 8.42 -17.65
CA SER A 427 14.25 9.86 -17.38
C SER A 427 13.45 10.16 -16.11
N GLU A 428 12.31 9.48 -15.93
CA GLU A 428 11.49 9.70 -14.75
C GLU A 428 11.94 8.89 -13.55
N GLY A 429 12.97 8.08 -13.69
CA GLY A 429 13.43 7.24 -12.60
C GLY A 429 13.77 5.84 -13.07
N LEU A 430 13.17 4.84 -12.42
CA LEU A 430 13.38 3.45 -12.77
C LEU A 430 12.20 2.94 -13.60
N ARG A 431 12.19 1.64 -13.89
CA ARG A 431 11.07 0.96 -14.51
C ARG A 431 10.44 0.02 -13.49
N SER A 432 9.13 0.16 -13.29
CA SER A 432 8.45 -0.65 -12.28
C SER A 432 8.51 -2.14 -12.57
N ARG A 433 8.77 -2.51 -13.82
CA ARG A 433 8.84 -3.92 -14.21
C ARG A 433 10.30 -4.35 -14.25
N PRO A 434 10.69 -5.37 -13.49
CA PRO A 434 12.09 -5.82 -13.55
C PRO A 434 12.47 -6.25 -14.96
N SER A 435 13.61 -5.77 -15.41
CA SER A 435 14.05 -6.04 -16.78
C SER A 435 14.69 -7.41 -16.95
N GLN A 436 15.04 -8.08 -15.85
CA GLN A 436 15.64 -9.41 -15.91
C GLN A 436 15.56 -10.03 -14.53
N VAL A 437 15.36 -11.35 -14.48
CA VAL A 437 15.28 -12.08 -13.24
C VAL A 437 16.26 -13.25 -13.31
N LEU A 438 17.21 -13.29 -12.37
CA LEU A 438 18.23 -14.33 -12.33
C LEU A 438 17.90 -15.30 -11.21
N ASP A 439 17.64 -16.55 -11.57
CA ASP A 439 17.32 -17.57 -10.58
C ASP A 439 18.60 -18.08 -9.91
N SER A 440 18.42 -18.82 -8.82
CA SER A 440 19.53 -19.28 -8.01
C SER A 440 19.98 -20.66 -8.46
N PRO A 441 21.18 -20.82 -9.01
CA PRO A 441 21.67 -22.17 -9.33
C PRO A 441 21.90 -23.04 -8.11
N PHE A 442 22.10 -22.45 -6.94
CA PHE A 442 22.36 -23.20 -5.72
C PHE A 442 21.06 -23.76 -5.14
N PRO A 443 21.16 -24.79 -4.29
CA PRO A 443 19.94 -25.37 -3.70
C PRO A 443 19.26 -24.44 -2.71
N THR A 444 18.20 -24.92 -2.07
CA THR A 444 17.45 -24.11 -1.12
C THR A 444 18.30 -23.80 0.11
N GLY A 445 18.00 -22.68 0.75
CA GLY A 445 18.75 -22.25 1.91
C GLY A 445 20.10 -21.64 1.61
N SER A 446 20.37 -21.31 0.34
CA SER A 446 21.67 -20.76 -0.04
C SER A 446 21.75 -19.25 0.15
N ALA A 447 20.62 -18.58 0.38
CA ALA A 447 20.58 -17.12 0.53
C ALA A 447 21.22 -16.42 -0.67
N PHE A 448 20.88 -16.91 -1.86
CA PHE A 448 21.42 -16.34 -3.09
C PHE A 448 21.01 -14.88 -3.23
N GLY A 449 21.98 -14.03 -3.58
CA GLY A 449 21.72 -12.61 -3.70
C GLY A 449 21.81 -11.83 -2.41
N PHE A 450 22.37 -12.41 -1.35
CA PHE A 450 22.46 -11.70 -0.07
C PHE A 450 23.35 -10.47 -0.18
N SER A 451 24.43 -10.55 -0.95
CA SER A 451 25.38 -9.46 -1.12
C SER A 451 25.72 -9.31 -2.59
N LEU A 452 25.82 -8.06 -3.05
CA LEU A 452 26.04 -7.75 -4.45
C LEU A 452 27.10 -6.68 -4.59
N ARG A 453 27.71 -6.64 -5.77
CA ARG A 453 28.65 -5.58 -6.14
C ARG A 453 28.66 -5.45 -7.64
N GLY A 454 29.10 -4.29 -8.12
CA GLY A 454 29.11 -4.06 -9.55
C GLY A 454 29.78 -2.76 -9.92
N ALA A 455 29.51 -2.32 -11.15
CA ALA A 455 30.01 -1.07 -11.72
C ALA A 455 31.51 -1.07 -11.97
N VAL A 456 32.14 -2.24 -11.99
CA VAL A 456 33.56 -2.36 -12.29
C VAL A 456 33.73 -3.51 -13.29
N ASP A 457 34.36 -3.20 -14.42
CA ASP A 457 34.64 -4.23 -15.41
C ASP A 457 35.66 -5.22 -14.87
N ILE A 458 35.45 -6.50 -15.18
CA ILE A 458 36.33 -7.56 -14.69
C ILE A 458 37.09 -8.27 -15.80
N ASP A 459 36.63 -8.22 -17.04
CA ASP A 459 37.28 -8.93 -18.14
C ASP A 459 37.68 -7.99 -19.27
N ASP A 460 37.66 -6.67 -19.04
CA ASP A 460 37.99 -5.67 -20.05
C ASP A 460 37.13 -5.84 -21.30
N ASN A 461 35.85 -6.19 -21.10
CA ASN A 461 34.89 -6.25 -22.18
C ASN A 461 34.25 -4.91 -22.48
N GLY A 462 34.48 -3.90 -21.63
CA GLY A 462 33.83 -2.63 -21.76
C GLY A 462 32.51 -2.51 -21.03
N TYR A 463 32.02 -3.59 -20.42
CA TYR A 463 30.72 -3.61 -19.78
C TYR A 463 30.87 -3.99 -18.31
N PRO A 464 30.26 -3.23 -17.39
CA PRO A 464 30.36 -3.58 -15.97
C PRO A 464 29.65 -4.89 -15.67
N ASP A 465 30.20 -5.65 -14.73
CA ASP A 465 29.72 -6.96 -14.38
C ASP A 465 29.14 -6.96 -12.98
N LEU A 466 28.70 -8.12 -12.53
CA LEU A 466 28.01 -8.26 -11.25
C LEU A 466 28.42 -9.57 -10.60
N ILE A 467 28.81 -9.49 -9.32
CA ILE A 467 29.20 -10.66 -8.55
C ILE A 467 28.24 -10.78 -7.37
N VAL A 468 27.51 -11.89 -7.32
CA VAL A 468 26.58 -12.15 -6.24
C VAL A 468 27.16 -13.23 -5.34
N GLY A 469 26.66 -13.27 -4.11
CA GLY A 469 27.15 -14.22 -3.14
C GLY A 469 26.02 -14.99 -2.49
N ALA A 470 26.32 -16.24 -2.13
CA ALA A 470 25.35 -17.12 -1.50
C ALA A 470 26.09 -17.83 -0.36
N TYR A 471 25.94 -17.33 0.85
CA TYR A 471 26.69 -17.90 1.97
C TYR A 471 26.12 -19.24 2.44
N GLY A 472 24.92 -19.61 2.01
CA GLY A 472 24.41 -20.94 2.32
C GLY A 472 25.20 -22.03 1.61
N ALA A 473 25.56 -21.80 0.34
CA ALA A 473 26.30 -22.77 -0.45
C ALA A 473 27.79 -22.48 -0.52
N ASN A 474 28.25 -21.42 0.14
CA ASN A 474 29.67 -21.05 0.16
C ASN A 474 30.23 -20.91 -1.25
N GLN A 475 29.59 -20.08 -2.06
CA GLN A 475 29.99 -19.90 -3.44
C GLN A 475 29.67 -18.49 -3.91
N VAL A 476 30.34 -18.08 -4.98
CA VAL A 476 30.15 -16.78 -5.60
C VAL A 476 29.91 -16.99 -7.09
N ALA A 477 28.86 -16.36 -7.61
CA ALA A 477 28.50 -16.47 -9.02
C ALA A 477 28.81 -15.16 -9.71
N VAL A 478 29.62 -15.21 -10.76
CA VAL A 478 30.05 -14.03 -11.49
C VAL A 478 29.27 -13.98 -12.80
N TYR A 479 28.43 -12.97 -12.95
CA TYR A 479 27.63 -12.78 -14.16
C TYR A 479 28.33 -11.75 -15.05
N ARG A 480 28.82 -12.21 -16.19
CA ARG A 480 29.53 -11.34 -17.13
C ARG A 480 28.51 -10.72 -18.09
N ALA A 481 28.36 -9.41 -18.01
CA ALA A 481 27.40 -8.72 -18.88
C ALA A 481 27.83 -8.83 -20.34
N GLN A 482 26.86 -9.15 -21.20
CA GLN A 482 27.07 -9.35 -22.62
C GLN A 482 26.92 -8.04 -23.38
N PRO A 483 27.60 -7.90 -24.53
CA PRO A 483 27.49 -6.66 -25.31
C PRO A 483 26.07 -6.43 -25.80
N VAL A 484 25.73 -5.14 -25.97
CA VAL A 484 24.41 -4.71 -26.41
C VAL A 484 24.50 -4.28 -27.86
N VAL A 485 23.55 -4.72 -28.67
CA VAL A 485 23.39 -4.24 -30.04
C VAL A 485 22.08 -3.46 -30.11
N LYS A 486 22.18 -2.18 -30.43
CA LYS A 486 21.01 -1.32 -30.57
C LYS A 486 20.58 -1.33 -32.02
N ALA A 487 19.48 -2.02 -32.32
CA ALA A 487 19.00 -2.16 -33.68
C ALA A 487 18.01 -1.04 -34.00
N SER A 488 18.20 -0.38 -35.13
CA SER A 488 17.31 0.66 -35.62
C SER A 488 16.85 0.28 -37.01
N VAL A 489 15.54 0.14 -37.20
CA VAL A 489 14.96 -0.36 -38.44
C VAL A 489 13.94 0.63 -38.96
N GLN A 490 13.95 0.85 -40.26
CA GLN A 490 12.94 1.63 -40.96
C GLN A 490 12.45 0.85 -42.17
N LEU A 491 11.41 1.38 -42.82
CA LEU A 491 10.86 0.74 -44.02
C LEU A 491 10.20 1.85 -44.84
N LEU A 492 10.89 2.30 -45.89
CA LEU A 492 10.41 3.40 -46.72
C LEU A 492 9.67 2.82 -47.92
N VAL A 493 8.35 2.99 -47.94
CA VAL A 493 7.50 2.49 -49.02
C VAL A 493 6.59 3.62 -49.47
N GLN A 494 6.09 3.50 -50.70
CA GLN A 494 5.17 4.50 -51.22
C GLN A 494 3.89 4.54 -50.39
N ASP A 495 3.27 5.72 -50.33
CA ASP A 495 2.04 5.88 -49.59
C ASP A 495 0.82 5.29 -50.31
N SER A 496 0.93 5.08 -51.63
CA SER A 496 -0.18 4.53 -52.39
C SER A 496 0.38 3.83 -53.62
N LEU A 497 -0.34 2.80 -54.06
CA LEU A 497 0.02 2.03 -55.25
C LEU A 497 -1.09 2.12 -56.28
N ASN A 498 -0.72 2.49 -57.50
CA ASN A 498 -1.68 2.56 -58.59
C ASN A 498 -1.48 1.34 -59.49
N PRO A 499 -2.45 0.43 -59.59
CA PRO A 499 -2.27 -0.75 -60.44
C PRO A 499 -2.44 -0.47 -61.93
N ALA A 500 -2.90 0.72 -62.31
CA ALA A 500 -3.06 1.04 -63.72
C ALA A 500 -1.71 1.14 -64.43
N VAL A 501 -0.74 1.79 -63.80
CA VAL A 501 0.58 1.98 -64.40
C VAL A 501 1.36 0.68 -64.33
N LYS A 502 2.12 0.39 -65.38
CA LYS A 502 2.93 -0.82 -65.47
C LYS A 502 4.31 -0.43 -65.95
N SER A 503 5.29 -0.50 -65.04
CA SER A 503 6.66 -0.09 -65.35
C SER A 503 7.67 -1.22 -65.24
N CYS A 504 7.24 -2.44 -64.90
CA CYS A 504 8.14 -3.58 -64.78
C CYS A 504 7.48 -4.80 -65.37
N VAL A 505 8.28 -5.86 -65.54
CA VAL A 505 7.81 -7.11 -66.12
C VAL A 505 8.21 -8.26 -65.20
N LEU A 506 7.45 -9.35 -65.30
CA LEU A 506 7.72 -10.53 -64.50
C LEU A 506 8.95 -11.26 -65.04
N PRO A 507 9.73 -11.90 -64.16
CA PRO A 507 10.92 -12.63 -64.62
C PRO A 507 10.56 -13.77 -65.56
N GLN A 508 11.46 -14.01 -66.52
CA GLN A 508 11.36 -15.11 -67.47
C GLN A 508 10.14 -14.99 -68.38
N THR A 509 9.39 -13.89 -68.25
CA THR A 509 8.20 -13.66 -69.08
C THR A 509 8.22 -12.21 -69.55
N LYS A 510 7.28 -11.90 -70.44
CA LYS A 510 7.09 -10.55 -70.96
C LYS A 510 5.75 -9.98 -70.52
N THR A 511 5.36 -10.25 -69.28
CA THR A 511 4.09 -9.78 -68.75
C THR A 511 4.30 -8.52 -67.93
N PRO A 512 3.80 -7.37 -68.37
CA PRO A 512 3.98 -6.13 -67.59
C PRO A 512 3.25 -6.23 -66.25
N VAL A 513 3.85 -5.61 -65.23
CA VAL A 513 3.29 -5.59 -63.89
C VAL A 513 3.46 -4.21 -63.28
N SER A 514 2.73 -3.97 -62.19
CA SER A 514 2.77 -2.69 -61.48
C SER A 514 3.75 -2.83 -60.31
N CYS A 515 5.04 -2.71 -60.62
CA CYS A 515 6.06 -2.84 -59.60
C CYS A 515 6.07 -1.62 -58.68
N PHE A 516 6.62 -1.83 -57.48
CA PHE A 516 6.80 -0.74 -56.52
C PHE A 516 8.04 -1.03 -55.70
N ASN A 517 8.60 0.03 -55.11
CA ASN A 517 9.91 -0.02 -54.48
C ASN A 517 9.77 -0.23 -52.98
N ILE A 518 10.59 -1.12 -52.44
CA ILE A 518 10.72 -1.33 -51.01
C ILE A 518 12.14 -0.95 -50.60
N GLN A 519 12.26 -0.17 -49.53
CA GLN A 519 13.55 0.25 -49.01
C GLN A 519 13.59 -0.05 -47.52
N MET A 520 14.37 -1.06 -47.14
CA MET A 520 14.52 -1.46 -45.75
C MET A 520 15.95 -1.16 -45.29
N CYS A 521 16.06 -0.40 -44.20
CA CYS A 521 17.35 -0.05 -43.61
C CYS A 521 17.41 -0.63 -42.21
N VAL A 522 18.39 -1.50 -41.97
CA VAL A 522 18.61 -2.11 -40.66
C VAL A 522 19.92 -1.58 -40.12
N GLY A 523 19.88 -1.00 -38.92
CA GLY A 523 21.05 -0.43 -38.31
C GLY A 523 21.46 -1.15 -37.04
N ALA A 524 22.71 -0.98 -36.63
CA ALA A 524 23.20 -1.61 -35.41
C ALA A 524 24.42 -0.85 -34.93
N THR A 525 24.31 -0.22 -33.76
CA THR A 525 25.41 0.50 -33.14
C THR A 525 25.64 -0.07 -31.76
N GLY A 526 26.90 -0.36 -31.44
CA GLY A 526 27.23 -0.93 -30.15
C GLY A 526 28.68 -0.71 -29.80
N HIS A 527 28.98 -0.83 -28.51
CA HIS A 527 30.33 -0.69 -28.00
C HIS A 527 30.93 -2.06 -27.80
N ASN A 528 32.06 -2.33 -28.47
CA ASN A 528 32.75 -3.61 -28.42
C ASN A 528 31.82 -4.74 -28.86
N ILE A 529 31.44 -4.67 -30.13
CA ILE A 529 30.64 -5.71 -30.77
C ILE A 529 31.57 -6.52 -31.66
N PRO A 530 31.32 -7.81 -31.86
CA PRO A 530 32.21 -8.61 -32.71
C PRO A 530 32.23 -8.09 -34.14
N GLN A 531 33.42 -8.15 -34.76
CA GLN A 531 33.58 -7.66 -36.12
C GLN A 531 32.91 -8.56 -37.16
N LYS A 532 32.46 -9.75 -36.78
CA LYS A 532 31.73 -10.65 -37.65
C LYS A 532 30.34 -10.79 -37.05
N LEU A 533 29.44 -9.87 -37.43
CA LEU A 533 28.07 -9.84 -36.93
C LEU A 533 27.11 -10.16 -38.06
N SER A 534 26.15 -11.03 -37.78
CA SER A 534 25.18 -11.46 -38.77
C SER A 534 23.77 -11.28 -38.23
N LEU A 535 22.86 -10.85 -39.10
CA LEU A 535 21.46 -10.69 -38.74
C LEU A 535 20.60 -11.23 -39.87
N ASN A 536 19.40 -11.67 -39.52
CA ASN A 536 18.42 -12.18 -40.48
C ASN A 536 17.26 -11.21 -40.59
N ALA A 537 17.01 -10.71 -41.79
CA ALA A 537 15.95 -9.76 -42.05
C ALA A 537 14.79 -10.49 -42.72
N GLU A 538 13.69 -10.66 -41.99
CA GLU A 538 12.51 -11.35 -42.50
C GLU A 538 11.50 -10.32 -42.98
N LEU A 539 11.14 -10.39 -44.25
CA LEU A 539 10.23 -9.44 -44.88
C LEU A 539 8.91 -10.14 -45.15
N GLN A 540 7.81 -9.50 -44.74
CA GLN A 540 6.47 -10.05 -44.94
C GLN A 540 5.63 -9.03 -45.69
N LEU A 541 4.99 -9.47 -46.77
CA LEU A 541 4.13 -8.63 -47.58
C LEU A 541 2.69 -9.12 -47.50
N ASP A 542 1.76 -8.18 -47.30
CA ASP A 542 0.35 -8.49 -47.11
C ASP A 542 0.18 -9.47 -45.95
N ARG A 543 0.61 -9.02 -44.76
CA ARG A 543 0.80 -9.93 -43.64
C ARG A 543 -0.52 -10.53 -43.17
N GLN A 544 -1.61 -9.75 -43.21
CA GLN A 544 -2.87 -10.22 -42.66
C GLN A 544 -3.53 -11.26 -43.56
N LYS A 545 -3.48 -11.05 -44.88
CA LYS A 545 -4.16 -11.93 -45.81
C LYS A 545 -3.51 -13.32 -45.83
N PRO A 546 -4.26 -14.35 -46.20
CA PRO A 546 -3.69 -15.71 -46.23
C PRO A 546 -2.73 -15.89 -47.39
N ARG A 547 -2.05 -17.03 -47.38
CA ARG A 547 -0.98 -17.28 -48.34
C ARG A 547 -1.50 -17.27 -49.77
N GLN A 548 -2.66 -17.88 -50.01
CA GLN A 548 -3.25 -17.85 -51.33
C GLN A 548 -4.01 -16.56 -51.61
N GLY A 549 -4.21 -15.72 -50.61
CA GLY A 549 -4.88 -14.45 -50.77
C GLY A 549 -3.97 -13.23 -50.80
N ARG A 550 -2.67 -13.42 -50.98
CA ARG A 550 -1.75 -12.29 -50.99
C ARG A 550 -1.93 -11.47 -52.27
N ARG A 551 -1.84 -10.15 -52.13
CA ARG A 551 -1.96 -9.24 -53.26
C ARG A 551 -0.62 -8.74 -53.78
N VAL A 552 0.35 -8.54 -52.88
CA VAL A 552 1.68 -8.06 -53.25
C VAL A 552 2.64 -9.23 -53.23
N LEU A 553 3.42 -9.37 -54.29
CA LEU A 553 4.32 -10.50 -54.47
C LEU A 553 5.71 -9.99 -54.81
N LEU A 554 6.74 -10.62 -54.25
CA LEU A 554 8.11 -10.24 -54.54
C LEU A 554 8.46 -10.56 -55.98
N LEU A 555 9.21 -9.66 -56.62
CA LEU A 555 9.57 -9.86 -58.01
C LEU A 555 10.63 -10.93 -58.18
N GLY A 556 11.62 -10.96 -57.28
CA GLY A 556 12.73 -11.87 -57.41
C GLY A 556 12.39 -13.33 -57.26
N SER A 557 12.01 -13.74 -56.04
CA SER A 557 11.74 -15.14 -55.75
C SER A 557 10.29 -15.54 -56.01
N GLN A 558 9.42 -14.59 -56.32
CA GLN A 558 7.99 -14.85 -56.49
C GLN A 558 7.41 -15.57 -55.27
N GLN A 559 7.84 -15.13 -54.09
CA GLN A 559 7.35 -15.64 -52.81
C GLN A 559 6.98 -14.48 -51.92
N ALA A 560 5.90 -14.64 -51.15
CA ALA A 560 5.38 -13.54 -50.34
C ALA A 560 6.41 -13.06 -49.31
N GLY A 561 7.07 -14.00 -48.65
CA GLY A 561 8.04 -13.64 -47.62
C GLY A 561 9.42 -14.19 -47.94
N THR A 562 10.43 -13.35 -47.69
CA THR A 562 11.81 -13.71 -47.96
C THR A 562 12.67 -13.37 -46.75
N THR A 563 13.92 -13.85 -46.79
CA THR A 563 14.87 -13.57 -45.74
C THR A 563 16.27 -13.52 -46.35
N LEU A 564 16.97 -12.41 -46.16
CA LEU A 564 18.32 -12.24 -46.66
C LEU A 564 19.23 -11.87 -45.50
N ASN A 565 20.36 -12.57 -45.40
CA ASN A 565 21.27 -12.36 -44.27
C ASN A 565 21.96 -11.00 -44.39
N LEU A 566 22.22 -10.40 -43.23
CA LEU A 566 22.88 -9.11 -43.14
C LEU A 566 24.26 -9.29 -42.51
N ASP A 567 25.29 -8.83 -43.21
CA ASP A 567 26.67 -8.85 -42.72
C ASP A 567 27.08 -7.40 -42.46
N LEU A 568 26.79 -6.93 -41.25
CA LEU A 568 27.01 -5.54 -40.87
C LEU A 568 28.23 -5.36 -39.98
N GLY A 569 29.05 -6.40 -39.82
CA GLY A 569 30.20 -6.33 -38.94
C GLY A 569 31.17 -5.22 -39.30
N GLY A 570 31.45 -4.35 -38.33
CA GLY A 570 32.31 -3.20 -38.54
C GLY A 570 31.65 -2.01 -39.19
N LYS A 571 30.36 -2.09 -39.50
CA LYS A 571 29.63 -1.00 -40.15
C LYS A 571 28.87 -0.22 -39.08
N HIS A 572 29.43 0.91 -38.65
CA HIS A 572 28.74 1.76 -37.68
C HIS A 572 27.48 2.36 -38.29
N SER A 573 27.59 2.96 -39.48
CA SER A 573 26.43 3.53 -40.13
C SER A 573 25.49 2.42 -40.59
N PRO A 574 24.17 2.65 -40.53
CA PRO A 574 23.23 1.63 -40.99
C PRO A 574 23.42 1.33 -42.47
N ILE A 575 23.22 0.06 -42.82
CA ILE A 575 23.33 -0.40 -44.20
C ILE A 575 21.93 -0.57 -44.76
N CYS A 576 21.67 0.05 -45.90
CA CYS A 576 20.35 0.05 -46.51
C CYS A 576 20.34 -0.87 -47.73
N HIS A 577 19.34 -1.75 -47.79
CA HIS A 577 19.13 -2.64 -48.91
C HIS A 577 17.76 -2.39 -49.51
N THR A 578 17.67 -2.48 -50.84
CA THR A 578 16.44 -2.23 -51.55
C THR A 578 16.07 -3.44 -52.41
N THR A 579 14.76 -3.65 -52.56
CA THR A 579 14.25 -4.71 -53.41
C THR A 579 13.10 -4.17 -54.26
N MET A 580 12.40 -5.05 -54.97
CA MET A 580 11.29 -4.63 -55.82
C MET A 580 10.16 -5.64 -55.74
N ALA A 581 8.94 -5.14 -55.54
CA ALA A 581 7.74 -5.97 -55.50
C ALA A 581 6.70 -5.35 -56.42
N PHE A 582 5.70 -6.15 -56.78
CA PHE A 582 4.68 -5.74 -57.75
C PHE A 582 3.31 -6.12 -57.23
N LEU A 583 2.29 -5.64 -57.95
CA LEU A 583 0.89 -5.94 -57.66
C LEU A 583 0.38 -6.99 -58.63
N ARG A 584 -0.38 -7.95 -58.11
CA ARG A 584 -0.83 -9.07 -58.92
C ARG A 584 -1.93 -8.64 -59.88
N ASP A 585 -2.42 -9.60 -60.67
CA ASP A 585 -3.43 -9.32 -61.68
C ASP A 585 -4.76 -8.98 -61.03
N GLU A 586 -5.62 -8.31 -61.81
CA GLU A 586 -6.91 -7.86 -61.29
C GLU A 586 -7.80 -9.02 -60.89
N ALA A 587 -7.82 -10.09 -61.69
CA ALA A 587 -8.74 -11.20 -61.43
C ALA A 587 -8.34 -12.02 -60.21
N ASP A 588 -7.09 -11.94 -59.78
CA ASP A 588 -6.64 -12.78 -58.67
C ASP A 588 -7.16 -12.29 -57.32
N PHE A 589 -7.48 -11.01 -57.19
CA PHE A 589 -7.94 -10.45 -55.92
C PHE A 589 -9.17 -9.57 -56.18
N ARG A 590 -10.07 -9.56 -55.20
CA ARG A 590 -11.32 -8.83 -55.30
C ARG A 590 -11.42 -7.65 -54.35
N ASP A 591 -10.39 -7.37 -53.57
CA ASP A 591 -10.42 -6.30 -52.58
C ASP A 591 -9.62 -5.10 -53.06
N LYS A 592 -10.22 -3.91 -52.93
CA LYS A 592 -9.55 -2.67 -53.28
C LYS A 592 -9.55 -1.67 -52.13
N LEU A 593 -9.95 -2.09 -50.93
CA LEU A 593 -10.06 -1.19 -49.79
C LEU A 593 -9.20 -1.59 -48.61
N SER A 594 -8.98 -2.89 -48.38
CA SER A 594 -8.16 -3.32 -47.26
C SER A 594 -6.71 -2.89 -47.48
N PRO A 595 -6.07 -2.26 -46.49
CA PRO A 595 -4.69 -1.80 -46.69
C PRO A 595 -3.72 -2.97 -46.82
N ILE A 596 -2.68 -2.75 -47.61
CA ILE A 596 -1.59 -3.70 -47.74
C ILE A 596 -0.56 -3.38 -46.66
N VAL A 597 -0.28 -4.36 -45.80
CA VAL A 597 0.58 -4.17 -44.64
C VAL A 597 1.88 -4.94 -44.87
N LEU A 598 3.00 -4.27 -44.66
CA LEU A 598 4.32 -4.88 -44.74
C LEU A 598 4.97 -4.84 -43.36
N SER A 599 5.67 -5.91 -43.01
CA SER A 599 6.34 -6.02 -41.72
C SER A 599 7.76 -6.50 -41.93
N LEU A 600 8.64 -6.12 -41.01
CA LEU A 600 10.03 -6.54 -41.03
C LEU A 600 10.43 -7.04 -39.65
N ASN A 601 11.34 -8.00 -39.63
CA ASN A 601 11.76 -8.59 -38.35
C ASN A 601 13.22 -8.97 -38.48
N VAL A 602 14.09 -8.33 -37.71
CA VAL A 602 15.52 -8.63 -37.65
C VAL A 602 15.79 -9.36 -36.35
N SER A 603 16.28 -10.59 -36.45
CA SER A 603 16.55 -11.42 -35.30
C SER A 603 17.93 -12.06 -35.44
N LEU A 604 18.57 -12.28 -34.30
CA LEU A 604 19.88 -12.92 -34.30
C LEU A 604 19.77 -14.36 -34.78
N PRO A 605 20.75 -14.86 -35.52
CA PRO A 605 20.73 -16.28 -35.88
C PRO A 605 20.81 -17.13 -34.64
N PRO A 606 20.19 -18.32 -34.66
CA PRO A 606 20.20 -19.17 -33.47
C PRO A 606 21.60 -19.67 -33.16
N THR A 607 21.85 -19.90 -31.88
CA THR A 607 23.16 -20.35 -31.43
C THR A 607 23.51 -21.71 -32.03
N GLU A 608 24.76 -21.87 -32.43
CA GLU A 608 25.23 -23.12 -33.00
C GLU A 608 25.52 -24.11 -31.87
N ALA A 609 26.20 -25.21 -32.21
CA ALA A 609 26.52 -26.23 -31.22
C ALA A 609 27.42 -25.66 -30.13
N GLY A 610 26.87 -25.52 -28.92
CA GLY A 610 27.60 -24.94 -27.82
C GLY A 610 26.81 -23.86 -27.11
N MET A 611 25.66 -23.49 -27.67
CA MET A 611 24.77 -22.45 -27.12
C MET A 611 25.60 -21.17 -27.00
N ALA A 612 25.51 -20.43 -25.89
CA ALA A 612 26.33 -19.25 -25.62
C ALA A 612 26.13 -18.19 -26.70
N PRO A 613 24.99 -17.52 -26.75
CA PRO A 613 24.80 -16.45 -27.73
C PRO A 613 25.84 -15.35 -27.55
N ALA A 614 26.33 -14.82 -28.67
CA ALA A 614 27.42 -13.85 -28.63
C ALA A 614 26.96 -12.53 -28.00
N VAL A 615 25.86 -11.97 -28.48
CA VAL A 615 25.39 -10.66 -28.06
C VAL A 615 23.89 -10.71 -27.78
N VAL A 616 23.41 -9.68 -27.11
CA VAL A 616 22.00 -9.51 -26.80
C VAL A 616 21.44 -8.39 -27.67
N LEU A 617 20.37 -8.67 -28.41
CA LEU A 617 19.76 -7.71 -29.32
C LEU A 617 18.61 -7.00 -28.60
N HIS A 618 18.54 -5.69 -28.76
CA HIS A 618 17.52 -4.89 -28.11
C HIS A 618 17.28 -3.62 -28.91
N GLY A 619 16.03 -3.21 -29.00
CA GLY A 619 15.63 -2.03 -29.73
C GLY A 619 14.33 -2.27 -30.45
N ASP A 620 14.05 -1.44 -31.46
CA ASP A 620 12.86 -1.59 -32.28
C ASP A 620 13.07 -2.73 -33.29
N THR A 621 13.09 -3.95 -32.73
CA THR A 621 13.47 -5.13 -33.51
C THR A 621 12.54 -5.37 -34.69
N HIS A 622 11.28 -4.93 -34.58
CA HIS A 622 10.33 -5.08 -35.67
C HIS A 622 9.62 -3.77 -35.92
N VAL A 623 9.34 -3.50 -37.20
CA VAL A 623 8.55 -2.35 -37.61
C VAL A 623 7.51 -2.83 -38.61
N GLN A 624 6.43 -2.06 -38.71
CA GLN A 624 5.37 -2.35 -39.67
C GLN A 624 4.99 -1.06 -40.39
N GLU A 625 4.73 -1.17 -41.68
CA GLU A 625 4.28 -0.06 -42.49
C GLU A 625 3.11 -0.52 -43.35
N GLN A 626 2.24 0.42 -43.70
CA GLN A 626 1.01 0.10 -44.40
C GLN A 626 0.99 0.80 -45.76
N THR A 627 0.25 0.19 -46.69
CA THR A 627 0.07 0.74 -48.03
C THR A 627 -1.31 0.35 -48.50
N ARG A 628 -1.82 1.08 -49.49
CA ARG A 628 -3.17 0.85 -49.96
C ARG A 628 -3.31 1.27 -51.41
N ILE A 629 -4.23 0.61 -52.12
CA ILE A 629 -4.51 0.95 -53.51
C ILE A 629 -5.25 2.28 -53.57
N VAL A 630 -5.03 3.03 -54.65
CA VAL A 630 -5.68 4.33 -54.79
C VAL A 630 -7.19 4.14 -54.95
N LEU A 631 -7.95 5.02 -54.31
CA LEU A 631 -9.41 4.94 -54.40
C LEU A 631 -10.00 6.34 -54.34
N ASP A 632 -10.91 6.63 -55.28
CA ASP A 632 -11.71 7.85 -55.34
C ASP A 632 -10.91 9.12 -55.04
N CYS A 633 -9.62 9.12 -55.41
CA CYS A 633 -8.82 10.33 -55.37
C CYS A 633 -8.99 11.23 -56.59
N GLY A 634 -9.97 10.97 -57.43
CA GLY A 634 -10.24 11.87 -58.52
C GLY A 634 -9.22 11.76 -59.64
N GLU A 635 -9.01 12.88 -60.32
CA GLU A 635 -8.17 12.88 -61.52
C GLU A 635 -6.70 12.81 -61.16
N ASP A 636 -6.34 13.29 -59.97
CA ASP A 636 -4.93 13.36 -59.59
C ASP A 636 -4.34 11.98 -59.39
N ASP A 637 -5.17 11.00 -59.03
CA ASP A 637 -4.82 9.65 -58.61
C ASP A 637 -4.13 9.68 -57.26
N VAL A 638 -3.95 10.85 -56.66
CA VAL A 638 -3.47 11.00 -55.29
C VAL A 638 -4.58 11.67 -54.50
N CYS A 639 -4.79 11.18 -53.27
CA CYS A 639 -5.90 11.65 -52.47
C CYS A 639 -5.41 12.88 -51.72
N VAL A 640 -5.64 14.06 -52.32
CA VAL A 640 -5.24 15.35 -51.76
C VAL A 640 -6.14 15.67 -50.57
N PRO A 641 -5.59 15.79 -49.37
CA PRO A 641 -6.41 16.12 -48.21
C PRO A 641 -6.55 17.63 -48.04
N GLN A 642 -7.59 18.00 -47.30
CA GLN A 642 -7.82 19.39 -46.90
C GLN A 642 -8.27 19.36 -45.45
N LEU A 643 -7.32 19.45 -44.53
CA LEU A 643 -7.59 19.28 -43.11
C LEU A 643 -7.83 20.64 -42.47
N GLN A 644 -8.94 20.76 -41.74
CA GLN A 644 -9.30 21.97 -41.02
C GLN A 644 -9.58 21.58 -39.57
N LEU A 645 -8.71 22.00 -38.66
CA LEU A 645 -8.84 21.67 -37.24
C LEU A 645 -9.16 22.95 -36.47
N THR A 646 -10.25 22.92 -35.71
CA THR A 646 -10.63 24.00 -34.80
C THR A 646 -10.77 23.41 -33.42
N ALA A 647 -10.12 24.04 -32.44
CA ALA A 647 -10.03 23.49 -31.09
C ALA A 647 -10.51 24.50 -30.07
N SER A 648 -11.09 23.99 -28.99
CA SER A 648 -11.52 24.80 -27.86
C SER A 648 -11.24 24.04 -26.58
N VAL A 649 -11.04 24.78 -25.49
CA VAL A 649 -10.70 24.21 -24.19
C VAL A 649 -11.72 24.69 -23.17
N THR A 650 -12.26 23.75 -22.39
CA THR A 650 -13.17 24.04 -21.30
C THR A 650 -12.45 23.84 -19.97
N GLY A 651 -13.00 24.46 -18.93
CA GLY A 651 -12.34 24.47 -17.65
C GLY A 651 -11.02 25.22 -17.71
N SER A 652 -11.07 26.43 -18.26
CA SER A 652 -9.86 27.21 -18.50
C SER A 652 -8.98 27.44 -17.27
N PRO A 653 -9.52 27.79 -16.06
CA PRO A 653 -8.61 28.12 -14.96
C PRO A 653 -7.78 26.94 -14.48
N LEU A 654 -6.48 26.99 -14.74
CA LEU A 654 -5.54 26.00 -14.24
C LEU A 654 -4.95 26.48 -12.92
N LEU A 655 -4.89 25.58 -11.95
CA LEU A 655 -4.42 25.91 -10.60
C LEU A 655 -3.07 25.26 -10.38
N VAL A 656 -2.08 26.05 -9.93
CA VAL A 656 -0.75 25.54 -9.69
C VAL A 656 -0.76 24.64 -8.45
N GLY A 657 -0.09 23.50 -8.54
CA GLY A 657 -0.08 22.54 -7.45
C GLY A 657 -1.42 21.89 -7.20
N ALA A 658 -2.19 21.64 -8.25
CA ALA A 658 -3.48 20.99 -8.14
C ALA A 658 -3.62 19.94 -9.23
N ASP A 659 -4.39 18.89 -8.94
CA ASP A 659 -4.61 17.81 -9.89
C ASP A 659 -5.74 18.16 -10.87
N ASN A 660 -5.48 19.21 -11.64
CA ASN A 660 -6.47 19.72 -12.58
C ASN A 660 -6.67 18.75 -13.74
N VAL A 661 -7.90 18.70 -14.23
CA VAL A 661 -8.27 17.89 -15.39
C VAL A 661 -8.81 18.81 -16.46
N LEU A 662 -8.27 18.70 -17.67
CA LEU A 662 -8.64 19.56 -18.80
C LEU A 662 -9.42 18.76 -19.83
N GLU A 663 -10.59 19.27 -20.20
CA GLU A 663 -11.42 18.66 -21.23
C GLU A 663 -11.33 19.52 -22.48
N LEU A 664 -10.86 18.93 -23.58
CA LEU A 664 -10.66 19.65 -24.84
C LEU A 664 -11.62 19.11 -25.89
N GLN A 665 -12.23 20.02 -26.64
CA GLN A 665 -13.14 19.66 -27.72
C GLN A 665 -12.56 20.15 -29.04
N MET A 666 -12.39 19.23 -29.98
CA MET A 666 -11.89 19.56 -31.31
C MET A 666 -12.80 18.97 -32.36
N ASP A 667 -13.06 19.74 -33.40
CA ASP A 667 -13.85 19.32 -34.55
C ASP A 667 -12.93 19.24 -35.77
N ALA A 668 -12.71 18.03 -36.27
CA ALA A 668 -11.85 17.80 -37.42
C ALA A 668 -12.70 17.40 -38.61
N ALA A 669 -12.55 18.13 -39.71
CA ALA A 669 -13.31 17.85 -40.93
C ALA A 669 -12.38 17.99 -42.13
N ASN A 670 -12.41 16.98 -43.01
CA ASN A 670 -11.58 16.98 -44.21
C ASN A 670 -12.40 17.47 -45.39
N GLU A 671 -11.94 18.55 -46.04
CA GLU A 671 -12.65 19.14 -47.15
C GLU A 671 -12.24 18.58 -48.51
N GLY A 672 -11.13 17.83 -48.58
CA GLY A 672 -10.61 17.33 -49.82
C GLY A 672 -10.80 15.84 -49.99
N GLU A 673 -9.96 15.25 -50.85
CA GLU A 673 -9.99 13.81 -51.08
C GLU A 673 -9.59 13.07 -49.80
N GLY A 674 -9.61 11.73 -49.88
CA GLY A 674 -9.41 10.90 -48.71
C GLY A 674 -8.12 11.13 -47.96
N ALA A 675 -8.20 11.21 -46.64
CA ALA A 675 -7.03 11.46 -45.79
C ALA A 675 -6.50 10.12 -45.30
N TYR A 676 -5.48 9.59 -45.99
CA TYR A 676 -4.96 8.27 -45.67
C TYR A 676 -4.26 8.31 -44.31
N GLU A 677 -4.67 7.41 -43.42
CA GLU A 677 -4.11 7.30 -42.07
C GLU A 677 -4.16 8.66 -41.37
N ALA A 678 -5.38 9.19 -41.26
CA ALA A 678 -5.58 10.44 -40.56
C ALA A 678 -5.35 10.24 -39.07
N GLU A 679 -4.90 11.30 -38.40
CA GLU A 679 -4.49 11.12 -37.02
C GLU A 679 -4.43 12.51 -36.39
N LEU A 680 -4.47 12.55 -35.06
CA LEU A 680 -4.48 13.81 -34.32
C LEU A 680 -3.34 13.82 -33.32
N ALA A 681 -2.52 14.88 -33.37
CA ALA A 681 -1.31 14.98 -32.56
C ALA A 681 -1.52 16.05 -31.51
N VAL A 682 -1.41 15.66 -30.24
CA VAL A 682 -1.55 16.57 -29.11
C VAL A 682 -0.17 16.69 -28.49
N HIS A 683 0.38 17.90 -28.51
CA HIS A 683 1.71 18.15 -27.95
C HIS A 683 1.58 18.40 -26.45
N LEU A 684 1.53 17.31 -25.70
CA LEU A 684 1.38 17.41 -24.26
C LEU A 684 2.66 17.94 -23.63
N PRO A 685 2.55 18.75 -22.56
CA PRO A 685 3.75 19.15 -21.82
C PRO A 685 4.28 18.02 -20.96
N GLN A 686 5.41 18.25 -20.28
CA GLN A 686 6.00 17.21 -19.45
C GLN A 686 5.18 16.90 -18.20
N GLY A 687 4.19 17.72 -17.88
CA GLY A 687 3.38 17.50 -16.69
C GLY A 687 2.05 16.81 -16.96
N ALA A 688 1.38 17.20 -18.03
CA ALA A 688 0.05 16.66 -18.32
C ALA A 688 0.15 15.20 -18.75
N HIS A 689 -0.97 14.49 -18.59
CA HIS A 689 -1.06 13.07 -18.91
C HIS A 689 -2.40 12.77 -19.58
N TYR A 690 -2.37 11.91 -20.58
CA TYR A 690 -3.57 11.53 -21.31
C TYR A 690 -4.37 10.52 -20.49
N MET A 691 -5.68 10.77 -20.36
CA MET A 691 -6.56 9.91 -19.57
C MET A 691 -7.66 9.25 -20.37
N ARG A 692 -8.45 10.02 -21.12
CA ARG A 692 -9.45 9.27 -21.91
C ARG A 692 -9.86 10.02 -23.17
N ALA A 693 -10.90 9.52 -23.81
CA ALA A 693 -11.37 10.17 -25.04
C ALA A 693 -12.84 9.81 -25.23
N LEU A 694 -13.44 10.33 -26.29
CA LEU A 694 -14.84 9.99 -26.61
C LEU A 694 -15.19 10.63 -27.93
N SER A 695 -15.72 9.85 -28.85
CA SER A 695 -16.00 10.41 -30.19
C SER A 695 -17.41 10.99 -30.20
N ASN A 696 -17.88 11.35 -31.38
CA ASN A 696 -19.23 11.91 -31.50
C ASN A 696 -19.95 11.11 -32.58
N VAL A 697 -19.37 9.99 -33.00
CA VAL A 697 -20.07 9.10 -33.98
C VAL A 697 -19.96 7.64 -33.51
N GLU A 698 -21.00 7.13 -32.83
CA GLU A 698 -21.03 5.71 -32.38
C GLU A 698 -19.68 5.02 -32.62
N GLY A 699 -19.50 4.52 -33.84
CA GLY A 699 -18.24 3.81 -34.19
C GLY A 699 -17.41 3.51 -32.97
N PHE A 700 -16.56 4.46 -32.56
CA PHE A 700 -15.64 4.16 -31.43
C PHE A 700 -15.57 5.35 -30.47
N GLU A 701 -16.68 5.63 -29.78
CA GLU A 701 -16.65 6.82 -28.90
C GLU A 701 -15.35 6.74 -28.11
N ARG A 702 -15.06 5.59 -27.51
CA ARG A 702 -13.72 5.46 -26.87
C ARG A 702 -12.74 5.31 -28.03
N LEU A 703 -11.75 6.19 -28.13
CA LEU A 703 -10.89 6.17 -29.34
C LEU A 703 -9.52 5.57 -29.03
N ILE A 704 -8.85 5.05 -30.07
CA ILE A 704 -7.54 4.40 -29.92
C ILE A 704 -6.45 5.46 -29.72
N CYS A 705 -5.93 5.62 -28.50
CA CYS A 705 -4.85 6.59 -28.38
C CYS A 705 -3.65 5.93 -27.71
N ASN A 706 -2.48 6.11 -28.31
CA ASN A 706 -1.22 5.65 -27.75
C ASN A 706 -0.30 6.85 -27.54
N GLN A 707 0.31 6.93 -26.36
CA GLN A 707 1.22 8.01 -26.02
C GLN A 707 2.62 7.65 -26.48
N LYS A 708 3.22 8.51 -27.30
CA LYS A 708 4.57 8.30 -27.82
C LYS A 708 5.54 9.20 -27.05
N LYS A 709 6.54 8.58 -26.42
CA LYS A 709 7.54 9.30 -25.66
C LYS A 709 8.85 9.49 -26.42
N GLU A 710 8.92 9.02 -27.66
CA GLU A 710 10.16 9.13 -28.42
C GLU A 710 10.51 10.58 -28.75
N ASN A 711 9.51 11.46 -28.80
CA ASN A 711 9.76 12.86 -29.09
C ASN A 711 10.46 13.54 -27.91
N GLU A 712 10.88 14.79 -28.13
CA GLU A 712 11.51 15.55 -27.07
C GLU A 712 10.56 15.76 -25.91
N THR A 713 9.30 16.05 -26.20
CA THR A 713 8.24 16.14 -25.21
C THR A 713 7.31 14.93 -25.36
N ARG A 714 6.27 14.90 -24.53
CA ARG A 714 5.27 13.85 -24.60
C ARG A 714 4.20 14.23 -25.63
N VAL A 715 4.06 13.40 -26.65
CA VAL A 715 3.06 13.60 -27.69
C VAL A 715 2.18 12.37 -27.75
N VAL A 716 0.88 12.57 -27.59
CA VAL A 716 -0.06 11.46 -27.66
C VAL A 716 -0.52 11.31 -29.10
N LEU A 717 -0.97 10.10 -29.44
CA LEU A 717 -1.30 9.74 -30.81
C LEU A 717 -2.71 9.18 -30.80
N CYS A 718 -3.70 10.05 -30.95
CA CYS A 718 -5.11 9.66 -30.94
C CYS A 718 -5.58 9.41 -32.36
N GLU A 719 -6.04 8.19 -32.64
CA GLU A 719 -6.45 7.82 -33.99
C GLU A 719 -7.72 8.57 -34.38
N LEU A 720 -7.91 8.73 -35.69
CA LEU A 720 -9.06 9.44 -36.23
C LEU A 720 -9.79 8.70 -37.33
N GLY A 721 -9.16 7.73 -38.00
CA GLY A 721 -9.81 7.02 -39.07
C GLY A 721 -8.92 6.85 -40.29
N ASN A 722 -8.94 5.66 -40.88
CA ASN A 722 -8.09 5.34 -42.03
C ASN A 722 -8.94 4.74 -43.15
N PRO A 723 -9.36 5.54 -44.12
CA PRO A 723 -9.24 7.00 -44.21
C PRO A 723 -10.58 7.71 -44.03
N MET A 724 -10.58 9.03 -43.92
CA MET A 724 -11.82 9.81 -43.96
C MET A 724 -12.29 9.96 -45.41
N LYS A 725 -13.60 9.83 -45.58
CA LYS A 725 -14.21 10.09 -46.88
C LYS A 725 -14.32 11.60 -47.10
N LYS A 726 -14.87 11.98 -48.26
CA LYS A 726 -15.03 13.39 -48.57
C LYS A 726 -16.02 14.04 -47.61
N ASN A 727 -15.66 15.22 -47.11
CA ASN A 727 -16.53 16.00 -46.21
C ASN A 727 -16.91 15.20 -44.96
N ALA A 728 -15.94 14.48 -44.40
CA ALA A 728 -16.15 13.70 -43.19
C ALA A 728 -15.81 14.57 -41.98
N GLN A 729 -16.82 14.91 -41.18
CA GLN A 729 -16.66 15.75 -40.01
C GLN A 729 -16.76 14.88 -38.76
N ILE A 730 -15.70 14.88 -37.95
CA ILE A 730 -15.61 14.06 -36.75
C ILE A 730 -15.30 14.97 -35.56
N GLY A 731 -16.06 14.81 -34.48
CA GLY A 731 -15.84 15.56 -33.25
C GLY A 731 -15.20 14.69 -32.18
N ILE A 732 -14.22 15.24 -31.49
CA ILE A 732 -13.44 14.52 -30.49
C ILE A 732 -13.65 15.17 -29.12
N ALA A 733 -13.90 14.34 -28.12
CA ALA A 733 -13.93 14.78 -26.72
C ALA A 733 -12.65 14.29 -26.05
N MET A 734 -11.74 15.23 -25.76
CA MET A 734 -10.38 14.92 -25.35
C MET A 734 -10.19 15.42 -23.92
N LEU A 735 -10.11 14.49 -22.96
CA LEU A 735 -9.98 14.83 -21.55
C LEU A 735 -8.58 14.47 -21.09
N VAL A 736 -7.80 15.47 -20.70
CA VAL A 736 -6.40 15.31 -20.34
C VAL A 736 -6.20 15.81 -18.91
N SER A 737 -5.53 14.99 -18.10
CA SER A 737 -5.22 15.35 -16.71
C SER A 737 -3.91 16.14 -16.72
N VAL A 738 -4.01 17.45 -16.57
CA VAL A 738 -2.83 18.31 -16.57
C VAL A 738 -2.12 18.16 -15.22
N GLY A 739 -0.86 17.76 -15.26
CA GLY A 739 -0.08 17.59 -14.05
C GLY A 739 0.42 18.91 -13.49
N ASN A 740 1.07 18.82 -12.35
CA ASN A 740 1.61 20.00 -11.68
C ASN A 740 2.91 20.43 -12.35
N LEU A 741 2.92 21.63 -12.92
CA LEU A 741 4.09 22.19 -13.59
C LEU A 741 4.36 23.57 -13.00
N GLU A 742 5.38 23.66 -12.14
CA GLU A 742 5.69 24.94 -11.50
C GLU A 742 6.27 25.94 -12.49
N GLU A 743 7.10 25.48 -13.42
CA GLU A 743 7.75 26.34 -14.39
C GLU A 743 6.92 26.54 -15.65
N ALA A 744 5.61 26.24 -15.59
CA ALA A 744 4.76 26.41 -16.77
C ALA A 744 4.66 27.86 -17.18
N GLY A 745 4.55 28.77 -16.21
CA GLY A 745 4.41 30.18 -16.48
C GLY A 745 2.98 30.66 -16.35
N GLU A 746 2.76 31.89 -16.80
CA GLU A 746 1.43 32.49 -16.74
C GLU A 746 0.45 31.74 -17.63
N SER A 747 0.88 31.36 -18.84
CA SER A 747 0.01 30.66 -19.77
C SER A 747 0.79 29.54 -20.44
N VAL A 748 0.07 28.51 -20.86
CA VAL A 748 0.63 27.35 -21.53
C VAL A 748 -0.02 27.23 -22.91
N SER A 749 0.80 27.16 -23.95
CA SER A 749 0.30 27.03 -25.31
C SER A 749 0.22 25.56 -25.69
N PHE A 750 -0.95 25.14 -26.16
CA PHE A 750 -1.18 23.76 -26.58
C PHE A 750 -1.10 23.67 -28.09
N GLN A 751 -0.23 22.79 -28.58
CA GLN A 751 -0.02 22.60 -30.01
C GLN A 751 -0.86 21.41 -30.47
N LEU A 752 -1.81 21.67 -31.37
CA LEU A 752 -2.72 20.65 -31.87
C LEU A 752 -2.59 20.59 -33.38
N GLN A 753 -2.49 19.37 -33.92
CA GLN A 753 -2.31 19.20 -35.35
C GLN A 753 -2.88 17.86 -35.79
N ILE A 754 -3.17 17.77 -37.08
CA ILE A 754 -3.66 16.54 -37.71
C ILE A 754 -2.55 16.01 -38.61
N ARG A 755 -2.18 14.76 -38.41
CA ARG A 755 -1.06 14.14 -39.12
C ARG A 755 -1.57 13.07 -40.08
N SER A 756 -1.16 13.17 -41.34
CA SER A 756 -1.49 12.19 -42.36
C SER A 756 -0.23 11.81 -43.12
N LYS A 757 -0.27 10.64 -43.75
CA LYS A 757 0.87 10.12 -44.50
C LYS A 757 0.83 10.51 -45.97
N ASN A 758 -0.10 11.37 -46.38
CA ASN A 758 -0.23 11.74 -47.78
C ASN A 758 0.99 12.55 -48.22
N SER A 759 1.25 12.51 -49.54
CA SER A 759 2.40 13.21 -50.09
C SER A 759 2.20 14.72 -50.11
N GLN A 760 1.01 15.18 -50.51
CA GLN A 760 0.72 16.59 -50.68
C GLN A 760 -0.15 17.07 -49.52
N ASN A 761 0.33 18.09 -48.80
CA ASN A 761 -0.37 18.70 -47.68
C ASN A 761 -0.75 17.65 -46.64
N PRO A 762 0.21 17.05 -45.93
CA PRO A 762 -0.10 15.97 -44.99
C PRO A 762 -0.46 16.42 -43.58
N ASN A 763 -0.58 17.72 -43.34
CA ASN A 763 -0.82 18.23 -41.99
C ASN A 763 -1.85 19.34 -42.04
N SER A 764 -2.48 19.56 -40.88
CA SER A 764 -3.43 20.65 -40.72
C SER A 764 -2.72 21.89 -40.16
N LYS A 765 -3.46 22.99 -40.10
CA LYS A 765 -2.92 24.22 -39.53
C LYS A 765 -2.66 24.03 -38.04
N ILE A 766 -1.47 24.42 -37.59
CA ILE A 766 -1.11 24.28 -36.19
C ILE A 766 -1.91 25.27 -35.37
N VAL A 767 -2.63 24.76 -34.38
CA VAL A 767 -3.46 25.58 -33.51
C VAL A 767 -2.76 25.71 -32.16
N LEU A 768 -2.39 26.93 -31.80
CA LEU A 768 -1.73 27.20 -30.52
C LEU A 768 -2.77 27.70 -29.54
N LEU A 769 -3.09 26.88 -28.54
CA LEU A 769 -4.13 27.20 -27.56
C LEU A 769 -3.45 27.64 -26.27
N ASP A 770 -3.41 28.96 -26.05
CA ASP A 770 -2.85 29.48 -24.82
C ASP A 770 -3.84 29.28 -23.68
N VAL A 771 -3.36 28.71 -22.58
CA VAL A 771 -4.18 28.42 -21.41
C VAL A 771 -3.65 29.24 -20.24
N PRO A 772 -4.27 30.39 -19.95
CA PRO A 772 -3.80 31.21 -18.83
C PRO A 772 -3.95 30.48 -17.51
N VAL A 773 -3.00 30.72 -16.61
CA VAL A 773 -2.95 30.06 -15.31
C VAL A 773 -3.10 31.13 -14.24
N ARG A 774 -3.80 30.81 -12.92
CA ARG A 774 -4.12 31.61 -11.53
C ARG A 774 -4.40 30.94 -9.99
N ALA A 775 -5.05 31.48 -8.74
CA ALA A 775 -5.05 31.22 -7.13
C ALA A 775 -6.30 31.41 -6.04
N GLU A 776 -6.38 31.26 -4.52
CA GLU A 776 -7.64 31.33 -3.79
C GLU A 776 -7.43 30.89 -2.34
N ALA A 777 -8.22 31.48 -1.45
CA ALA A 777 -8.31 31.02 -0.08
C ALA A 777 -9.79 30.99 0.32
N GLN A 778 -10.18 29.92 1.00
CA GLN A 778 -11.59 29.71 1.34
C GLN A 778 -11.67 29.21 2.78
N VAL A 779 -11.79 30.14 3.72
CA VAL A 779 -11.98 29.83 5.13
C VAL A 779 -13.47 29.86 5.44
N GLU A 780 -13.96 28.80 6.08
CA GLU A 780 -15.35 28.68 6.46
C GLU A 780 -15.45 28.75 7.98
N LEU A 781 -16.25 29.69 8.48
CA LEU A 781 -16.33 29.97 9.91
C LEU A 781 -17.71 29.62 10.43
N ARG A 782 -17.75 29.00 11.61
CA ARG A 782 -18.97 28.72 12.35
C ARG A 782 -18.70 28.90 13.83
N GLY A 783 -19.74 28.73 14.64
CA GLY A 783 -19.58 28.79 16.08
C GLY A 783 -20.81 28.30 16.79
N ASN A 784 -20.62 27.79 18.01
CA ASN A 784 -21.73 27.35 18.85
C ASN A 784 -21.26 27.29 20.30
N SER A 785 -22.18 27.53 21.21
CA SER A 785 -21.88 27.66 22.62
C SER A 785 -21.90 26.30 23.32
N PHE A 786 -21.47 26.29 24.58
CA PHE A 786 -21.34 25.06 25.35
C PHE A 786 -22.03 25.21 26.70
N PRO A 787 -23.31 24.86 26.81
CA PRO A 787 -24.20 24.34 25.76
C PRO A 787 -24.73 25.43 24.84
N ALA A 788 -25.31 25.04 23.69
CA ALA A 788 -25.90 26.01 22.79
C ALA A 788 -27.16 26.62 23.40
N SER A 789 -28.19 25.81 23.59
CA SER A 789 -29.37 26.24 24.33
C SER A 789 -29.09 26.11 25.83
N LEU A 790 -29.69 27.02 26.60
CA LEU A 790 -29.36 27.13 28.01
C LEU A 790 -30.53 27.72 28.77
N VAL A 791 -31.06 26.97 29.73
CA VAL A 791 -31.94 27.53 30.74
C VAL A 791 -31.10 27.92 31.95
N VAL A 792 -31.32 29.13 32.45
CA VAL A 792 -30.53 29.66 33.54
C VAL A 792 -31.40 29.77 34.78
N ALA A 793 -30.78 30.14 35.89
CA ALA A 793 -31.49 30.30 37.14
C ALA A 793 -32.45 31.49 37.06
N ALA A 794 -33.41 31.53 37.97
CA ALA A 794 -34.43 32.56 37.97
C ALA A 794 -33.83 33.93 38.20
N SER A 806 -16.56 30.66 41.81
CA SER A 806 -16.92 32.02 41.44
C SER A 806 -16.99 32.16 39.93
N TRP A 807 -16.96 31.03 39.23
CA TRP A 807 -16.95 31.04 37.78
C TRP A 807 -18.23 30.43 37.21
N GLY A 808 -18.88 31.20 36.33
CA GLY A 808 -20.04 30.71 35.63
C GLY A 808 -19.66 29.86 34.43
N PRO A 809 -20.65 29.53 33.60
CA PRO A 809 -20.40 28.64 32.46
C PRO A 809 -19.65 29.36 31.34
N LYS A 810 -18.92 28.56 30.56
CA LYS A 810 -18.17 29.09 29.43
C LYS A 810 -19.06 29.19 28.19
N VAL A 811 -18.69 30.11 27.30
CA VAL A 811 -19.38 30.29 26.03
C VAL A 811 -18.34 30.45 24.94
N GLU A 812 -18.38 29.56 23.96
CA GLU A 812 -17.34 29.48 22.93
C GLU A 812 -17.91 29.89 21.58
N HIS A 813 -17.18 30.77 20.90
CA HIS A 813 -17.45 31.11 19.51
C HIS A 813 -16.26 30.60 18.70
N THR A 814 -16.33 29.35 18.29
CA THR A 814 -15.19 28.63 17.73
C THR A 814 -15.09 28.94 16.24
N TYR A 815 -14.64 30.14 15.92
CA TYR A 815 -14.47 30.53 14.53
C TYR A 815 -13.20 29.91 13.98
N GLU A 816 -13.37 28.78 13.30
CA GLU A 816 -12.24 27.94 12.91
C GLU A 816 -11.87 28.25 11.48
N LEU A 817 -10.57 28.48 11.27
CA LEU A 817 -10.05 28.86 9.96
C LEU A 817 -9.88 27.61 9.11
N HIS A 818 -10.99 27.10 8.60
CA HIS A 818 -10.96 25.89 7.79
C HIS A 818 -10.55 26.29 6.37
N ASN A 819 -9.25 26.22 6.10
CA ASN A 819 -8.70 26.70 4.84
C ASN A 819 -9.00 25.68 3.75
N ASN A 820 -10.05 25.93 2.97
CA ASN A 820 -10.34 25.14 1.78
C ASN A 820 -9.60 25.66 0.56
N GLY A 821 -8.78 26.69 0.72
CA GLY A 821 -8.02 27.27 -0.36
C GLY A 821 -7.06 26.28 -1.01
N PRO A 822 -6.85 26.42 -2.32
CA PRO A 822 -5.92 25.51 -3.00
C PRO A 822 -4.49 25.61 -2.49
N GLY A 823 -3.90 26.80 -2.51
CA GLY A 823 -2.50 26.94 -2.14
C GLY A 823 -2.33 27.51 -0.74
N THR A 824 -1.06 27.52 -0.31
CA THR A 824 -0.70 28.09 0.97
C THR A 824 -0.95 29.59 0.99
N VAL A 825 -1.27 30.11 2.18
CA VAL A 825 -1.56 31.52 2.37
C VAL A 825 -0.60 32.07 3.42
N ASN A 826 -0.18 33.32 3.24
CA ASN A 826 0.73 33.99 4.16
C ASN A 826 0.32 35.44 4.33
N GLY A 827 0.10 35.83 5.58
CA GLY A 827 -0.43 37.15 5.88
C GLY A 827 -1.94 37.18 5.99
N LEU A 828 -2.49 36.35 6.87
CA LEU A 828 -3.94 36.29 7.07
C LEU A 828 -4.29 36.95 8.41
N HIS A 829 -4.75 38.19 8.35
CA HIS A 829 -5.03 39.00 9.53
C HIS A 829 -6.53 39.18 9.67
N LEU A 830 -7.05 39.03 10.89
CA LEU A 830 -8.48 39.06 11.15
C LEU A 830 -8.83 40.29 11.96
N SER A 831 -10.11 40.69 11.92
CA SER A 831 -10.60 41.85 12.66
C SER A 831 -12.03 41.58 13.13
N ILE A 832 -12.18 41.18 14.39
CA ILE A 832 -13.45 40.74 14.93
C ILE A 832 -14.00 41.81 15.87
N HIS A 833 -15.34 41.90 15.95
CA HIS A 833 -16.02 42.87 16.79
C HIS A 833 -16.87 42.11 17.81
N LEU A 834 -16.41 42.06 19.06
CA LEU A 834 -17.10 41.37 20.13
C LEU A 834 -17.88 42.36 20.99
N PRO A 835 -18.96 41.92 21.65
CA PRO A 835 -19.70 42.83 22.54
C PRO A 835 -19.05 42.90 23.91
N GLY A 836 -19.19 44.05 24.57
CA GLY A 836 -18.71 44.21 25.93
C GLY A 836 -17.21 44.42 25.98
N GLN A 837 -16.81 45.39 26.80
CA GLN A 837 -15.41 45.80 26.87
C GLN A 837 -14.67 45.13 28.03
N SER A 838 -15.00 43.88 28.32
CA SER A 838 -14.28 43.06 29.31
C SER A 838 -14.20 43.75 30.66
N GLN A 839 -15.29 44.36 31.08
CA GLN A 839 -15.32 45.06 32.35
C GLN A 839 -16.18 44.31 33.35
N PRO A 840 -15.98 44.54 34.65
CA PRO A 840 -16.80 43.85 35.65
C PRO A 840 -18.28 44.14 35.54
N SER A 841 -18.64 45.29 34.95
CA SER A 841 -20.07 45.75 34.91
C SER A 841 -21.04 44.92 34.06
N ASP A 842 -20.58 44.11 33.11
CA ASP A 842 -21.51 43.37 32.20
C ASP A 842 -22.05 42.10 32.88
N LEU A 843 -22.86 41.29 32.18
CA LEU A 843 -23.39 40.01 32.74
C LEU A 843 -22.55 38.84 32.25
N LEU A 844 -21.26 39.07 32.00
CA LEU A 844 -20.35 38.02 31.50
C LEU A 844 -18.93 38.40 31.89
N TYR A 845 -17.98 37.49 31.72
CA TYR A 845 -16.56 37.85 31.92
C TYR A 845 -15.77 37.18 30.79
N ILE A 846 -15.63 37.88 29.67
CA ILE A 846 -14.91 37.32 28.49
C ILE A 846 -13.47 37.05 28.88
N LEU A 847 -13.07 35.80 28.93
CA LEU A 847 -11.70 35.47 29.42
C LEU A 847 -10.71 35.51 28.27
N ASP A 848 -9.67 34.67 28.34
CA ASP A 848 -8.66 34.60 27.25
C ASP A 848 -9.06 33.50 26.25
N ILE A 849 -8.21 33.22 25.25
CA ILE A 849 -8.60 32.26 24.18
C ILE A 849 -7.50 31.21 23.97
N GLN A 850 -7.82 30.12 23.29
CA GLN A 850 -6.79 29.09 22.97
C GLN A 850 -6.70 28.91 21.45
N PRO A 851 -5.69 29.48 20.77
CA PRO A 851 -5.59 29.38 19.33
C PRO A 851 -4.80 28.14 18.89
N GLN A 852 -3.74 28.35 18.12
CA GLN A 852 -2.90 27.23 17.63
C GLN A 852 -1.57 27.80 17.12
N GLY A 853 -1.47 29.13 16.96
CA GLY A 853 -0.26 29.71 16.36
C GLY A 853 0.12 31.10 16.84
N GLY A 854 0.85 31.87 16.00
CA GLY A 854 1.36 33.20 16.41
C GLY A 854 0.32 34.30 16.40
N LEU A 855 -0.58 34.31 17.38
CA LEU A 855 -1.58 35.40 17.50
C LEU A 855 -1.09 36.29 18.65
N GLN A 856 -1.66 37.48 18.77
CA GLN A 856 -1.20 38.41 19.83
C GLN A 856 -2.20 39.56 19.88
N CYS A 857 -3.42 39.34 19.43
CA CYS A 857 -4.44 40.40 19.54
C CYS A 857 -4.58 40.78 21.01
N PHE A 858 -4.48 42.07 21.31
CA PHE A 858 -4.73 42.49 22.70
C PHE A 858 -6.11 43.14 22.66
N PRO A 859 -7.19 42.46 23.12
CA PRO A 859 -8.55 42.99 23.01
C PRO A 859 -8.65 44.45 23.46
N GLN A 860 -9.66 45.17 23.00
CA GLN A 860 -9.72 46.62 23.30
C GLN A 860 -10.98 46.97 24.10
N PRO A 861 -10.88 47.22 25.42
CA PRO A 861 -9.62 47.11 26.16
C PRO A 861 -9.36 45.65 26.58
N PRO A 862 -8.13 45.28 26.99
CA PRO A 862 -7.80 43.89 27.31
C PRO A 862 -8.82 43.09 28.12
N VAL A 863 -9.01 41.82 27.74
CA VAL A 863 -9.91 40.92 28.52
C VAL A 863 -9.16 40.57 29.80
N ASN A 864 -9.77 39.74 30.65
CA ASN A 864 -9.14 39.43 31.96
C ASN A 864 -8.51 40.72 32.50
N PRO A 865 -9.26 41.82 32.66
CA PRO A 865 -8.72 43.02 33.26
C PRO A 865 -8.29 42.48 34.62
N LEU A 866 -8.99 41.44 35.08
CA LEU A 866 -8.60 40.77 36.35
C LEU A 866 -7.70 39.59 35.98
N LYS A 867 -8.27 38.38 35.88
CA LYS A 867 -7.48 37.19 35.47
C LYS A 867 -8.41 35.98 35.39
N VAL A 868 -8.69 35.33 36.52
CA VAL A 868 -9.62 34.17 36.57
C VAL A 868 -9.07 33.01 35.73
N ASP A 869 -9.69 31.83 35.82
CA ASP A 869 -9.19 30.64 35.07
C ASP A 869 -10.17 30.30 33.95
N ASP A 905 -38.20 38.18 28.45
CA ASP A 905 -37.91 38.91 27.22
C ASP A 905 -36.42 38.86 26.89
N PRO A 906 -36.09 38.73 25.59
CA PRO A 906 -34.69 38.60 25.18
C PRO A 906 -33.95 39.93 25.30
N VAL A 907 -33.03 40.01 26.26
CA VAL A 907 -32.11 41.13 26.36
C VAL A 907 -30.88 40.79 25.53
N LEU A 908 -30.75 41.43 24.37
CA LEU A 908 -29.72 41.08 23.39
C LEU A 908 -28.41 41.75 23.78
N VAL A 909 -27.48 40.97 24.31
CA VAL A 909 -26.14 41.45 24.65
C VAL A 909 -25.26 41.21 23.43
N SER A 910 -25.18 42.21 22.56
CA SER A 910 -24.43 42.10 21.31
C SER A 910 -23.78 43.43 20.97
N CYS A 911 -22.87 43.39 20.00
CA CYS A 911 -22.15 44.58 19.55
C CYS A 911 -23.11 45.71 19.18
N ASP A 912 -24.20 45.40 18.47
CA ASP A 912 -25.12 46.46 18.04
C ASP A 912 -25.80 47.13 19.22
N SER A 913 -26.25 46.35 20.21
CA SER A 913 -26.97 46.92 21.35
C SER A 913 -26.02 47.24 22.50
N ALA A 914 -25.31 46.22 22.99
CA ALA A 914 -24.33 46.39 24.07
C ALA A 914 -23.08 47.04 23.49
N PRO A 915 -22.13 47.47 24.32
CA PRO A 915 -20.90 48.04 23.77
C PRO A 915 -20.17 47.06 22.85
N CYS A 916 -19.21 47.60 22.10
CA CYS A 916 -18.48 46.84 21.10
C CYS A 916 -17.01 46.75 21.51
N THR A 917 -16.39 45.62 21.19
CA THR A 917 -14.95 45.41 21.40
C THR A 917 -14.34 44.94 20.09
N VAL A 918 -13.51 45.79 19.49
CA VAL A 918 -12.81 45.45 18.25
C VAL A 918 -11.64 44.53 18.61
N VAL A 919 -11.81 43.24 18.38
CA VAL A 919 -10.78 42.26 18.67
C VAL A 919 -10.06 41.92 17.37
N GLN A 920 -8.75 42.07 17.37
CA GLN A 920 -7.94 41.80 16.18
C GLN A 920 -6.83 40.81 16.51
N CYS A 921 -6.95 39.61 15.96
CA CYS A 921 -5.89 38.60 16.01
C CYS A 921 -5.49 38.24 14.59
N ASP A 922 -4.20 37.97 14.39
CA ASP A 922 -3.66 37.80 13.06
C ASP A 922 -2.81 36.55 12.98
N LEU A 923 -2.79 35.93 11.80
CA LEU A 923 -2.02 34.72 11.55
C LEU A 923 -1.27 34.88 10.24
N GLN A 924 -0.33 33.98 9.94
CA GLN A 924 0.48 34.19 8.71
C GLN A 924 0.21 33.07 7.70
N GLU A 925 0.68 31.85 8.00
CA GLU A 925 0.58 30.74 7.01
C GLU A 925 -0.76 30.00 7.11
N MET A 926 -1.01 29.03 6.22
CA MET A 926 -2.25 28.20 6.26
C MET A 926 -2.30 27.36 4.98
N ALA A 927 -1.49 26.31 4.91
CA ALA A 927 -1.41 25.49 3.66
C ALA A 927 -2.79 25.00 3.23
N ARG A 928 -2.93 24.57 1.97
CA ARG A 928 -4.23 24.00 1.50
C ARG A 928 -4.81 23.08 2.58
N GLY A 929 -6.06 23.33 2.98
CA GLY A 929 -6.72 22.44 3.96
C GLY A 929 -6.39 22.78 5.40
N GLN A 930 -5.41 23.66 5.64
CA GLN A 930 -5.02 23.91 7.04
C GLN A 930 -6.20 24.56 7.76
N ARG A 931 -6.06 24.83 9.05
CA ARG A 931 -7.27 25.34 9.76
C ARG A 931 -6.95 26.14 11.03
N ALA A 932 -7.11 25.54 12.22
CA ALA A 932 -6.94 26.23 13.53
C ALA A 932 -8.14 27.17 13.73
N MET A 933 -8.15 27.93 14.83
CA MET A 933 -9.35 28.76 15.07
C MET A 933 -9.14 29.72 16.26
N VAL A 934 -10.20 29.97 17.05
CA VAL A 934 -10.16 30.90 18.16
C VAL A 934 -11.28 30.49 19.12
N THR A 935 -10.89 30.00 20.29
CA THR A 935 -11.83 29.42 21.24
C THR A 935 -12.06 30.41 22.37
N VAL A 936 -13.33 30.72 22.61
CA VAL A 936 -13.72 31.73 23.59
C VAL A 936 -14.03 31.02 24.90
N LEU A 937 -13.24 31.32 25.93
CA LEU A 937 -13.47 30.82 27.27
C LEU A 937 -14.21 31.89 28.07
N ALA A 938 -15.05 31.47 29.00
CA ALA A 938 -15.94 32.42 29.65
C ALA A 938 -16.34 31.93 31.03
N PHE A 939 -16.86 32.86 31.82
CA PHE A 939 -17.62 32.56 33.03
C PHE A 939 -18.53 33.75 33.30
N LEU A 940 -19.81 33.47 33.46
CA LEU A 940 -20.83 34.51 33.37
C LEU A 940 -20.85 35.38 34.62
N TRP A 941 -21.21 36.64 34.44
CA TRP A 941 -21.33 37.60 35.53
C TRP A 941 -22.76 37.51 36.06
N LEU A 942 -22.90 36.86 37.22
CA LEU A 942 -24.23 36.57 37.77
C LEU A 942 -25.06 37.80 38.10
N PRO A 943 -24.52 38.83 38.80
CA PRO A 943 -25.32 39.96 39.25
C PRO A 943 -25.80 40.86 38.10
N SER A 944 -24.89 41.29 37.25
CA SER A 944 -25.29 42.24 36.19
C SER A 944 -26.54 41.71 35.47
N LEU A 945 -26.46 40.51 34.90
CA LEU A 945 -27.63 39.92 34.21
C LEU A 945 -28.73 39.65 35.25
N TYR A 946 -28.37 39.53 36.52
CA TYR A 946 -29.39 39.18 37.55
C TYR A 946 -30.58 40.14 37.39
N GLN A 947 -30.37 41.25 36.67
CA GLN A 947 -31.45 42.24 36.45
C GLN A 947 -32.49 41.67 35.48
N ARG A 948 -33.56 42.44 35.20
CA ARG A 948 -34.67 41.90 34.36
C ARG A 948 -35.24 40.70 35.11
N PRO A 949 -35.84 40.90 36.31
CA PRO A 949 -36.33 39.80 37.14
C PRO A 949 -37.16 38.74 36.41
N LEU A 950 -37.81 39.10 35.30
CA LEU A 950 -38.69 38.13 34.65
C LEU A 950 -38.36 37.96 33.17
N ASP A 951 -37.23 38.50 32.73
CA ASP A 951 -36.81 38.41 31.33
C ASP A 951 -35.74 37.35 31.16
N GLN A 952 -35.82 36.67 30.01
CA GLN A 952 -34.90 35.60 29.65
C GLN A 952 -33.99 36.14 28.55
N PHE A 953 -32.72 36.36 28.89
CA PHE A 953 -31.78 37.07 28.03
C PHE A 953 -31.40 36.23 26.82
N VAL A 954 -30.83 36.89 25.81
CA VAL A 954 -30.28 36.23 24.63
C VAL A 954 -28.91 36.83 24.37
N LEU A 955 -27.89 35.98 24.30
CA LEU A 955 -26.53 36.46 24.06
C LEU A 955 -26.19 36.28 22.58
N GLN A 956 -25.66 37.33 21.97
CA GLN A 956 -25.25 37.30 20.57
C GLN A 956 -23.83 37.84 20.44
N SER A 957 -23.09 37.28 19.49
CA SER A 957 -21.77 37.77 19.13
C SER A 957 -21.77 38.19 17.67
N HIS A 958 -20.63 38.66 17.21
CA HIS A 958 -20.44 39.01 15.80
C HIS A 958 -18.96 38.91 15.48
N ALA A 959 -18.62 38.68 14.22
CA ALA A 959 -17.24 38.45 13.84
C ALA A 959 -16.99 38.87 12.40
N TRP A 960 -15.80 39.40 12.15
CA TRP A 960 -15.34 39.75 10.82
CA TRP A 960 -15.34 39.74 10.81
C TRP A 960 -13.88 39.34 10.63
N PHE A 961 -13.49 39.15 9.38
CA PHE A 961 -12.12 38.77 9.07
C PHE A 961 -11.77 39.18 7.65
N ASN A 962 -10.48 39.20 7.36
CA ASN A 962 -9.99 39.58 6.04
C ASN A 962 -8.61 38.97 5.84
N VAL A 963 -7.92 39.46 4.81
CA VAL A 963 -6.58 39.01 4.48
C VAL A 963 -5.76 40.21 4.03
N SER A 964 -4.49 40.26 4.45
CA SER A 964 -3.59 41.32 4.02
C SER A 964 -2.97 41.00 2.67
N SER A 965 -2.37 39.82 2.55
CA SER A 965 -1.77 39.38 1.30
C SER A 965 -1.70 37.85 1.32
N LEU A 966 -1.38 37.29 0.15
CA LEU A 966 -1.22 35.86 -0.04
C LEU A 966 -0.01 35.59 -0.95
N PRO A 967 0.74 34.52 -0.70
CA PRO A 967 1.95 34.27 -1.51
C PRO A 967 1.60 33.62 -2.86
N TYR A 968 0.99 34.43 -3.72
CA TYR A 968 0.60 33.99 -5.05
C TYR A 968 1.11 35.01 -6.06
N ALA A 969 1.06 34.64 -7.34
CA ALA A 969 1.25 35.61 -8.39
C ALA A 969 0.11 36.63 -8.35
N VAL A 970 -1.12 36.13 -8.36
CA VAL A 970 -2.32 36.95 -8.18
C VAL A 970 -3.31 36.17 -7.32
N PRO A 971 -3.71 36.68 -6.16
CA PRO A 971 -4.88 36.15 -5.46
C PRO A 971 -6.13 36.94 -5.79
N PRO A 972 -6.59 36.95 -7.05
CA PRO A 972 -7.62 37.93 -7.42
C PRO A 972 -9.03 37.40 -7.26
N LEU A 973 -9.35 36.79 -6.12
CA LEU A 973 -10.68 36.25 -5.95
C LEU A 973 -11.44 36.93 -4.82
N SER A 974 -10.90 36.87 -3.61
CA SER A 974 -11.54 37.53 -2.47
C SER A 974 -10.63 37.54 -1.25
N LEU A 975 -10.41 38.72 -0.69
CA LEU A 975 -9.94 38.80 0.68
C LEU A 975 -11.06 38.30 1.59
N PRO A 976 -10.89 37.13 2.22
CA PRO A 976 -12.04 36.45 2.81
C PRO A 976 -12.79 37.33 3.80
N ARG A 977 -14.11 37.35 3.66
CA ARG A 977 -14.96 38.25 4.42
C ARG A 977 -16.28 37.56 4.66
N GLY A 978 -16.82 37.77 5.86
CA GLY A 978 -18.10 37.20 6.21
C GLY A 978 -18.41 37.49 7.66
N GLU A 979 -19.69 37.36 7.99
CA GLU A 979 -20.16 37.67 9.33
C GLU A 979 -20.98 36.51 9.85
N ALA A 980 -20.80 36.22 11.14
CA ALA A 980 -21.59 35.21 11.82
C ALA A 980 -21.96 35.75 13.19
N GLN A 981 -22.91 35.08 13.84
CA GLN A 981 -23.38 35.48 15.15
C GLN A 981 -23.59 34.22 15.98
N VAL A 982 -22.69 33.97 16.91
CA VAL A 982 -22.77 32.80 17.78
C VAL A 982 -23.68 33.14 18.94
N TRP A 983 -24.86 32.52 18.96
CA TRP A 983 -25.89 32.82 19.94
C TRP A 983 -25.79 31.85 21.10
N THR A 984 -26.08 32.36 22.30
CA THR A 984 -26.20 31.56 23.50
C THR A 984 -27.55 31.88 24.11
N GLN A 985 -28.59 31.18 23.68
CA GLN A 985 -29.93 31.48 24.10
C GLN A 985 -30.11 31.12 25.57
N LEU A 986 -30.61 32.08 26.34
CA LEU A 986 -30.85 31.90 27.76
C LEU A 986 -32.35 31.93 28.02
N LEU A 987 -32.82 30.95 28.80
CA LEU A 987 -34.23 30.88 29.18
C LEU A 987 -34.33 30.84 30.68
N ARG A 988 -35.59 31.38 30.93
CA ARG A 988 -36.13 31.62 32.27
C ARG A 988 -36.99 30.39 32.72
N ALA A 989 -36.46 29.48 33.62
CA ALA A 989 -37.23 28.29 33.96
C ALA A 989 -38.10 28.73 35.12
N LEU A 990 -39.00 29.69 34.91
CA LEU A 990 -40.00 30.12 35.95
C LEU A 990 -41.14 31.07 35.45
N GLU A 991 -42.43 30.90 35.84
CA GLU A 991 -43.64 30.27 35.15
C GLU A 991 -45.05 30.54 35.76
N GLU A 992 -45.33 30.47 37.12
CA GLU A 992 -46.61 30.58 37.94
C GLU A 992 -47.55 29.31 37.95
N ARG A 993 -48.79 29.33 37.36
CA ARG A 993 -49.88 28.32 37.22
C ARG A 993 -51.05 28.98 36.47
N ALA A 994 -51.42 28.42 35.32
CA ALA A 994 -52.33 29.04 34.32
C ALA A 994 -53.58 28.17 34.14
N ILE A 995 -53.55 27.29 33.13
CA ILE A 995 -54.79 26.71 32.54
C ILE A 995 -55.83 26.45 33.64
N PRO A 996 -56.97 27.17 33.64
CA PRO A 996 -58.21 26.70 34.28
C PRO A 996 -58.55 25.29 33.81
N ILE A 997 -57.83 24.29 34.33
CA ILE A 997 -58.07 22.83 34.08
C ILE A 997 -57.84 22.05 35.37
N TRP A 998 -56.64 22.17 35.96
CA TRP A 998 -56.10 21.24 36.99
C TRP A 998 -56.47 21.77 38.38
N TRP A 999 -57.41 22.72 38.41
CA TRP A 999 -58.01 23.31 39.63
C TRP A 999 -59.52 23.52 39.42
N VAL A 1000 -60.09 22.95 38.35
CA VAL A 1000 -61.48 23.22 37.89
C VAL A 1000 -62.39 22.09 38.39
N LEU A 1001 -61.88 21.25 39.29
CA LEU A 1001 -62.68 20.35 40.15
C LEU A 1001 -62.63 20.85 41.60
N VAL A 1002 -61.61 21.64 41.94
CA VAL A 1002 -61.48 22.29 43.28
C VAL A 1002 -62.57 23.36 43.39
N GLY A 1003 -62.75 24.16 42.34
CA GLY A 1003 -63.81 25.19 42.34
C GLY A 1003 -65.17 24.56 42.52
N VAL A 1004 -65.43 23.44 41.84
CA VAL A 1004 -66.75 22.74 41.87
C VAL A 1004 -66.95 22.17 43.28
N LEU A 1005 -65.88 21.71 43.93
CA LEU A 1005 -65.94 21.16 45.32
C LEU A 1005 -66.32 22.31 46.24
N GLY A 1006 -65.71 23.49 46.07
CA GLY A 1006 -66.11 24.67 46.86
C GLY A 1006 -67.59 24.95 46.63
N GLY A 1007 -68.04 24.91 45.38
CA GLY A 1007 -69.46 25.15 45.04
C GLY A 1007 -70.34 24.16 45.78
N LEU A 1008 -69.97 22.88 45.80
CA LEU A 1008 -70.75 21.80 46.45
C LEU A 1008 -70.81 22.08 47.95
N LEU A 1009 -69.69 22.45 48.57
CA LEU A 1009 -69.66 22.81 50.00
C LEU A 1009 -70.69 23.92 50.22
N LEU A 1010 -70.64 24.99 49.43
CA LEU A 1010 -71.58 26.14 49.58
C LEU A 1010 -73.02 25.64 49.44
N LEU A 1011 -73.31 24.80 48.45
CA LEU A 1011 -74.67 24.26 48.18
C LEU A 1011 -75.16 23.49 49.40
N THR A 1012 -74.33 22.62 49.97
CA THR A 1012 -74.68 21.79 51.15
C THR A 1012 -74.96 22.74 52.32
N ILE A 1013 -74.14 23.79 52.50
CA ILE A 1013 -74.34 24.78 53.59
C ILE A 1013 -75.72 25.40 53.41
N LEU A 1014 -76.06 25.82 52.18
CA LEU A 1014 -77.37 26.45 51.87
C LEU A 1014 -78.50 25.46 52.19
N VAL A 1015 -78.36 24.19 51.81
CA VAL A 1015 -79.39 23.13 52.02
C VAL A 1015 -79.60 22.97 53.53
N LEU A 1016 -78.52 23.02 54.31
CA LEU A 1016 -78.60 22.88 55.80
C LEU A 1016 -79.26 24.13 56.39
N GLY B 27 -35.08 -7.90 -28.79
CA GLY B 27 -34.37 -8.12 -30.03
C GLY B 27 -32.97 -8.64 -29.85
N PRO B 28 -31.98 -7.98 -30.46
CA PRO B 28 -30.59 -8.40 -30.29
C PRO B 28 -30.16 -8.34 -28.84
N ASN B 29 -29.33 -9.29 -28.44
CA ASN B 29 -28.82 -9.38 -27.07
C ASN B 29 -27.34 -9.71 -27.13
N ILE B 30 -26.73 -9.86 -25.94
CA ILE B 30 -25.32 -10.19 -25.86
C ILE B 30 -25.04 -11.60 -26.35
N CYS B 31 -26.00 -12.51 -26.18
CA CYS B 31 -25.76 -13.91 -26.54
C CYS B 31 -25.75 -14.10 -28.05
N THR B 32 -26.66 -13.45 -28.77
CA THR B 32 -26.82 -13.71 -30.20
C THR B 32 -25.70 -13.11 -31.03
N THR B 33 -25.07 -12.04 -30.54
CA THR B 33 -24.07 -11.32 -31.31
C THR B 33 -22.64 -11.82 -31.10
N ARG B 34 -22.44 -12.82 -30.24
CA ARG B 34 -21.11 -13.32 -29.95
C ARG B 34 -20.91 -14.76 -30.40
N GLY B 35 -21.75 -15.69 -29.94
CA GLY B 35 -21.51 -17.09 -30.22
C GLY B 35 -22.72 -17.89 -30.67
N VAL B 36 -22.65 -18.43 -31.88
CA VAL B 36 -23.65 -19.36 -32.39
C VAL B 36 -22.93 -20.59 -32.91
N SER B 37 -21.60 -20.50 -32.99
CA SER B 37 -20.80 -21.57 -33.58
C SER B 37 -20.75 -22.80 -32.69
N SER B 38 -20.54 -22.61 -31.38
CA SER B 38 -20.37 -23.72 -30.46
C SER B 38 -21.23 -23.50 -29.22
N CYS B 39 -21.67 -24.61 -28.63
CA CYS B 39 -22.41 -24.55 -27.37
C CYS B 39 -21.53 -24.08 -26.23
N GLN B 40 -20.25 -24.46 -26.24
CA GLN B 40 -19.34 -24.08 -25.16
C GLN B 40 -19.19 -22.56 -25.10
N GLN B 41 -18.93 -21.93 -26.24
CA GLN B 41 -18.78 -20.47 -26.25
C GLN B 41 -20.10 -19.77 -25.96
N CYS B 42 -21.22 -20.35 -26.40
CA CYS B 42 -22.52 -19.77 -26.08
C CYS B 42 -22.77 -19.77 -24.58
N LEU B 43 -22.43 -20.86 -23.91
CA LEU B 43 -22.54 -20.90 -22.45
C LEU B 43 -21.56 -19.92 -21.80
N ALA B 44 -20.36 -19.81 -22.35
CA ALA B 44 -19.33 -18.98 -21.73
C ALA B 44 -19.53 -17.48 -21.95
N VAL B 45 -20.34 -17.09 -22.93
CA VAL B 45 -20.50 -15.66 -23.24
C VAL B 45 -21.16 -14.94 -22.08
N SER B 46 -22.28 -15.47 -21.57
CA SER B 46 -23.01 -14.80 -20.51
C SER B 46 -23.82 -15.81 -19.72
N PRO B 47 -23.98 -15.61 -18.41
CA PRO B 47 -24.77 -16.57 -17.61
C PRO B 47 -26.21 -16.68 -18.05
N MET B 48 -26.77 -15.67 -18.71
CA MET B 48 -28.17 -15.67 -19.07
C MET B 48 -28.47 -16.41 -20.37
N CYS B 49 -27.45 -16.89 -21.07
CA CYS B 49 -27.68 -17.63 -22.30
C CYS B 49 -27.89 -19.12 -22.01
N ALA B 50 -28.43 -19.82 -23.02
CA ALA B 50 -28.62 -21.25 -22.96
C ALA B 50 -28.61 -21.79 -24.38
N TRP B 51 -28.36 -23.09 -24.51
CA TRP B 51 -28.21 -23.72 -25.81
C TRP B 51 -29.24 -24.82 -25.99
N CYS B 52 -29.90 -24.80 -27.14
CA CYS B 52 -30.79 -25.88 -27.57
C CYS B 52 -30.09 -26.67 -28.67
N SER B 53 -30.12 -28.00 -28.55
CA SER B 53 -29.47 -28.86 -29.52
C SER B 53 -30.48 -29.69 -30.31
N ASP B 54 -31.72 -29.22 -30.42
CA ASP B 54 -32.73 -29.94 -31.19
C ASP B 54 -32.39 -29.88 -32.67
N GLU B 55 -32.33 -31.04 -33.31
CA GLU B 55 -32.04 -31.10 -34.74
C GLU B 55 -33.26 -30.84 -35.60
N ALA B 56 -34.45 -30.77 -35.00
CA ALA B 56 -35.67 -30.47 -35.74
C ALA B 56 -35.94 -28.97 -35.87
N LEU B 57 -35.08 -28.13 -35.31
CA LEU B 57 -35.25 -26.69 -35.43
C LEU B 57 -34.90 -26.25 -36.84
N PRO B 58 -35.80 -25.60 -37.57
CA PRO B 58 -35.48 -25.16 -38.93
C PRO B 58 -34.32 -24.18 -38.94
N LEU B 59 -33.51 -24.27 -40.00
CA LEU B 59 -32.36 -23.39 -40.13
C LEU B 59 -32.80 -21.94 -40.32
N GLY B 60 -31.94 -21.01 -39.89
CA GLY B 60 -32.24 -19.61 -39.94
C GLY B 60 -32.67 -18.99 -38.62
N SER B 61 -32.67 -19.78 -37.54
CA SER B 61 -33.02 -19.27 -36.22
C SER B 61 -31.81 -19.33 -35.30
N PRO B 62 -31.65 -18.34 -34.41
CA PRO B 62 -30.50 -18.37 -33.48
C PRO B 62 -30.57 -19.53 -32.52
N ARG B 63 -29.64 -20.47 -32.64
CA ARG B 63 -29.64 -21.64 -31.76
C ARG B 63 -29.35 -21.24 -30.32
N CYS B 64 -28.46 -20.28 -30.11
CA CYS B 64 -28.13 -19.80 -28.77
C CYS B 64 -28.88 -18.49 -28.54
N ASP B 65 -29.67 -18.45 -27.47
CA ASP B 65 -30.47 -17.28 -27.11
C ASP B 65 -30.93 -17.45 -25.67
N LEU B 66 -31.80 -16.54 -25.22
CA LEU B 66 -32.35 -16.64 -23.87
C LEU B 66 -33.24 -17.87 -23.75
N LYS B 67 -33.30 -18.42 -22.54
CA LYS B 67 -34.14 -19.60 -22.31
C LYS B 67 -35.61 -19.28 -22.53
N GLU B 68 -36.05 -18.10 -22.10
CA GLU B 68 -37.43 -17.68 -22.37
C GLU B 68 -37.68 -17.59 -23.86
N ASN B 69 -36.75 -17.00 -24.61
CA ASN B 69 -36.87 -16.95 -26.06
C ASN B 69 -36.80 -18.36 -26.65
N LEU B 70 -36.00 -19.24 -26.06
CA LEU B 70 -35.94 -20.62 -26.53
C LEU B 70 -37.29 -21.31 -26.39
N LEU B 71 -37.99 -21.05 -25.28
CA LEU B 71 -39.35 -21.52 -25.15
C LEU B 71 -40.25 -20.89 -26.21
N LYS B 72 -40.05 -19.59 -26.47
CA LYS B 72 -40.74 -18.96 -27.60
C LYS B 72 -40.25 -19.52 -28.93
N ASP B 73 -38.99 -19.94 -29.00
CA ASP B 73 -38.44 -20.53 -30.22
C ASP B 73 -39.05 -21.88 -30.55
N ASN B 74 -39.80 -22.47 -29.62
CA ASN B 74 -40.44 -23.78 -29.80
C ASN B 74 -39.41 -24.89 -30.03
N CYS B 75 -38.23 -24.74 -29.44
CA CYS B 75 -37.29 -25.85 -29.39
C CYS B 75 -37.79 -26.91 -28.41
N ALA B 76 -37.19 -28.09 -28.48
CA ALA B 76 -37.56 -29.16 -27.58
C ALA B 76 -37.11 -28.81 -26.16
N PRO B 77 -38.01 -28.81 -25.18
CA PRO B 77 -37.58 -28.57 -23.80
C PRO B 77 -36.57 -29.60 -23.31
N GLU B 78 -36.64 -30.82 -23.82
CA GLU B 78 -35.63 -31.83 -23.50
C GLU B 78 -34.28 -31.44 -24.08
N SER B 79 -34.27 -30.86 -25.28
CA SER B 79 -33.02 -30.46 -25.92
C SER B 79 -32.36 -29.29 -25.20
N ILE B 80 -33.16 -28.44 -24.54
CA ILE B 80 -32.60 -27.26 -23.88
C ILE B 80 -31.74 -27.68 -22.70
N GLU B 81 -30.54 -27.14 -22.63
CA GLU B 81 -29.64 -27.31 -21.50
C GLU B 81 -29.32 -25.92 -20.95
N PHE B 82 -29.94 -25.57 -19.82
CA PHE B 82 -29.72 -24.29 -19.15
C PHE B 82 -29.06 -24.62 -17.82
N PRO B 83 -27.72 -24.61 -17.76
CA PRO B 83 -27.05 -24.76 -16.46
C PRO B 83 -27.44 -23.62 -15.52
N VAL B 84 -27.65 -23.97 -14.26
CA VAL B 84 -28.01 -23.01 -13.23
C VAL B 84 -26.98 -23.08 -12.12
N SER B 85 -26.39 -21.94 -11.78
CA SER B 85 -25.48 -21.89 -10.64
C SER B 85 -26.29 -21.99 -9.35
N GLU B 86 -25.91 -22.92 -8.48
CA GLU B 86 -26.67 -23.16 -7.26
C GLU B 86 -25.71 -23.54 -6.15
N ALA B 87 -26.13 -23.26 -4.92
CA ALA B 87 -25.37 -23.58 -3.72
C ALA B 87 -26.16 -24.61 -2.94
N ARG B 88 -25.92 -25.89 -3.24
CA ARG B 88 -26.61 -26.97 -2.56
C ARG B 88 -26.02 -27.18 -1.17
N VAL B 89 -26.83 -26.93 -0.14
CA VAL B 89 -26.40 -27.20 1.23
C VAL B 89 -26.24 -28.70 1.42
N LEU B 90 -25.12 -29.10 2.04
CA LEU B 90 -24.82 -30.50 2.28
C LEU B 90 -24.96 -30.89 3.74
N GLU B 91 -24.36 -30.13 4.64
CA GLU B 91 -24.47 -30.36 6.08
C GLU B 91 -25.11 -29.14 6.72
N ASP B 92 -26.20 -29.36 7.45
CA ASP B 92 -26.97 -28.26 8.04
C ASP B 92 -27.33 -28.62 9.48
N ARG B 93 -26.33 -29.02 10.26
CA ARG B 93 -26.57 -29.25 11.67
C ARG B 93 -26.98 -27.94 12.34
N PRO B 94 -28.07 -27.91 13.10
CA PRO B 94 -28.54 -26.65 13.69
C PRO B 94 -27.50 -26.06 14.62
N LEU B 95 -27.45 -24.73 14.64
CA LEU B 95 -26.49 -24.02 15.50
C LEU B 95 -26.77 -24.32 16.96
N SER B 96 -25.77 -24.79 17.67
CA SER B 96 -25.94 -25.16 19.07
C SER B 96 -26.21 -23.92 19.90
N ASP B 97 -27.05 -24.10 20.92
CA ASP B 97 -27.42 -23.00 21.82
C ASP B 97 -26.50 -22.86 23.01
N LYS B 98 -26.04 -23.98 23.58
CA LYS B 98 -25.11 -23.98 24.69
C LYS B 98 -23.85 -24.74 24.28
N GLY B 99 -22.84 -24.68 25.15
CA GLY B 99 -21.57 -25.36 24.89
C GLY B 99 -21.35 -26.64 25.66
N SER B 100 -22.38 -27.19 26.30
CA SER B 100 -22.23 -28.41 27.09
C SER B 100 -21.99 -29.62 26.21
N GLN B 105 -22.93 -31.91 18.73
CA GLN B 105 -21.85 -31.12 19.31
C GLN B 105 -22.03 -29.64 18.99
N VAL B 106 -21.15 -28.81 19.53
CA VAL B 106 -21.27 -27.37 19.34
C VAL B 106 -21.04 -27.01 17.88
N THR B 107 -22.00 -26.32 17.28
CA THR B 107 -21.89 -25.83 15.92
C THR B 107 -22.15 -24.33 15.92
N GLN B 108 -21.18 -23.56 15.42
CA GLN B 108 -21.28 -22.11 15.42
C GLN B 108 -21.42 -21.51 14.02
N VAL B 109 -21.11 -22.26 12.97
CA VAL B 109 -21.23 -21.79 11.60
C VAL B 109 -22.16 -22.74 10.87
N SER B 110 -23.23 -22.20 10.29
CA SER B 110 -24.19 -23.01 9.54
C SER B 110 -24.55 -22.27 8.26
N PRO B 111 -24.62 -22.97 7.13
CA PRO B 111 -24.30 -24.40 6.93
C PRO B 111 -22.80 -24.63 6.92
N GLN B 112 -22.32 -25.81 7.29
CA GLN B 112 -20.89 -26.07 7.42
C GLN B 112 -20.27 -26.70 6.19
N ARG B 113 -21.04 -26.92 5.13
CA ARG B 113 -20.50 -27.50 3.90
C ARG B 113 -21.46 -27.21 2.76
N ILE B 114 -20.98 -26.55 1.72
CA ILE B 114 -21.80 -26.11 0.60
C ILE B 114 -21.13 -26.56 -0.69
N ALA B 115 -21.94 -26.97 -1.66
CA ALA B 115 -21.47 -27.36 -2.98
C ALA B 115 -21.98 -26.35 -4.00
N LEU B 116 -21.06 -25.78 -4.77
CA LEU B 116 -21.38 -24.77 -5.77
C LEU B 116 -21.07 -25.30 -7.17
N ARG B 117 -21.90 -24.92 -8.14
CA ARG B 117 -21.70 -25.25 -9.55
C ARG B 117 -21.82 -23.96 -10.36
N LEU B 118 -20.71 -23.24 -10.48
CA LEU B 118 -20.72 -21.93 -11.12
C LEU B 118 -20.51 -22.04 -12.62
N ARG B 119 -21.32 -21.32 -13.38
CA ARG B 119 -21.14 -21.20 -14.81
C ARG B 119 -19.97 -20.27 -15.10
N PRO B 120 -19.46 -20.29 -16.34
CA PRO B 120 -18.41 -19.32 -16.69
C PRO B 120 -18.88 -17.89 -16.52
N ASP B 121 -18.09 -17.09 -15.79
CA ASP B 121 -18.40 -15.70 -15.50
C ASP B 121 -19.77 -15.55 -14.83
N ASP B 122 -20.09 -16.48 -13.95
CA ASP B 122 -21.36 -16.49 -13.24
C ASP B 122 -21.14 -16.14 -11.77
N SER B 123 -22.25 -15.98 -11.06
CA SER B 123 -22.21 -15.64 -9.64
C SER B 123 -23.43 -16.23 -8.94
N LYS B 124 -23.28 -16.44 -7.64
CA LYS B 124 -24.36 -16.98 -6.81
C LYS B 124 -24.05 -16.73 -5.34
N ASN B 125 -25.08 -16.43 -4.58
CA ASN B 125 -24.76 -16.05 -3.19
C ASN B 125 -25.12 -17.15 -2.24
N PHE B 126 -24.63 -17.02 -1.03
CA PHE B 126 -24.98 -17.93 0.07
C PHE B 126 -24.68 -17.18 1.36
N SER B 127 -25.16 -17.76 2.47
CA SER B 127 -25.11 -17.07 3.76
C SER B 127 -24.55 -17.97 4.84
N ILE B 128 -23.68 -17.40 5.68
CA ILE B 128 -23.25 -18.04 6.91
C ILE B 128 -24.06 -17.44 8.06
N GLN B 129 -24.30 -18.25 9.08
CA GLN B 129 -25.00 -17.81 10.29
C GLN B 129 -24.05 -18.06 11.46
N VAL B 130 -23.18 -17.09 11.73
CA VAL B 130 -22.25 -17.19 12.84
C VAL B 130 -22.99 -16.87 14.13
N ARG B 131 -22.60 -17.54 15.21
CA ARG B 131 -23.26 -17.35 16.50
C ARG B 131 -22.27 -17.69 17.60
N GLN B 132 -21.90 -16.71 18.40
CA GLN B 132 -21.05 -16.97 19.55
C GLN B 132 -21.86 -17.70 20.61
N VAL B 133 -21.39 -18.88 21.01
CA VAL B 133 -22.13 -19.76 21.91
C VAL B 133 -21.55 -19.64 23.31
N GLU B 134 -22.42 -19.43 24.30
CA GLU B 134 -21.99 -19.28 25.68
C GLU B 134 -21.49 -20.61 26.24
N ASP B 135 -20.77 -20.52 27.36
CA ASP B 135 -20.27 -21.65 28.13
C ASP B 135 -19.21 -22.45 27.35
N TYR B 136 -18.76 -21.90 26.22
CA TYR B 136 -17.69 -22.52 25.43
C TYR B 136 -16.43 -22.62 26.29
N PRO B 137 -15.77 -23.79 26.34
CA PRO B 137 -14.55 -23.92 27.14
C PRO B 137 -13.47 -22.95 26.72
N VAL B 138 -12.64 -22.55 27.69
CA VAL B 138 -11.64 -21.50 27.54
C VAL B 138 -10.27 -22.05 27.90
N ASP B 139 -9.28 -21.73 27.08
CA ASP B 139 -7.88 -22.10 27.32
C ASP B 139 -7.04 -20.83 27.46
N ILE B 140 -6.25 -20.75 28.53
CA ILE B 140 -5.47 -19.56 28.86
C ILE B 140 -3.99 -19.95 28.92
N TYR B 141 -3.15 -19.19 28.24
CA TYR B 141 -1.70 -19.34 28.32
C TYR B 141 -1.08 -18.00 28.67
N TYR B 142 -0.24 -17.97 29.69
CA TYR B 142 0.32 -16.73 30.23
C TYR B 142 1.79 -16.63 29.84
N LEU B 143 2.10 -15.74 28.91
CA LEU B 143 3.46 -15.54 28.39
C LEU B 143 4.11 -14.35 29.08
N MET B 144 4.48 -14.53 30.33
CA MET B 144 5.03 -13.43 31.13
C MET B 144 6.52 -13.24 30.87
N ASP B 145 6.93 -11.97 30.72
CA ASP B 145 8.33 -11.60 30.65
C ASP B 145 8.99 -11.73 32.01
N LEU B 146 10.29 -12.03 32.00
CA LEU B 146 11.03 -12.22 33.24
C LEU B 146 12.35 -11.45 33.26
N SER B 147 12.38 -10.28 32.64
CA SER B 147 13.54 -9.41 32.73
C SER B 147 13.65 -8.85 34.16
N TYR B 148 14.75 -8.13 34.41
CA TYR B 148 14.95 -7.56 35.74
C TYR B 148 14.01 -6.39 36.02
N SER B 149 13.51 -5.74 34.97
CA SER B 149 12.52 -4.68 35.14
C SER B 149 11.17 -5.21 35.59
N MET B 150 10.97 -6.53 35.55
CA MET B 150 9.70 -7.14 35.90
C MET B 150 9.84 -8.07 37.11
N LYS B 151 10.80 -7.78 37.98
CA LYS B 151 10.90 -8.50 39.24
C LYS B 151 9.74 -8.15 40.17
N ASP B 152 9.27 -6.90 40.11
CA ASP B 152 8.10 -6.51 40.88
C ASP B 152 6.83 -7.20 40.39
N ASP B 153 6.82 -7.65 39.13
CA ASP B 153 5.62 -8.23 38.56
C ASP B 153 5.37 -9.64 39.08
N LEU B 154 6.44 -10.39 39.33
CA LEU B 154 6.30 -11.78 39.77
C LEU B 154 5.61 -11.89 41.12
N TRP B 155 5.53 -10.81 41.88
CA TRP B 155 4.88 -10.85 43.19
C TRP B 155 3.38 -10.63 43.12
N SER B 156 2.83 -10.31 41.93
CA SER B 156 1.39 -10.16 41.77
C SER B 156 0.73 -11.34 41.08
N ILE B 157 1.44 -12.02 40.18
CA ILE B 157 0.92 -13.22 39.52
C ILE B 157 1.00 -14.44 40.42
N GLN B 158 1.58 -14.30 41.61
CA GLN B 158 1.81 -15.44 42.48
C GLN B 158 0.51 -16.10 42.95
N ASN B 159 -0.63 -15.42 42.81
CA ASN B 159 -1.92 -15.99 43.19
C ASN B 159 -2.97 -15.77 42.11
N LEU B 160 -2.58 -15.81 40.85
CA LEU B 160 -3.53 -15.79 39.76
C LEU B 160 -4.06 -17.21 39.54
N GLY B 161 -4.81 -17.44 38.48
CA GLY B 161 -5.35 -18.75 38.21
C GLY B 161 -6.61 -19.05 39.02
N THR B 162 -6.45 -19.23 40.33
CA THR B 162 -7.62 -19.43 41.18
C THR B 162 -8.53 -18.21 41.16
N LYS B 163 -7.95 -17.01 41.26
CA LYS B 163 -8.75 -15.80 41.10
C LYS B 163 -9.17 -15.60 39.66
N LEU B 164 -8.49 -16.22 38.70
CA LEU B 164 -8.99 -16.28 37.34
C LEU B 164 -10.11 -17.29 37.20
N ALA B 165 -10.01 -18.40 37.94
CA ALA B 165 -11.07 -19.42 37.90
C ALA B 165 -12.38 -18.88 38.47
N THR B 166 -12.31 -18.17 39.60
CA THR B 166 -13.53 -17.66 40.22
C THR B 166 -14.23 -16.62 39.35
N GLN B 167 -13.48 -15.86 38.56
CA GLN B 167 -14.06 -14.84 37.71
C GLN B 167 -14.27 -15.31 36.28
N MET B 168 -13.84 -16.53 35.94
CA MET B 168 -14.18 -17.14 34.66
C MET B 168 -15.29 -18.17 34.78
N ARG B 169 -15.60 -18.64 35.99
CA ARG B 169 -16.71 -19.56 36.16
C ARG B 169 -18.05 -18.93 35.84
N LYS B 170 -18.13 -17.61 35.75
CA LYS B 170 -19.34 -16.91 35.35
C LYS B 170 -19.48 -16.83 33.82
N LEU B 171 -18.47 -17.26 33.08
CA LEU B 171 -18.51 -17.24 31.62
C LEU B 171 -18.15 -18.58 30.97
N THR B 172 -17.63 -19.54 31.73
CA THR B 172 -17.16 -20.78 31.16
C THR B 172 -17.04 -21.83 32.26
N SER B 173 -17.41 -23.06 31.94
CA SER B 173 -17.33 -24.18 32.88
C SER B 173 -16.01 -24.93 32.79
N ASN B 174 -15.48 -25.14 31.58
CA ASN B 174 -14.24 -25.88 31.38
C ASN B 174 -13.12 -24.88 31.14
N LEU B 175 -12.29 -24.66 32.17
CA LEU B 175 -11.19 -23.70 32.11
C LEU B 175 -9.87 -24.41 32.40
N ARG B 176 -8.89 -24.20 31.53
CA ARG B 176 -7.54 -24.70 31.72
C ARG B 176 -6.54 -23.57 31.48
N ILE B 177 -5.46 -23.56 32.26
CA ILE B 177 -4.50 -22.46 32.24
C ILE B 177 -3.09 -23.00 32.15
N GLY B 178 -2.18 -22.15 31.66
CA GLY B 178 -0.78 -22.50 31.52
C GLY B 178 0.11 -21.28 31.68
N PHE B 179 1.42 -21.54 31.72
CA PHE B 179 2.41 -20.52 32.02
C PHE B 179 3.58 -20.63 31.05
N GLY B 180 4.30 -19.52 30.89
CA GLY B 180 5.49 -19.47 30.06
C GLY B 180 6.43 -18.40 30.56
N ALA B 181 7.52 -18.22 29.83
CA ALA B 181 8.51 -17.21 30.18
C ALA B 181 9.42 -16.96 28.99
N PHE B 182 10.14 -15.83 29.04
CA PHE B 182 11.06 -15.42 28.00
C PHE B 182 11.81 -14.19 28.48
N VAL B 183 13.08 -14.06 28.07
CA VAL B 183 13.82 -12.83 28.31
C VAL B 183 14.37 -12.26 27.00
N ASP B 184 15.31 -12.99 26.40
CA ASP B 184 16.01 -12.56 25.19
C ASP B 184 17.01 -13.62 24.76
N LYS B 185 17.69 -13.41 23.63
CA LYS B 185 18.61 -14.42 23.13
C LYS B 185 19.89 -14.45 23.97
N PRO B 186 20.40 -15.63 24.30
CA PRO B 186 21.66 -15.75 25.07
C PRO B 186 22.90 -15.63 24.20
N VAL B 187 23.16 -14.42 23.72
CA VAL B 187 24.28 -14.15 22.83
C VAL B 187 24.95 -12.84 23.26
N SER B 188 26.18 -12.65 22.78
CA SER B 188 27.13 -11.67 23.32
C SER B 188 26.63 -10.24 23.40
N PRO B 189 26.06 -9.64 22.35
CA PRO B 189 25.62 -8.24 22.46
C PRO B 189 24.47 -8.03 23.42
N TYR B 190 23.78 -9.09 23.85
CA TYR B 190 22.62 -8.95 24.71
C TYR B 190 22.85 -9.39 26.15
N MET B 191 23.80 -10.28 26.42
CA MET B 191 24.10 -10.69 27.79
C MET B 191 25.46 -10.17 28.21
N TYR B 192 25.76 -10.39 29.48
CA TYR B 192 27.06 -10.08 30.05
C TYR B 192 27.91 -11.34 30.07
N ILE B 193 29.05 -11.30 29.40
CA ILE B 193 29.94 -12.46 29.29
C ILE B 193 31.26 -12.21 30.02
N SER B 194 31.31 -11.19 30.88
CA SER B 194 32.52 -10.89 31.64
C SER B 194 32.08 -10.11 32.88
N PRO B 195 32.63 -10.41 34.07
CA PRO B 195 33.67 -11.41 34.40
C PRO B 195 33.20 -12.85 34.22
N PRO B 196 34.09 -13.84 34.32
CA PRO B 196 33.66 -15.23 34.13
C PRO B 196 32.58 -15.69 35.10
N GLU B 197 32.48 -15.06 36.28
CA GLU B 197 31.42 -15.39 37.22
C GLU B 197 30.11 -14.71 36.89
N ALA B 198 30.07 -13.86 35.86
CA ALA B 198 28.85 -13.21 35.44
C ALA B 198 28.14 -13.94 34.30
N LEU B 199 28.64 -15.11 33.92
CA LEU B 199 27.95 -15.96 32.96
C LEU B 199 26.92 -16.87 33.62
N GLU B 200 26.98 -17.03 34.94
CA GLU B 200 25.99 -17.78 35.69
C GLU B 200 25.18 -16.91 36.64
N ASN B 201 25.41 -15.60 36.62
CA ASN B 201 24.75 -14.65 37.51
C ASN B 201 24.83 -13.25 36.89
N PRO B 202 24.03 -12.97 35.87
CA PRO B 202 24.21 -11.73 35.10
C PRO B 202 24.03 -10.45 35.91
N CYS B 203 23.77 -10.57 37.20
CA CYS B 203 23.69 -9.43 38.12
C CYS B 203 24.82 -9.49 39.13
N TYR B 204 26.02 -9.81 38.66
CA TYR B 204 27.16 -9.96 39.55
C TYR B 204 27.50 -8.67 40.28
N ASP B 205 27.46 -7.54 39.57
CA ASP B 205 27.88 -6.27 40.16
C ASP B 205 26.99 -5.88 41.33
N MET B 206 25.68 -5.95 41.17
CA MET B 206 24.79 -5.75 42.31
C MET B 206 24.78 -6.99 43.20
N LYS B 207 24.30 -6.80 44.43
CA LYS B 207 24.30 -7.87 45.42
C LYS B 207 23.00 -8.69 45.33
N THR B 208 22.78 -9.26 44.15
CA THR B 208 21.63 -10.11 43.89
C THR B 208 22.10 -11.38 43.18
N THR B 209 21.21 -12.38 43.13
CA THR B 209 21.48 -13.65 42.47
C THR B 209 20.38 -13.90 41.44
N CYS B 210 20.58 -13.35 40.24
CA CYS B 210 19.62 -13.56 39.16
C CYS B 210 19.90 -14.90 38.47
N LEU B 211 18.85 -15.44 37.87
CA LEU B 211 18.99 -16.70 37.17
C LEU B 211 19.69 -16.52 35.84
N PRO B 212 20.38 -17.55 35.34
CA PRO B 212 21.07 -17.42 34.06
C PRO B 212 20.10 -17.08 32.93
N MET B 213 20.59 -16.29 31.99
CA MET B 213 19.76 -15.77 30.91
C MET B 213 19.31 -16.89 29.99
N PHE B 214 18.04 -16.83 29.56
CA PHE B 214 17.43 -17.87 28.74
C PHE B 214 16.56 -17.22 27.69
N GLY B 215 15.96 -18.04 26.83
CA GLY B 215 15.10 -17.52 25.79
C GLY B 215 13.64 -17.95 25.89
N TYR B 216 13.40 -19.16 26.38
CA TYR B 216 12.04 -19.65 26.56
C TYR B 216 12.11 -20.89 27.43
N LYS B 217 11.33 -20.93 28.51
CA LYS B 217 11.37 -22.02 29.48
C LYS B 217 9.96 -22.44 29.88
N HIS B 218 9.11 -22.71 28.89
CA HIS B 218 7.73 -23.14 29.11
C HIS B 218 7.62 -24.10 30.29
N VAL B 219 6.73 -23.77 31.22
CA VAL B 219 6.68 -24.42 32.52
C VAL B 219 5.47 -25.36 32.64
N LEU B 220 4.28 -24.87 32.30
CA LEU B 220 3.04 -25.59 32.56
C LEU B 220 2.33 -25.95 31.27
N THR B 221 1.87 -27.20 31.18
CA THR B 221 0.93 -27.60 30.17
C THR B 221 -0.48 -27.21 30.59
N LEU B 222 -1.35 -26.96 29.62
CA LEU B 222 -2.71 -26.57 29.90
C LEU B 222 -3.44 -27.65 30.68
N THR B 223 -3.79 -27.37 31.93
CA THR B 223 -4.45 -28.33 32.80
C THR B 223 -5.76 -27.75 33.32
N ASP B 224 -6.79 -28.60 33.39
CA ASP B 224 -8.06 -28.17 33.98
C ASP B 224 -7.87 -27.77 35.44
N GLN B 225 -6.96 -28.42 36.15
CA GLN B 225 -6.66 -28.06 37.52
C GLN B 225 -6.02 -26.67 37.56
N VAL B 226 -6.37 -25.89 38.59
CA VAL B 226 -5.90 -24.52 38.74
C VAL B 226 -4.96 -24.35 39.92
N THR B 227 -4.65 -25.41 40.64
CA THR B 227 -3.75 -25.32 41.78
C THR B 227 -2.28 -25.41 41.40
N ARG B 228 -1.97 -25.58 40.11
CA ARG B 228 -0.60 -25.63 39.63
C ARG B 228 -0.10 -24.29 39.11
N PHE B 229 -0.99 -23.50 38.49
CA PHE B 229 -0.63 -22.13 38.13
C PHE B 229 -0.27 -21.31 39.36
N ASN B 230 -0.83 -21.66 40.52
CA ASN B 230 -0.46 -20.97 41.74
C ASN B 230 0.82 -21.53 42.34
N GLU B 231 1.04 -22.85 42.22
CA GLU B 231 2.14 -23.52 42.89
C GLU B 231 3.43 -23.53 42.07
N GLU B 232 3.39 -23.09 40.83
CA GLU B 232 4.60 -23.04 40.00
C GLU B 232 5.15 -21.65 39.77
N VAL B 233 4.31 -20.61 39.80
CA VAL B 233 4.84 -19.25 39.72
C VAL B 233 5.58 -18.89 41.00
N LYS B 234 5.37 -19.65 42.07
CA LYS B 234 6.13 -19.49 43.30
C LYS B 234 7.55 -20.04 43.18
N LYS B 235 7.98 -20.41 41.98
CA LYS B 235 9.31 -20.96 41.76
C LYS B 235 10.13 -20.23 40.70
N GLN B 236 9.51 -19.42 39.85
CA GLN B 236 10.26 -18.68 38.84
C GLN B 236 11.10 -17.58 39.48
N SER B 237 12.11 -17.13 38.72
CA SER B 237 12.95 -16.01 39.13
C SER B 237 13.20 -15.14 37.90
N VAL B 238 14.00 -14.10 38.08
CA VAL B 238 14.25 -13.13 37.03
C VAL B 238 15.65 -13.32 36.47
N SER B 239 15.93 -12.61 35.37
CA SER B 239 17.24 -12.61 34.74
C SER B 239 17.56 -11.15 34.41
N ARG B 240 18.62 -10.93 33.62
CA ARG B 240 19.04 -9.57 33.31
C ARG B 240 19.77 -9.58 31.97
N ASN B 241 19.15 -9.00 30.96
CA ASN B 241 19.81 -8.74 29.68
C ASN B 241 20.51 -7.40 29.75
N ARG B 242 20.95 -6.88 28.61
CA ARG B 242 21.66 -5.61 28.55
C ARG B 242 20.85 -4.50 27.88
N ASP B 243 20.40 -4.72 26.65
CA ASP B 243 19.64 -3.71 25.94
C ASP B 243 18.16 -3.81 26.28
N ALA B 244 17.50 -2.64 26.27
CA ALA B 244 16.13 -2.55 26.78
C ALA B 244 15.12 -3.44 26.04
N PRO B 245 15.10 -3.53 24.71
CA PRO B 245 14.15 -4.44 24.07
C PRO B 245 14.36 -5.88 24.52
N GLU B 246 13.25 -6.59 24.66
CA GLU B 246 13.26 -7.98 25.10
C GLU B 246 12.84 -8.88 23.95
N GLY B 247 13.33 -10.11 23.97
CA GLY B 247 13.03 -11.05 22.90
C GLY B 247 11.65 -11.65 23.00
N GLY B 248 10.62 -10.83 22.72
CA GLY B 248 9.26 -11.27 22.91
C GLY B 248 8.72 -12.15 21.80
N PHE B 249 9.09 -11.86 20.56
CA PHE B 249 8.52 -12.57 19.42
C PHE B 249 9.09 -13.98 19.25
N ASP B 250 10.17 -14.31 19.97
CA ASP B 250 10.67 -15.68 19.97
C ASP B 250 9.74 -16.63 20.70
N ALA B 251 8.91 -16.11 21.61
CA ALA B 251 8.03 -16.95 22.41
C ALA B 251 6.63 -17.10 21.81
N ILE B 252 6.16 -16.09 21.07
CA ILE B 252 4.83 -16.15 20.46
C ILE B 252 4.91 -16.99 19.19
N MET B 253 6.12 -17.42 18.85
CA MET B 253 6.33 -18.40 17.78
C MET B 253 6.46 -19.83 18.27
N GLN B 254 6.88 -20.03 19.52
CA GLN B 254 7.02 -21.37 20.06
C GLN B 254 5.84 -21.80 20.91
N ALA B 255 5.11 -20.86 21.51
CA ALA B 255 3.87 -21.22 22.19
C ALA B 255 2.76 -21.51 21.19
N THR B 256 2.81 -20.88 20.02
CA THR B 256 1.80 -21.10 18.99
C THR B 256 1.99 -22.45 18.29
N VAL B 257 3.23 -22.80 17.97
CA VAL B 257 3.50 -23.93 17.07
C VAL B 257 3.56 -25.25 17.83
N CYS B 258 4.22 -25.30 18.98
CA CYS B 258 4.39 -26.55 19.71
C CYS B 258 3.10 -26.93 20.44
N ASP B 259 2.04 -27.11 19.66
CA ASP B 259 0.71 -27.36 20.22
C ASP B 259 0.62 -28.69 20.95
N GLU B 260 1.50 -29.64 20.64
CA GLU B 260 1.47 -30.92 21.34
C GLU B 260 2.01 -30.82 22.77
N LYS B 261 2.80 -29.80 23.06
CA LYS B 261 3.31 -29.59 24.41
C LYS B 261 2.59 -28.47 25.16
N ILE B 262 2.09 -27.46 24.46
CA ILE B 262 1.29 -26.43 25.12
C ILE B 262 0.02 -27.02 25.69
N GLY B 263 -0.66 -27.86 24.91
CA GLY B 263 -1.90 -28.47 25.34
C GLY B 263 -3.15 -27.87 24.74
N TRP B 264 -3.06 -27.24 23.57
CA TRP B 264 -4.23 -26.64 22.94
C TRP B 264 -5.29 -27.68 22.65
N ARG B 265 -6.53 -27.38 23.02
CA ARG B 265 -7.64 -28.24 22.66
C ARG B 265 -8.22 -27.83 21.31
N ASN B 266 -8.88 -28.77 20.66
CA ASN B 266 -9.47 -28.53 19.34
C ASN B 266 -10.84 -27.87 19.40
N ASP B 267 -11.47 -27.82 20.58
CA ASP B 267 -12.82 -27.30 20.71
C ASP B 267 -12.93 -26.36 21.91
N ALA B 268 -11.98 -25.43 22.02
CA ALA B 268 -11.96 -24.47 23.13
C ALA B 268 -11.57 -23.11 22.59
N SER B 269 -11.58 -22.12 23.48
CA SER B 269 -11.18 -20.76 23.14
C SER B 269 -9.73 -20.55 23.59
N HIS B 270 -8.86 -20.24 22.62
CA HIS B 270 -7.43 -20.13 22.87
C HIS B 270 -7.08 -18.68 23.18
N LEU B 271 -6.51 -18.44 24.36
CA LEU B 271 -6.10 -17.12 24.79
C LEU B 271 -4.61 -17.12 25.09
N LEU B 272 -3.90 -16.16 24.52
CA LEU B 272 -2.46 -16.02 24.70
C LEU B 272 -2.20 -14.65 25.33
N VAL B 273 -1.97 -14.63 26.63
CA VAL B 273 -1.73 -13.40 27.37
C VAL B 273 -0.23 -13.09 27.30
N PHE B 274 0.10 -11.86 26.89
CA PHE B 274 1.48 -11.48 26.57
C PHE B 274 1.81 -10.20 27.35
N THR B 275 2.41 -10.35 28.52
CA THR B 275 2.78 -9.21 29.35
C THR B 275 4.23 -8.84 29.10
N THR B 276 4.48 -7.55 28.82
CA THR B 276 5.81 -7.06 28.51
C THR B 276 5.97 -5.68 29.13
N ASP B 277 7.19 -5.13 29.04
CA ASP B 277 7.47 -3.85 29.66
C ASP B 277 8.36 -2.98 28.77
N ALA B 278 8.58 -3.36 27.51
CA ALA B 278 9.48 -2.61 26.65
C ALA B 278 9.23 -2.99 25.20
N LYS B 279 9.97 -2.35 24.31
CA LYS B 279 9.91 -2.70 22.90
C LYS B 279 10.37 -4.15 22.71
N THR B 280 10.09 -4.70 21.53
CA THR B 280 10.39 -6.08 21.25
C THR B 280 11.24 -6.19 19.98
N HIS B 281 12.12 -7.18 19.97
CA HIS B 281 12.98 -7.42 18.82
C HIS B 281 12.20 -8.09 17.71
N ILE B 282 12.43 -7.62 16.48
CA ILE B 282 11.80 -8.21 15.29
C ILE B 282 12.89 -8.81 14.42
N ALA B 283 12.50 -9.37 13.28
CA ALA B 283 13.45 -10.03 12.40
C ALA B 283 14.53 -9.05 11.94
N LEU B 284 15.70 -9.60 11.61
CA LEU B 284 16.92 -8.90 11.19
C LEU B 284 17.58 -8.13 12.32
N ASP B 285 17.01 -8.15 13.53
CA ASP B 285 17.72 -7.60 14.69
C ASP B 285 18.86 -8.49 15.14
N GLY B 286 18.86 -9.76 14.73
CA GLY B 286 19.88 -10.70 15.14
C GLY B 286 21.21 -10.54 14.46
N ARG B 287 21.26 -9.82 13.33
CA ARG B 287 22.54 -9.60 12.66
C ARG B 287 23.50 -8.79 13.50
N LEU B 288 23.02 -8.11 14.54
CA LEU B 288 23.91 -7.44 15.48
C LEU B 288 24.71 -8.43 16.32
N ALA B 289 24.39 -9.72 16.25
CA ALA B 289 25.04 -10.73 17.05
C ALA B 289 25.72 -11.82 16.23
N GLY B 290 25.46 -11.91 14.94
CA GLY B 290 26.09 -12.93 14.13
C GLY B 290 25.08 -13.86 13.48
N ILE B 291 24.01 -14.16 14.20
CA ILE B 291 22.97 -15.05 13.71
C ILE B 291 22.29 -14.39 12.51
N VAL B 292 22.26 -15.09 11.38
CA VAL B 292 21.69 -14.55 10.15
C VAL B 292 20.75 -15.56 9.52
N GLN B 293 20.43 -16.62 10.25
CA GLN B 293 19.56 -17.67 9.70
C GLN B 293 18.10 -17.34 9.95
N PRO B 294 17.28 -17.25 8.91
CA PRO B 294 15.86 -16.91 9.12
C PRO B 294 15.14 -17.95 9.96
N ASN B 295 14.12 -17.49 10.68
CA ASN B 295 13.30 -18.37 11.51
C ASN B 295 12.41 -19.22 10.61
N ASP B 296 12.61 -20.55 10.69
CA ASP B 296 11.80 -21.45 9.88
C ASP B 296 10.34 -21.45 10.35
N GLY B 297 10.12 -21.41 11.66
CA GLY B 297 8.79 -21.38 12.21
C GLY B 297 8.27 -22.70 12.74
N GLN B 298 9.10 -23.74 12.76
CA GLN B 298 8.68 -25.04 13.27
C GLN B 298 8.89 -25.10 14.78
N CYS B 299 8.60 -26.27 15.35
CA CYS B 299 8.64 -26.46 16.80
C CYS B 299 10.04 -26.94 17.20
N HIS B 300 10.74 -26.13 17.99
CA HIS B 300 12.10 -26.44 18.40
C HIS B 300 12.22 -26.71 19.90
N VAL B 301 11.12 -26.73 20.63
CA VAL B 301 11.15 -27.02 22.05
C VAL B 301 11.35 -28.52 22.22
N GLY B 302 12.39 -28.90 22.94
CA GLY B 302 12.75 -30.30 23.14
C GLY B 302 12.09 -30.91 24.35
N SER B 303 12.77 -31.90 24.92
CA SER B 303 12.26 -32.59 26.11
C SER B 303 12.62 -31.86 27.41
N ASP B 304 13.45 -30.83 27.35
CA ASP B 304 13.82 -30.05 28.51
C ASP B 304 13.00 -28.79 28.66
N ASN B 305 12.01 -28.57 27.79
CA ASN B 305 11.17 -27.38 27.81
C ASN B 305 12.02 -26.11 27.67
N HIS B 306 12.71 -26.02 26.53
CA HIS B 306 13.60 -24.90 26.28
C HIS B 306 13.74 -24.70 24.77
N TYR B 307 13.78 -23.44 24.36
CA TYR B 307 14.02 -23.10 22.96
C TYR B 307 15.48 -23.37 22.66
N SER B 308 15.76 -24.52 22.05
CA SER B 308 17.14 -24.95 21.84
C SER B 308 17.83 -24.16 20.73
N ALA B 309 17.09 -23.71 19.72
CA ALA B 309 17.65 -22.99 18.58
C ALA B 309 17.57 -21.49 18.75
N SER B 310 17.59 -20.98 19.99
CA SER B 310 17.48 -19.55 20.20
C SER B 310 18.74 -18.82 19.77
N THR B 311 19.91 -19.41 20.01
CA THR B 311 21.19 -18.77 19.73
C THR B 311 21.71 -19.06 18.33
N THR B 312 20.93 -19.74 17.50
CA THR B 312 21.35 -20.06 16.13
C THR B 312 20.35 -19.63 15.08
N MET B 313 19.20 -19.05 15.45
CA MET B 313 18.18 -18.66 14.51
C MET B 313 17.72 -17.24 14.82
N ASP B 314 17.31 -16.53 13.77
CA ASP B 314 16.95 -15.12 13.89
C ASP B 314 15.60 -14.97 14.60
N TYR B 315 15.17 -13.72 14.75
CA TYR B 315 13.86 -13.40 15.26
C TYR B 315 12.81 -13.54 14.15
N PRO B 316 11.56 -13.84 14.49
CA PRO B 316 10.53 -13.96 13.47
C PRO B 316 9.89 -12.61 13.15
N SER B 317 9.63 -12.40 11.86
CA SER B 317 8.98 -11.18 11.41
C SER B 317 7.50 -11.21 11.79
N LEU B 318 6.83 -10.08 11.55
CA LEU B 318 5.41 -9.97 11.89
C LEU B 318 4.57 -10.93 11.06
N GLY B 319 4.89 -11.09 9.78
CA GLY B 319 4.08 -11.91 8.90
C GLY B 319 4.03 -13.36 9.33
N LEU B 320 5.19 -13.92 9.72
CA LEU B 320 5.21 -15.30 10.21
C LEU B 320 4.37 -15.45 11.46
N MET B 321 4.45 -14.48 12.37
CA MET B 321 3.66 -14.55 13.60
C MET B 321 2.17 -14.52 13.29
N THR B 322 1.75 -13.61 12.41
CA THR B 322 0.33 -13.54 12.07
C THR B 322 -0.14 -14.83 11.39
N GLU B 323 0.67 -15.38 10.49
CA GLU B 323 0.28 -16.61 9.80
C GLU B 323 0.14 -17.76 10.77
N LYS B 324 1.12 -17.92 11.68
CA LYS B 324 1.07 -19.04 12.62
C LYS B 324 -0.05 -18.86 13.64
N LEU B 325 -0.32 -17.63 14.06
CA LEU B 325 -1.45 -17.40 14.97
C LEU B 325 -2.77 -17.70 14.27
N SER B 326 -2.90 -17.30 13.00
CA SER B 326 -4.13 -17.56 12.27
C SER B 326 -4.37 -19.04 12.05
N GLN B 327 -3.30 -19.78 11.73
CA GLN B 327 -3.48 -21.21 11.43
C GLN B 327 -3.90 -22.00 12.66
N LYS B 328 -3.41 -21.64 13.85
CA LYS B 328 -3.69 -22.39 15.06
C LYS B 328 -4.87 -21.85 15.86
N ASN B 329 -5.56 -20.82 15.35
CA ASN B 329 -6.74 -20.26 16.00
C ASN B 329 -6.42 -19.80 17.43
N ILE B 330 -5.53 -18.81 17.51
CA ILE B 330 -5.05 -18.31 18.79
C ILE B 330 -5.32 -16.82 18.87
N ASN B 331 -5.84 -16.37 20.01
CA ASN B 331 -6.08 -14.96 20.27
C ASN B 331 -4.97 -14.43 21.17
N LEU B 332 -4.36 -13.32 20.77
CA LEU B 332 -3.23 -12.73 21.48
C LEU B 332 -3.71 -11.48 22.21
N ILE B 333 -3.51 -11.45 23.52
CA ILE B 333 -3.92 -10.33 24.36
C ILE B 333 -2.67 -9.66 24.89
N PHE B 334 -2.43 -8.42 24.47
CA PHE B 334 -1.29 -7.65 24.96
C PHE B 334 -1.59 -7.10 26.35
N ALA B 335 -0.59 -7.13 27.22
CA ALA B 335 -0.69 -6.66 28.60
C ALA B 335 0.42 -5.66 28.89
N VAL B 336 0.57 -4.69 28.00
CA VAL B 336 1.70 -3.78 28.00
C VAL B 336 1.49 -2.63 28.98
N THR B 337 2.56 -1.89 29.27
CA THR B 337 2.51 -0.78 30.21
C THR B 337 2.24 0.53 29.48
N GLU B 338 2.21 1.63 30.24
CA GLU B 338 1.85 2.93 29.66
C GLU B 338 2.92 3.46 28.72
N ASN B 339 4.19 3.13 28.98
CA ASN B 339 5.27 3.65 28.14
C ASN B 339 5.17 3.15 26.71
N VAL B 340 4.79 1.90 26.53
CA VAL B 340 4.87 1.21 25.24
C VAL B 340 3.48 0.87 24.70
N VAL B 341 2.42 1.38 25.33
CA VAL B 341 1.08 1.06 24.90
C VAL B 341 0.81 1.62 23.51
N ASN B 342 1.35 2.79 23.19
CA ASN B 342 1.18 3.33 21.85
C ASN B 342 1.83 2.44 20.80
N LEU B 343 3.06 1.99 21.08
CA LEU B 343 3.76 1.11 20.14
C LEU B 343 2.99 -0.18 19.92
N TYR B 344 2.49 -0.79 21.00
CA TYR B 344 1.79 -2.06 20.84
C TYR B 344 0.38 -1.89 20.28
N GLN B 345 -0.28 -0.77 20.54
CA GLN B 345 -1.54 -0.48 19.89
C GLN B 345 -1.35 -0.30 18.39
N ASN B 346 -0.21 0.25 17.99
CA ASN B 346 0.09 0.51 16.56
C ASN B 346 0.56 -0.77 15.93
N TYR B 347 1.09 -1.71 16.72
CA TYR B 347 1.37 -3.06 16.24
C TYR B 347 0.10 -3.85 16.00
N SER B 348 -0.83 -3.81 16.96
CA SER B 348 -1.97 -4.72 16.92
C SER B 348 -2.90 -4.47 15.73
N GLU B 349 -2.77 -3.33 15.06
CA GLU B 349 -3.56 -3.10 13.85
C GLU B 349 -3.12 -4.00 12.70
N LEU B 350 -1.89 -4.50 12.73
CA LEU B 350 -1.37 -5.39 11.70
C LEU B 350 -1.55 -6.86 12.03
N ILE B 351 -2.07 -7.19 13.21
CA ILE B 351 -2.30 -8.55 13.64
C ILE B 351 -3.79 -8.73 13.91
N PRO B 352 -4.53 -9.32 12.98
CA PRO B 352 -5.97 -9.50 13.19
C PRO B 352 -6.25 -10.42 14.36
N GLY B 353 -7.30 -10.09 15.11
CA GLY B 353 -7.68 -10.87 16.28
C GLY B 353 -6.76 -10.64 17.47
N THR B 354 -6.58 -9.38 17.87
CA THR B 354 -5.76 -9.03 19.01
C THR B 354 -6.44 -7.91 19.78
N THR B 355 -5.89 -7.61 20.96
CA THR B 355 -6.45 -6.59 21.82
C THR B 355 -5.39 -6.12 22.80
N VAL B 356 -5.12 -4.82 22.82
CA VAL B 356 -4.13 -4.26 23.72
C VAL B 356 -4.83 -3.87 25.03
N GLY B 357 -4.03 -3.76 26.10
CA GLY B 357 -4.55 -3.35 27.38
C GLY B 357 -3.48 -2.73 28.27
N VAL B 358 -3.79 -1.57 28.84
CA VAL B 358 -2.81 -0.87 29.67
C VAL B 358 -2.65 -1.63 30.98
N LEU B 359 -1.44 -2.10 31.25
CA LEU B 359 -1.14 -2.82 32.47
C LEU B 359 -0.35 -1.95 33.42
N SER B 360 -0.63 -2.10 34.71
CA SER B 360 0.09 -1.35 35.73
C SER B 360 1.56 -1.76 35.75
N MET B 361 2.35 -1.05 36.55
CA MET B 361 3.77 -1.34 36.66
C MET B 361 4.05 -2.61 37.47
N ASP B 362 3.04 -3.17 38.14
CA ASP B 362 3.22 -4.40 38.91
C ASP B 362 2.04 -5.36 38.75
N SER B 363 1.31 -5.29 37.63
CA SER B 363 0.20 -6.20 37.32
C SER B 363 -0.82 -6.28 38.46
N SER B 364 -1.19 -5.12 38.98
CA SER B 364 -2.29 -5.07 39.93
C SER B 364 -3.65 -5.20 39.27
N ASN B 365 -3.70 -5.16 37.93
CA ASN B 365 -4.95 -5.16 37.19
C ASN B 365 -4.90 -6.15 36.03
N VAL B 366 -4.14 -7.23 36.17
CA VAL B 366 -4.03 -8.21 35.09
C VAL B 366 -5.32 -9.01 34.96
N LEU B 367 -5.97 -9.31 36.09
CA LEU B 367 -7.18 -10.14 36.06
C LEU B 367 -8.31 -9.44 35.31
N GLN B 368 -8.61 -8.20 35.69
CA GLN B 368 -9.65 -7.45 35.00
C GLN B 368 -9.28 -7.20 33.56
N LEU B 369 -8.00 -7.00 33.27
CA LEU B 369 -7.57 -6.84 31.89
C LEU B 369 -7.88 -8.09 31.07
N ILE B 370 -7.59 -9.28 31.64
CA ILE B 370 -7.88 -10.51 30.92
C ILE B 370 -9.38 -10.66 30.70
N VAL B 371 -10.17 -10.38 31.73
CA VAL B 371 -11.63 -10.56 31.61
C VAL B 371 -12.20 -9.61 30.55
N ASP B 372 -11.78 -8.34 30.59
CA ASP B 372 -12.28 -7.37 29.63
C ASP B 372 -11.79 -7.67 28.22
N ALA B 373 -10.56 -8.18 28.08
CA ALA B 373 -10.09 -8.58 26.74
C ALA B 373 -10.88 -9.76 26.21
N TYR B 374 -11.23 -10.70 27.08
CA TYR B 374 -12.10 -11.81 26.68
C TYR B 374 -13.46 -11.28 26.23
N GLY B 375 -14.00 -10.31 26.95
CA GLY B 375 -15.25 -9.70 26.54
C GLY B 375 -15.15 -9.00 25.20
N LYS B 376 -14.03 -8.30 24.97
CA LYS B 376 -13.86 -7.52 23.74
C LYS B 376 -13.59 -8.41 22.53
N ILE B 377 -12.93 -9.54 22.70
CA ILE B 377 -12.64 -10.41 21.56
C ILE B 377 -13.85 -11.21 21.14
N ARG B 378 -14.80 -11.44 22.03
CA ARG B 378 -16.02 -12.19 21.72
C ARG B 378 -17.16 -11.29 21.27
N SER B 379 -16.89 -10.00 21.07
CA SER B 379 -17.88 -9.04 20.61
C SER B 379 -17.56 -8.56 19.20
N LYS B 380 -17.06 -9.46 18.37
CA LYS B 380 -16.72 -9.14 16.99
C LYS B 380 -16.60 -10.43 16.20
N VAL B 381 -17.17 -10.44 15.00
CA VAL B 381 -17.11 -11.59 14.10
C VAL B 381 -16.50 -11.13 12.79
N GLU B 382 -15.34 -11.70 12.46
CA GLU B 382 -14.59 -11.31 11.26
C GLU B 382 -14.22 -12.57 10.50
N LEU B 383 -14.85 -12.78 9.35
CA LEU B 383 -14.51 -13.91 8.50
C LEU B 383 -13.14 -13.71 7.85
N GLU B 384 -12.50 -14.83 7.52
CA GLU B 384 -11.20 -14.79 6.86
C GLU B 384 -11.12 -15.96 5.90
N VAL B 385 -11.20 -15.68 4.60
CA VAL B 385 -11.12 -16.74 3.60
C VAL B 385 -9.71 -17.32 3.59
N ARG B 386 -9.62 -18.65 3.57
CA ARG B 386 -8.35 -19.36 3.58
C ARG B 386 -8.27 -20.27 2.37
N ASP B 387 -7.13 -20.23 1.68
CA ASP B 387 -6.88 -21.02 0.47
C ASP B 387 -7.95 -20.68 -0.57
N LEU B 388 -7.93 -19.42 -0.98
CA LEU B 388 -8.87 -18.92 -1.98
C LEU B 388 -8.32 -19.14 -3.37
N PRO B 389 -9.05 -19.81 -4.26
CA PRO B 389 -8.54 -19.99 -5.63
C PRO B 389 -8.37 -18.65 -6.33
N GLU B 390 -7.40 -18.61 -7.24
CA GLU B 390 -7.05 -17.36 -7.92
C GLU B 390 -8.17 -16.85 -8.82
N GLU B 391 -9.15 -17.69 -9.13
CA GLU B 391 -10.23 -17.33 -10.06
C GLU B 391 -11.49 -16.84 -9.35
N LEU B 392 -11.47 -16.72 -8.02
CA LEU B 392 -12.67 -16.40 -7.26
C LEU B 392 -12.46 -15.13 -6.43
N SER B 393 -13.48 -14.29 -6.40
CA SER B 393 -13.52 -13.10 -5.56
C SER B 393 -14.78 -13.12 -4.71
N LEU B 394 -14.67 -12.63 -3.48
CA LEU B 394 -15.76 -12.72 -2.52
C LEU B 394 -16.07 -11.34 -1.95
N SER B 395 -17.34 -10.95 -2.01
CA SER B 395 -17.84 -9.71 -1.44
C SER B 395 -18.98 -10.02 -0.48
N PHE B 396 -19.00 -9.32 0.65
CA PHE B 396 -19.88 -9.65 1.75
C PHE B 396 -20.88 -8.53 2.03
N ASN B 397 -21.84 -8.73 2.94
CA ASN B 397 -22.84 -7.70 3.25
C ASN B 397 -23.41 -7.98 4.63
N ALA B 398 -22.70 -7.66 5.67
CA ALA B 398 -23.01 -7.96 7.06
C ALA B 398 -24.44 -7.61 7.40
N THR B 399 -25.10 -8.46 8.18
CA THR B 399 -26.44 -8.22 8.71
C THR B 399 -26.42 -8.57 10.19
N CYS B 400 -26.02 -7.60 11.01
CA CYS B 400 -25.87 -7.73 12.44
C CYS B 400 -27.14 -7.26 13.16
N LEU B 401 -27.02 -7.00 14.46
CA LEU B 401 -28.15 -6.68 15.34
C LEU B 401 -29.16 -5.77 14.65
N ASN B 402 -30.44 -6.05 14.91
CA ASN B 402 -31.58 -5.53 14.14
C ASN B 402 -31.42 -6.10 12.73
N ASN B 403 -31.66 -5.32 11.68
CA ASN B 403 -31.49 -5.76 10.30
C ASN B 403 -30.72 -4.72 9.51
N GLU B 404 -29.69 -4.13 10.12
CA GLU B 404 -28.92 -3.06 9.49
C GLU B 404 -27.88 -3.68 8.57
N VAL B 405 -28.27 -3.91 7.32
CA VAL B 405 -27.30 -4.40 6.33
C VAL B 405 -26.35 -3.26 5.98
N ILE B 406 -25.05 -3.56 6.03
CA ILE B 406 -24.02 -2.58 5.74
C ILE B 406 -23.15 -3.07 4.59
N PRO B 407 -23.42 -2.65 3.36
CA PRO B 407 -22.69 -3.19 2.21
C PRO B 407 -21.18 -3.03 2.34
N GLY B 408 -20.46 -4.05 1.89
CA GLY B 408 -19.01 -4.06 1.86
C GLY B 408 -18.35 -4.68 3.07
N LEU B 409 -18.89 -4.42 4.26
CA LEU B 409 -18.25 -4.86 5.50
C LEU B 409 -18.46 -6.36 5.70
N LYS B 410 -17.38 -7.07 6.01
CA LYS B 410 -17.44 -8.48 6.38
C LYS B 410 -17.14 -8.69 7.86
N SER B 411 -17.51 -7.72 8.68
CA SER B 411 -17.29 -7.77 10.12
C SER B 411 -18.27 -6.80 10.78
N CYS B 412 -18.42 -6.93 12.10
CA CYS B 412 -19.20 -5.97 12.86
C CYS B 412 -18.99 -6.18 14.34
N MET B 413 -19.16 -5.10 15.09
CA MET B 413 -18.91 -5.04 16.52
C MET B 413 -20.22 -4.86 17.28
N GLY B 414 -20.11 -4.63 18.59
CA GLY B 414 -21.27 -4.39 19.42
C GLY B 414 -22.02 -5.62 19.85
N LEU B 415 -21.53 -6.81 19.52
CA LEU B 415 -22.19 -8.04 19.91
C LEU B 415 -22.00 -8.32 21.40
N LYS B 416 -22.82 -9.23 21.91
CA LYS B 416 -22.63 -9.82 23.22
C LYS B 416 -22.64 -11.33 23.07
N ILE B 417 -22.29 -12.04 24.15
CA ILE B 417 -22.13 -13.48 24.09
C ILE B 417 -23.49 -14.13 23.91
N GLY B 418 -23.76 -14.59 22.69
CA GLY B 418 -25.04 -15.22 22.39
C GLY B 418 -25.73 -14.64 21.17
N ASP B 419 -25.09 -13.66 20.51
CA ASP B 419 -25.69 -12.98 19.38
C ASP B 419 -25.38 -13.71 18.08
N THR B 420 -26.39 -13.82 17.22
CA THR B 420 -26.26 -14.49 15.94
C THR B 420 -26.18 -13.46 14.81
N VAL B 421 -25.20 -13.63 13.93
CA VAL B 421 -25.00 -12.76 12.80
C VAL B 421 -25.24 -13.56 11.53
N SER B 422 -25.63 -12.87 10.45
CA SER B 422 -25.94 -13.55 9.19
C SER B 422 -25.34 -12.71 8.05
N PHE B 423 -24.14 -13.08 7.62
CA PHE B 423 -23.52 -12.40 6.49
C PHE B 423 -24.20 -12.82 5.19
N SER B 424 -23.68 -12.28 4.08
CA SER B 424 -24.22 -12.59 2.75
C SER B 424 -23.06 -12.46 1.78
N ILE B 425 -22.57 -13.60 1.28
CA ILE B 425 -21.35 -13.65 0.49
C ILE B 425 -21.73 -13.74 -0.98
N GLU B 426 -20.88 -13.17 -1.83
CA GLU B 426 -21.07 -13.22 -3.28
C GLU B 426 -19.81 -13.83 -3.90
N ALA B 427 -19.99 -14.86 -4.72
CA ALA B 427 -18.88 -15.59 -5.33
C ALA B 427 -18.96 -15.47 -6.84
N LYS B 428 -17.84 -15.09 -7.46
CA LYS B 428 -17.75 -14.96 -8.90
C LYS B 428 -16.50 -15.67 -9.40
N VAL B 429 -16.62 -16.31 -10.56
CA VAL B 429 -15.51 -17.00 -11.21
C VAL B 429 -15.22 -16.31 -12.54
N ARG B 430 -13.95 -15.98 -12.77
CA ARG B 430 -13.55 -15.28 -13.98
C ARG B 430 -13.10 -16.31 -15.01
N GLY B 431 -14.06 -16.83 -15.77
CA GLY B 431 -13.76 -17.86 -16.76
C GLY B 431 -13.63 -19.23 -16.14
N CYS B 432 -14.12 -20.26 -16.82
CA CYS B 432 -14.07 -21.61 -16.25
C CYS B 432 -12.62 -22.09 -16.21
N PRO B 433 -12.09 -22.41 -15.03
CA PRO B 433 -10.69 -22.84 -14.93
C PRO B 433 -10.49 -24.25 -15.47
N GLN B 434 -9.22 -24.62 -15.62
CA GLN B 434 -8.87 -25.95 -16.07
C GLN B 434 -9.30 -27.01 -15.05
N GLU B 435 -8.75 -26.93 -13.85
CA GLU B 435 -9.21 -27.80 -12.77
C GLU B 435 -10.63 -27.44 -12.37
N LYS B 436 -11.43 -28.45 -12.05
CA LYS B 436 -12.86 -28.26 -11.81
C LYS B 436 -13.28 -28.73 -10.41
N GLU B 437 -12.36 -28.63 -9.44
CA GLU B 437 -12.71 -28.95 -8.05
C GLU B 437 -11.72 -28.23 -7.15
N LYS B 438 -12.18 -27.18 -6.48
CA LYS B 438 -11.35 -26.42 -5.54
C LYS B 438 -12.15 -26.22 -4.27
N SER B 439 -11.44 -25.83 -3.20
CA SER B 439 -12.08 -25.67 -1.90
C SER B 439 -11.39 -24.56 -1.11
N PHE B 440 -12.19 -23.67 -0.54
CA PHE B 440 -11.75 -22.69 0.44
C PHE B 440 -12.62 -22.82 1.68
N THR B 441 -12.29 -22.05 2.72
CA THR B 441 -12.96 -22.22 4.00
C THR B 441 -13.12 -20.85 4.69
N ILE B 442 -14.33 -20.29 4.55
CA ILE B 442 -14.66 -19.08 5.30
C ILE B 442 -14.82 -19.45 6.77
N LYS B 443 -14.23 -18.63 7.65
CA LYS B 443 -14.33 -18.95 9.07
C LYS B 443 -14.13 -17.70 9.90
N PRO B 444 -14.90 -17.52 10.96
CA PRO B 444 -14.57 -16.46 11.93
C PRO B 444 -13.24 -16.75 12.61
N VAL B 445 -12.51 -15.69 12.92
CA VAL B 445 -11.20 -15.85 13.53
C VAL B 445 -11.34 -16.42 14.93
N GLY B 446 -10.39 -17.26 15.31
CA GLY B 446 -10.37 -17.84 16.65
C GLY B 446 -11.35 -18.95 16.89
N PHE B 447 -12.09 -19.38 15.89
CA PHE B 447 -13.09 -20.44 16.03
C PHE B 447 -12.69 -21.64 15.19
N LYS B 448 -12.73 -22.82 15.81
CA LYS B 448 -12.42 -24.05 15.07
C LYS B 448 -13.43 -24.29 13.97
N ASP B 449 -14.70 -24.02 14.22
CA ASP B 449 -15.76 -24.27 13.25
C ASP B 449 -15.55 -23.41 12.01
N SER B 450 -15.91 -23.96 10.86
CA SER B 450 -15.72 -23.27 9.60
C SER B 450 -16.68 -23.85 8.58
N LEU B 451 -16.87 -23.11 7.49
CA LEU B 451 -17.66 -23.57 6.35
C LEU B 451 -16.72 -23.94 5.21
N ILE B 452 -16.82 -25.17 4.74
CA ILE B 452 -15.97 -25.69 3.68
C ILE B 452 -16.77 -25.69 2.38
N VAL B 453 -16.30 -24.95 1.39
CA VAL B 453 -16.99 -24.78 0.12
C VAL B 453 -16.38 -25.73 -0.90
N GLN B 454 -17.22 -26.52 -1.56
CA GLN B 454 -16.79 -27.47 -2.58
C GLN B 454 -17.24 -26.93 -3.93
N VAL B 455 -16.39 -26.12 -4.55
CA VAL B 455 -16.72 -25.51 -5.84
C VAL B 455 -16.54 -26.53 -6.95
N THR B 456 -17.49 -26.57 -7.87
CA THR B 456 -17.44 -27.45 -9.04
C THR B 456 -17.81 -26.61 -10.27
N PHE B 457 -16.81 -26.00 -10.89
CA PHE B 457 -17.08 -25.19 -12.07
C PHE B 457 -17.64 -26.06 -13.19
N ASP B 458 -18.64 -25.54 -13.89
CA ASP B 458 -19.33 -26.25 -14.97
C ASP B 458 -19.10 -25.48 -16.26
N CYS B 459 -18.26 -26.03 -17.14
CA CYS B 459 -17.97 -25.43 -18.44
C CYS B 459 -18.17 -26.45 -19.55
N ASP B 460 -19.15 -27.35 -19.39
CA ASP B 460 -19.36 -28.46 -20.30
C ASP B 460 -20.74 -28.36 -20.94
N CYS B 461 -20.88 -28.94 -22.13
CA CYS B 461 -22.14 -28.98 -22.85
C CYS B 461 -22.46 -30.42 -23.24
N ALA B 462 -23.76 -30.71 -23.37
CA ALA B 462 -24.19 -32.08 -23.56
C ALA B 462 -23.93 -32.57 -24.97
N CYS B 463 -24.23 -31.76 -25.99
CA CYS B 463 -24.15 -32.23 -27.37
C CYS B 463 -22.71 -32.51 -27.78
N GLN B 464 -21.81 -31.57 -27.49
CA GLN B 464 -20.41 -31.76 -27.86
C GLN B 464 -19.76 -32.92 -27.12
N ALA B 465 -20.32 -33.31 -25.97
CA ALA B 465 -19.80 -34.48 -25.26
C ALA B 465 -20.00 -35.75 -26.08
N GLN B 466 -21.19 -35.93 -26.64
CA GLN B 466 -21.48 -37.07 -27.51
C GLN B 466 -21.35 -36.66 -28.98
N ALA B 467 -20.14 -36.29 -29.36
CA ALA B 467 -19.84 -35.82 -30.71
C ALA B 467 -18.90 -36.81 -31.39
N GLU B 468 -19.22 -37.18 -32.62
CA GLU B 468 -18.42 -38.09 -33.41
C GLU B 468 -18.14 -37.48 -34.78
N PRO B 469 -17.05 -37.85 -35.42
CA PRO B 469 -16.76 -37.29 -36.74
C PRO B 469 -17.68 -37.84 -37.82
N ASN B 470 -18.64 -37.02 -38.26
CA ASN B 470 -19.56 -37.41 -39.33
C ASN B 470 -18.94 -36.99 -40.65
N SER B 471 -18.04 -37.83 -41.15
CA SER B 471 -17.32 -37.54 -42.37
C SER B 471 -18.28 -37.52 -43.57
N HIS B 472 -17.85 -36.80 -44.61
CA HIS B 472 -18.54 -36.61 -45.88
C HIS B 472 -19.73 -35.66 -45.76
N ARG B 473 -20.08 -35.20 -44.56
CA ARG B 473 -21.09 -34.16 -44.43
C ARG B 473 -20.62 -32.86 -45.06
N CYS B 474 -19.38 -32.48 -44.78
CA CYS B 474 -18.73 -31.34 -45.39
C CYS B 474 -17.33 -31.77 -45.84
N ASN B 475 -16.77 -31.01 -46.79
CA ASN B 475 -15.47 -31.30 -47.37
C ASN B 475 -15.46 -32.64 -48.10
N ASN B 476 -14.31 -33.03 -48.64
CA ASN B 476 -14.18 -34.30 -49.36
C ASN B 476 -13.95 -35.41 -48.33
N GLY B 477 -15.05 -35.90 -47.78
CA GLY B 477 -14.98 -36.92 -46.75
C GLY B 477 -14.28 -36.49 -45.49
N ASN B 478 -14.55 -35.25 -45.04
CA ASN B 478 -13.89 -34.71 -43.86
C ASN B 478 -14.87 -33.95 -42.98
N GLY B 479 -16.11 -34.41 -42.91
CA GLY B 479 -17.09 -33.75 -42.06
C GLY B 479 -16.68 -33.83 -40.60
N THR B 480 -16.96 -32.75 -39.86
CA THR B 480 -16.54 -32.63 -38.48
C THR B 480 -17.65 -33.15 -37.56
N PHE B 481 -17.57 -32.85 -36.27
CA PHE B 481 -18.43 -33.45 -35.27
C PHE B 481 -19.85 -32.91 -35.37
N GLU B 482 -20.70 -33.34 -34.43
CA GLU B 482 -22.12 -33.03 -34.40
C GLU B 482 -22.39 -31.64 -33.82
N CYS B 483 -23.63 -31.42 -33.40
CA CYS B 483 -24.15 -30.12 -32.94
C CYS B 483 -24.32 -29.14 -34.11
N GLY B 484 -24.56 -29.68 -35.29
CA GLY B 484 -24.92 -28.85 -36.44
C GLY B 484 -23.80 -28.04 -37.04
N VAL B 485 -22.54 -28.29 -36.66
CA VAL B 485 -21.40 -27.53 -37.17
C VAL B 485 -20.35 -28.52 -37.66
N CYS B 486 -19.96 -28.38 -38.93
CA CYS B 486 -18.83 -29.14 -39.48
C CYS B 486 -17.63 -28.19 -39.52
N ARG B 487 -17.01 -28.02 -38.35
CA ARG B 487 -15.84 -27.15 -38.20
C ARG B 487 -14.71 -27.64 -39.11
N CYS B 488 -14.39 -26.83 -40.12
CA CYS B 488 -13.38 -27.23 -41.09
C CYS B 488 -12.00 -27.32 -40.43
N GLY B 489 -11.17 -28.23 -40.94
CA GLY B 489 -9.84 -28.41 -40.42
C GLY B 489 -9.00 -27.17 -40.55
N PRO B 490 -8.11 -26.94 -39.57
CA PRO B 490 -7.24 -25.76 -39.63
C PRO B 490 -6.39 -25.74 -40.89
N GLY B 491 -6.23 -24.56 -41.46
CA GLY B 491 -5.54 -24.41 -42.72
C GLY B 491 -6.40 -24.63 -43.95
N TRP B 492 -7.68 -24.94 -43.77
CA TRP B 492 -8.61 -25.17 -44.87
C TRP B 492 -9.68 -24.08 -44.85
N LEU B 493 -9.94 -23.49 -46.01
CA LEU B 493 -10.85 -22.36 -46.11
C LEU B 493 -12.25 -22.83 -46.45
N GLY B 494 -13.24 -22.26 -45.77
CA GLY B 494 -14.63 -22.61 -45.97
C GLY B 494 -15.43 -22.58 -44.68
N SER B 495 -16.59 -21.93 -44.69
CA SER B 495 -17.42 -21.88 -43.49
C SER B 495 -17.87 -23.29 -43.11
N GLN B 496 -18.73 -23.89 -43.92
CA GLN B 496 -18.96 -25.33 -43.86
C GLN B 496 -18.17 -26.06 -44.95
N CYS B 497 -16.87 -25.76 -45.03
CA CYS B 497 -15.98 -26.36 -46.01
C CYS B 497 -16.52 -26.21 -47.44
N GLU B 498 -17.07 -25.02 -47.74
CA GLU B 498 -17.68 -24.77 -49.05
C GLU B 498 -16.73 -24.08 -50.02
N CYS B 499 -16.27 -22.87 -49.67
CA CYS B 499 -15.53 -22.02 -50.60
C CYS B 499 -14.11 -21.77 -50.08
N SER B 500 -13.15 -21.79 -51.01
CA SER B 500 -11.76 -21.50 -50.69
C SER B 500 -11.36 -20.09 -51.08
N GLU B 501 -11.55 -19.72 -52.34
CA GLU B 501 -11.23 -18.38 -52.82
C GLU B 501 -12.46 -17.62 -53.30
N GLU B 502 -13.27 -18.21 -54.17
CA GLU B 502 -14.45 -17.55 -54.70
C GLU B 502 -15.67 -18.45 -54.61
N GLN B 509 -20.63 -16.22 -49.82
CA GLN B 509 -20.26 -14.84 -50.15
C GLN B 509 -21.45 -13.90 -49.97
N ASP B 510 -21.39 -13.09 -48.91
CA ASP B 510 -22.46 -12.12 -48.62
C ASP B 510 -21.84 -10.94 -47.89
N GLU B 511 -22.66 -9.94 -47.61
CA GLU B 511 -22.20 -8.77 -46.89
C GLU B 511 -21.86 -9.13 -45.46
N CYS B 512 -20.70 -8.68 -45.00
CA CYS B 512 -20.18 -9.02 -43.68
C CYS B 512 -19.98 -7.78 -42.80
N SER B 513 -20.82 -6.76 -42.98
CA SER B 513 -20.73 -5.55 -42.20
C SER B 513 -22.12 -5.15 -41.71
N PRO B 514 -22.20 -4.51 -40.54
CA PRO B 514 -23.52 -4.03 -40.07
C PRO B 514 -24.14 -3.01 -41.00
N ARG B 515 -23.33 -2.16 -41.63
CA ARG B 515 -23.81 -1.16 -42.57
C ARG B 515 -23.17 -1.40 -43.93
N GLU B 516 -23.93 -1.05 -44.98
CA GLU B 516 -23.41 -1.19 -46.34
C GLU B 516 -22.20 -0.28 -46.56
N GLY B 517 -22.26 0.95 -46.04
CA GLY B 517 -21.15 1.87 -46.20
C GLY B 517 -19.95 1.58 -45.30
N GLN B 518 -20.15 0.83 -44.22
CA GLN B 518 -19.06 0.52 -43.31
C GLN B 518 -18.13 -0.53 -43.91
N PRO B 519 -16.86 -0.53 -43.51
CA PRO B 519 -15.93 -1.54 -44.04
C PRO B 519 -16.30 -2.94 -43.61
N VAL B 520 -15.90 -3.91 -44.42
CA VAL B 520 -16.27 -5.31 -44.19
C VAL B 520 -15.48 -5.85 -43.00
N CYS B 521 -16.20 -6.47 -42.06
CA CYS B 521 -15.64 -7.03 -40.83
C CYS B 521 -14.85 -5.99 -40.03
N SER B 522 -15.17 -4.71 -40.23
CA SER B 522 -14.55 -3.60 -39.51
C SER B 522 -13.03 -3.56 -39.70
N GLN B 523 -12.56 -3.99 -40.86
CA GLN B 523 -11.16 -3.91 -41.26
C GLN B 523 -10.23 -4.75 -40.40
N ARG B 524 -10.78 -5.47 -39.42
CA ARG B 524 -10.00 -6.38 -38.60
C ARG B 524 -10.28 -7.84 -38.95
N GLY B 525 -10.99 -8.11 -40.04
CA GLY B 525 -11.33 -9.47 -40.40
C GLY B 525 -11.52 -9.63 -41.89
N GLU B 526 -11.64 -10.90 -42.29
CA GLU B 526 -11.83 -11.28 -43.68
C GLU B 526 -13.16 -12.03 -43.81
N CYS B 527 -13.93 -11.68 -44.84
CA CYS B 527 -15.25 -12.27 -45.05
C CYS B 527 -15.15 -13.27 -46.20
N LEU B 528 -14.92 -14.53 -45.86
CA LEU B 528 -14.90 -15.62 -46.82
C LEU B 528 -16.06 -16.57 -46.53
N CYS B 529 -16.69 -17.07 -47.60
CA CYS B 529 -17.90 -17.89 -47.50
C CYS B 529 -19.01 -17.17 -46.73
N GLY B 530 -18.99 -15.83 -46.75
CA GLY B 530 -19.97 -15.06 -46.00
C GLY B 530 -19.84 -15.18 -44.50
N GLN B 531 -18.61 -15.15 -43.97
CA GLN B 531 -18.38 -15.27 -42.54
C GLN B 531 -17.08 -14.57 -42.19
N CYS B 532 -17.12 -13.68 -41.20
CA CYS B 532 -15.96 -12.89 -40.82
C CYS B 532 -14.96 -13.78 -40.08
N VAL B 533 -13.99 -14.32 -40.82
CA VAL B 533 -12.84 -15.00 -40.23
C VAL B 533 -11.72 -13.97 -40.11
N CYS B 534 -11.25 -13.74 -38.90
CA CYS B 534 -10.39 -12.60 -38.61
C CYS B 534 -9.06 -13.04 -38.00
N HIS B 535 -8.22 -12.04 -37.74
CA HIS B 535 -6.79 -12.25 -37.54
C HIS B 535 -6.50 -12.86 -36.17
N SER B 536 -5.21 -13.15 -35.97
CA SER B 536 -4.68 -13.53 -34.66
C SER B 536 -3.65 -12.48 -34.26
N SER B 537 -3.79 -11.96 -33.04
CA SER B 537 -2.93 -10.89 -32.54
C SER B 537 -2.18 -11.36 -31.31
N ASP B 538 -0.94 -10.89 -31.17
CA ASP B 538 -0.16 -11.21 -29.98
C ASP B 538 -0.77 -10.62 -28.73
N PHE B 539 -1.46 -9.48 -28.85
CA PHE B 539 -2.13 -8.88 -27.70
C PHE B 539 -3.26 -9.78 -27.19
N GLY B 540 -4.04 -10.34 -28.10
CA GLY B 540 -5.16 -11.18 -27.69
C GLY B 540 -5.93 -11.67 -28.90
N LYS B 541 -7.08 -12.28 -28.62
CA LYS B 541 -7.93 -12.87 -29.66
C LYS B 541 -9.16 -11.99 -29.86
N ILE B 542 -9.48 -11.73 -31.12
CA ILE B 542 -10.56 -10.80 -31.48
C ILE B 542 -11.86 -11.58 -31.59
N THR B 543 -12.90 -11.11 -30.90
CA THR B 543 -14.17 -11.81 -30.79
C THR B 543 -15.30 -10.99 -31.39
N GLY B 544 -16.35 -11.69 -31.81
CA GLY B 544 -17.56 -11.07 -32.31
C GLY B 544 -18.10 -11.79 -33.52
N LYS B 545 -19.36 -11.48 -33.86
CA LYS B 545 -19.95 -12.03 -35.08
C LYS B 545 -19.20 -11.56 -36.31
N TYR B 546 -18.97 -10.25 -36.41
CA TYR B 546 -18.04 -9.68 -37.37
C TYR B 546 -16.66 -9.50 -36.77
N CYS B 547 -16.47 -9.95 -35.53
CA CYS B 547 -15.30 -9.66 -34.70
C CYS B 547 -14.80 -8.24 -34.92
N GLU B 548 -15.72 -7.29 -34.73
CA GLU B 548 -15.38 -5.88 -34.57
C GLU B 548 -15.07 -5.54 -33.13
N CYS B 549 -15.17 -6.52 -32.23
CA CYS B 549 -14.99 -6.31 -30.80
C CYS B 549 -13.64 -6.84 -30.37
N ASP B 550 -12.97 -6.10 -29.50
CA ASP B 550 -11.63 -6.43 -29.03
C ASP B 550 -11.67 -6.96 -27.61
N ASP B 551 -10.63 -7.69 -27.24
CA ASP B 551 -10.50 -8.27 -25.90
C ASP B 551 -9.33 -7.69 -25.12
N PHE B 552 -8.63 -6.68 -25.65
CA PHE B 552 -7.53 -6.07 -24.93
C PHE B 552 -7.52 -4.55 -25.07
N SER B 553 -8.60 -3.94 -25.57
CA SER B 553 -8.66 -2.50 -25.76
C SER B 553 -9.21 -1.77 -24.54
N CYS B 554 -9.45 -2.49 -23.45
CA CYS B 554 -10.02 -1.88 -22.26
C CYS B 554 -9.04 -0.90 -21.62
N VAL B 555 -9.61 0.03 -20.84
CA VAL B 555 -8.80 1.04 -20.17
C VAL B 555 -7.92 0.37 -19.11
N ARG B 556 -6.80 1.03 -18.80
CA ARG B 556 -5.82 0.50 -17.86
C ARG B 556 -5.45 1.58 -16.86
N TYR B 557 -5.06 1.14 -15.65
CA TYR B 557 -4.65 2.09 -14.62
C TYR B 557 -3.19 2.48 -14.80
N LYS B 558 -2.27 1.52 -14.68
CA LYS B 558 -0.85 1.79 -14.90
C LYS B 558 -0.28 0.96 -16.05
N GLY B 559 -0.35 -0.36 -15.97
CA GLY B 559 0.22 -1.20 -17.00
C GLY B 559 -0.74 -2.22 -17.58
N GLU B 560 -1.77 -2.59 -16.81
CA GLU B 560 -2.68 -3.67 -17.16
C GLU B 560 -4.11 -3.18 -17.22
N MET B 561 -4.88 -3.75 -18.15
CA MET B 561 -6.26 -3.33 -18.36
C MET B 561 -7.11 -3.74 -17.16
N CYS B 562 -8.18 -2.96 -16.95
CA CYS B 562 -9.12 -3.20 -15.84
C CYS B 562 -8.40 -3.24 -14.50
N SER B 563 -7.38 -2.39 -14.35
CA SER B 563 -6.68 -2.15 -13.10
C SER B 563 -6.09 -3.41 -12.48
N GLY B 564 -6.10 -4.53 -13.22
CA GLY B 564 -5.65 -5.80 -12.66
C GLY B 564 -6.68 -6.52 -11.82
N HIS B 565 -7.89 -5.97 -11.69
CA HIS B 565 -8.96 -6.56 -10.89
C HIS B 565 -10.20 -6.83 -11.72
N GLY B 566 -10.02 -7.10 -13.01
CA GLY B 566 -11.12 -7.40 -13.89
C GLY B 566 -10.60 -7.86 -15.23
N GLN B 567 -11.51 -8.44 -16.02
CA GLN B 567 -11.19 -8.96 -17.33
C GLN B 567 -11.89 -8.13 -18.39
N CYS B 568 -11.19 -7.87 -19.50
CA CYS B 568 -11.73 -7.06 -20.58
C CYS B 568 -12.79 -7.86 -21.34
N SER B 569 -14.05 -7.55 -21.12
CA SER B 569 -15.16 -8.24 -21.78
C SER B 569 -15.70 -7.31 -22.87
N CYS B 570 -15.11 -7.44 -24.07
CA CYS B 570 -15.58 -6.76 -25.28
C CYS B 570 -15.51 -5.24 -25.14
N GLY B 571 -14.36 -4.75 -24.67
CA GLY B 571 -14.11 -3.33 -24.55
C GLY B 571 -14.66 -2.69 -23.30
N ASP B 572 -15.47 -3.39 -22.53
CA ASP B 572 -16.01 -2.89 -21.26
C ASP B 572 -15.53 -3.79 -20.14
N CYS B 573 -14.84 -3.20 -19.16
CA CYS B 573 -14.29 -3.99 -18.07
C CYS B 573 -15.41 -4.55 -17.21
N LEU B 574 -15.36 -5.87 -16.98
CA LEU B 574 -16.25 -6.54 -16.03
C LEU B 574 -15.42 -6.83 -14.78
N CYS B 575 -15.45 -5.90 -13.84
CA CYS B 575 -14.62 -6.01 -12.65
C CYS B 575 -15.11 -7.16 -11.77
N ASP B 576 -14.23 -7.60 -10.89
CA ASP B 576 -14.56 -8.66 -9.95
C ASP B 576 -15.71 -8.23 -9.04
N SER B 577 -16.25 -9.19 -8.30
CA SER B 577 -17.36 -8.90 -7.39
C SER B 577 -16.96 -7.93 -6.29
N ASP B 578 -15.67 -7.81 -6.00
CA ASP B 578 -15.21 -6.92 -4.94
C ASP B 578 -15.11 -5.47 -5.41
N TRP B 579 -14.85 -5.24 -6.69
CA TRP B 579 -14.56 -3.90 -7.21
C TRP B 579 -15.66 -3.47 -8.16
N THR B 580 -15.85 -2.15 -8.27
CA THR B 580 -16.86 -1.59 -9.15
C THR B 580 -16.39 -0.23 -9.66
N GLY B 581 -17.01 0.20 -10.75
CA GLY B 581 -16.68 1.47 -11.38
C GLY B 581 -16.46 1.32 -12.87
N TYR B 582 -16.25 2.47 -13.51
CA TYR B 582 -15.92 2.45 -14.94
C TYR B 582 -14.56 1.80 -15.14
N TYR B 583 -13.52 2.37 -14.55
CA TYR B 583 -12.31 1.60 -14.28
C TYR B 583 -12.59 0.61 -13.13
N CYS B 584 -11.66 -0.33 -12.94
CA CYS B 584 -11.87 -1.36 -11.90
C CYS B 584 -11.22 -0.90 -10.62
N ASN B 585 -11.05 0.39 -10.48
CA ASN B 585 -10.57 0.93 -9.19
C ASN B 585 -11.81 1.03 -8.33
N CYS B 586 -11.83 1.91 -7.34
CA CYS B 586 -13.08 2.10 -6.57
C CYS B 586 -13.55 0.75 -6.02
N THR B 587 -12.85 0.26 -5.00
CA THR B 587 -13.27 -1.00 -4.35
C THR B 587 -14.60 -0.78 -3.65
N THR B 588 -15.37 -1.83 -3.44
CA THR B 588 -16.57 -1.75 -2.63
C THR B 588 -16.34 -2.15 -1.19
N ARG B 589 -15.14 -2.60 -0.85
CA ARG B 589 -14.81 -2.94 0.53
C ARG B 589 -14.80 -1.67 1.38
N THR B 590 -15.52 -1.72 2.50
CA THR B 590 -15.65 -0.58 3.40
C THR B 590 -14.91 -0.82 4.72
N ASP B 591 -13.93 -1.72 4.73
CA ASP B 591 -13.13 -1.94 5.93
C ASP B 591 -12.31 -0.69 6.26
N THR B 592 -11.78 -0.02 5.25
CA THR B 592 -11.03 1.21 5.48
C THR B 592 -11.92 2.30 6.05
N CYS B 593 -13.13 2.44 5.51
CA CYS B 593 -14.06 3.46 6.00
C CYS B 593 -14.79 2.96 7.24
N MET B 594 -14.05 2.50 8.24
CA MET B 594 -14.62 1.98 9.47
C MET B 594 -13.93 2.63 10.66
N SER B 595 -14.73 3.02 11.66
CA SER B 595 -14.22 3.61 12.89
C SER B 595 -14.86 2.91 14.08
N SER B 596 -14.34 3.21 15.26
CA SER B 596 -14.88 2.62 16.48
C SER B 596 -16.30 3.10 16.79
N ASN B 597 -16.78 4.14 16.11
CA ASN B 597 -18.14 4.61 16.33
C ASN B 597 -19.16 3.56 15.91
N GLY B 598 -18.84 2.74 14.93
CA GLY B 598 -19.73 1.69 14.46
C GLY B 598 -20.58 2.04 13.27
N LEU B 599 -20.30 3.15 12.58
CA LEU B 599 -21.06 3.56 11.41
C LEU B 599 -20.10 3.91 10.28
N LEU B 600 -20.56 3.68 9.05
CA LEU B 600 -19.73 3.91 7.88
C LEU B 600 -19.40 5.40 7.76
N CYS B 601 -18.10 5.70 7.78
CA CYS B 601 -17.62 7.10 7.79
C CYS B 601 -18.26 7.87 8.94
N SER B 602 -18.35 7.21 10.10
CA SER B 602 -19.04 7.74 11.28
C SER B 602 -20.47 8.11 10.93
N GLY B 603 -21.10 8.94 11.78
CA GLY B 603 -22.46 9.34 11.53
C GLY B 603 -22.56 10.68 10.82
N ARG B 604 -21.43 11.14 10.27
CA ARG B 604 -21.35 12.47 9.68
C ARG B 604 -20.77 12.44 8.26
N GLY B 605 -20.89 11.33 7.57
CA GLY B 605 -20.37 11.24 6.21
C GLY B 605 -20.73 9.94 5.55
N LYS B 606 -20.15 9.73 4.37
CA LYS B 606 -20.34 8.50 3.61
C LYS B 606 -19.03 8.11 2.97
N CYS B 607 -18.90 6.82 2.65
CA CYS B 607 -17.67 6.26 2.10
C CYS B 607 -17.90 5.83 0.66
N GLU B 608 -17.01 6.26 -0.23
CA GLU B 608 -17.00 5.81 -1.61
C GLU B 608 -15.58 5.44 -2.01
N CYS B 609 -15.46 4.42 -2.85
CA CYS B 609 -14.13 3.99 -3.34
C CYS B 609 -13.15 3.85 -2.18
N GLY B 610 -13.52 3.11 -1.14
CA GLY B 610 -12.59 2.78 -0.08
C GLY B 610 -11.97 3.96 0.62
N SER B 611 -12.55 5.15 0.50
CA SER B 611 -12.07 6.34 1.18
C SER B 611 -13.22 7.04 1.87
N CYS B 612 -12.92 7.70 2.98
CA CYS B 612 -13.93 8.37 3.79
C CYS B 612 -14.11 9.79 3.27
N VAL B 613 -15.26 10.05 2.66
CA VAL B 613 -15.60 11.36 2.12
C VAL B 613 -16.44 12.09 3.16
N CYS B 614 -15.93 13.22 3.64
CA CYS B 614 -16.62 13.98 4.68
C CYS B 614 -17.76 14.79 4.05
N ILE B 615 -18.94 14.70 4.66
CA ILE B 615 -20.12 15.40 4.18
C ILE B 615 -20.58 16.47 5.16
N GLN B 616 -20.53 16.18 6.45
CA GLN B 616 -20.98 17.14 7.45
C GLN B 616 -20.11 18.39 7.40
N PRO B 617 -20.71 19.58 7.42
CA PRO B 617 -19.89 20.81 7.41
C PRO B 617 -18.98 20.87 8.63
N GLY B 618 -17.76 21.32 8.41
CA GLY B 618 -16.77 21.41 9.46
C GLY B 618 -16.11 20.10 9.82
N SER B 619 -16.42 19.02 9.11
CA SER B 619 -15.87 17.71 9.43
C SER B 619 -14.59 17.45 8.65
N TYR B 620 -13.68 16.72 9.28
CA TYR B 620 -12.38 16.41 8.69
C TYR B 620 -11.79 15.22 9.46
N GLY B 621 -10.59 14.81 9.05
CA GLY B 621 -9.87 13.74 9.71
C GLY B 621 -9.62 12.57 8.78
N ASP B 622 -9.02 11.53 9.36
CA ASP B 622 -8.71 10.33 8.60
C ASP B 622 -9.99 9.63 8.13
N THR B 623 -10.94 9.44 9.06
CA THR B 623 -12.24 8.82 8.71
C THR B 623 -13.36 9.70 9.27
N CYS B 624 -13.45 10.94 8.80
CA CYS B 624 -14.48 11.90 9.28
C CYS B 624 -14.78 11.71 10.76
N GLU B 625 -13.75 11.64 11.59
CA GLU B 625 -13.95 11.52 13.05
C GLU B 625 -13.87 12.90 13.73
N LYS B 626 -13.71 13.99 12.97
CA LYS B 626 -13.48 15.32 13.60
C LYS B 626 -14.41 16.41 13.06
N CYS B 627 -15.70 16.41 13.44
CA CYS B 627 -16.57 17.56 13.03
C CYS B 627 -16.78 18.42 14.25
N PRO B 628 -15.88 19.34 14.59
CA PRO B 628 -16.20 20.45 15.66
C PRO B 628 -17.53 21.32 15.68
N THR B 629 -17.79 22.76 15.54
CA THR B 629 -18.96 23.63 15.53
C THR B 629 -20.27 22.86 15.56
N CYS B 630 -20.21 21.53 15.45
CA CYS B 630 -21.42 20.72 15.45
C CYS B 630 -22.08 20.71 16.83
N PRO B 631 -23.42 20.62 16.89
CA PRO B 631 -24.10 20.56 18.19
C PRO B 631 -23.60 19.42 19.07
N ASP B 632 -23.38 19.74 20.35
CA ASP B 632 -22.76 18.81 21.28
C ASP B 632 -23.58 17.54 21.47
N ALA B 633 -22.96 16.54 22.11
CA ALA B 633 -23.67 15.30 22.40
C ALA B 633 -24.85 15.55 23.33
N CYS B 634 -24.68 16.42 24.32
CA CYS B 634 -25.77 16.76 25.23
C CYS B 634 -26.56 17.94 24.66
N THR B 635 -26.85 17.83 23.36
CA THR B 635 -27.72 18.76 22.68
C THR B 635 -28.87 18.04 22.00
N PHE B 636 -28.54 17.06 21.16
CA PHE B 636 -29.54 16.40 20.33
C PHE B 636 -30.00 15.09 20.96
N LYS B 637 -29.06 14.17 21.23
CA LYS B 637 -29.39 12.84 21.71
C LYS B 637 -29.79 12.88 23.19
N LYS B 638 -30.97 13.46 23.44
CA LYS B 638 -31.52 13.54 24.79
C LYS B 638 -32.86 12.81 24.90
N GLU B 639 -33.39 12.31 23.79
CA GLU B 639 -34.67 11.61 23.79
C GLU B 639 -34.56 10.20 24.37
N CYS B 640 -33.35 9.74 24.69
CA CYS B 640 -33.19 8.48 25.41
C CYS B 640 -33.77 8.56 26.82
N VAL B 641 -34.03 9.76 27.32
CA VAL B 641 -34.75 9.95 28.56
C VAL B 641 -36.20 10.27 28.19
N GLU B 642 -36.53 10.06 26.91
CA GLU B 642 -37.88 10.28 26.42
C GLU B 642 -38.42 9.06 25.67
N CYS B 643 -37.55 8.36 24.95
CA CYS B 643 -38.00 7.12 24.29
C CYS B 643 -37.78 5.91 25.19
N LYS B 644 -36.67 5.89 25.92
CA LYS B 644 -36.32 4.72 26.72
C LYS B 644 -36.88 4.81 28.13
N LYS B 645 -36.44 5.82 28.89
CA LYS B 645 -37.02 6.11 30.20
C LYS B 645 -38.17 7.08 29.99
N PHE B 646 -39.34 6.74 30.53
CA PHE B 646 -40.57 7.50 30.31
C PHE B 646 -40.86 7.60 28.80
N ASP B 647 -41.12 6.43 28.22
CA ASP B 647 -41.25 6.29 26.78
C ASP B 647 -42.27 7.26 26.20
N ARG B 648 -41.83 8.06 25.22
CA ARG B 648 -42.69 9.00 24.54
C ARG B 648 -41.94 9.54 23.33
N GLY B 649 -42.71 10.00 22.34
CA GLY B 649 -42.13 10.65 21.17
C GLY B 649 -41.89 9.70 20.02
N ALA B 650 -40.94 10.04 19.15
CA ALA B 650 -40.60 9.19 18.03
C ALA B 650 -39.86 7.95 18.53
N LEU B 651 -39.48 7.08 17.58
CA LEU B 651 -38.82 5.80 17.88
C LEU B 651 -39.70 4.90 18.74
N HIS B 652 -41.00 5.19 18.76
CA HIS B 652 -41.96 4.33 19.46
C HIS B 652 -42.46 3.22 18.57
N ASP B 653 -42.66 3.51 17.28
CA ASP B 653 -42.97 2.50 16.27
C ASP B 653 -41.79 2.16 15.39
N GLU B 654 -40.67 2.86 15.55
CA GLU B 654 -39.46 2.64 14.76
C GLU B 654 -38.40 2.00 15.64
N ASN B 655 -37.89 0.85 15.21
CA ASN B 655 -36.99 0.05 16.03
C ASN B 655 -35.57 0.61 15.93
N THR B 656 -35.44 1.86 16.37
CA THR B 656 -34.12 2.47 16.51
C THR B 656 -34.09 3.33 17.78
N CYS B 657 -34.90 2.95 18.77
CA CYS B 657 -34.98 3.70 20.02
C CYS B 657 -33.72 3.52 20.85
N ASN B 658 -33.15 2.31 20.85
CA ASN B 658 -31.99 2.00 21.68
C ASN B 658 -30.78 1.55 20.86
N ARG B 659 -30.92 1.40 19.54
CA ARG B 659 -29.80 0.96 18.72
C ARG B 659 -28.65 1.96 18.78
N TYR B 660 -28.98 3.25 18.69
CA TYR B 660 -27.94 4.27 18.75
C TYR B 660 -27.68 4.70 20.20
N CYS B 661 -28.72 5.19 20.88
CA CYS B 661 -28.55 5.64 22.25
C CYS B 661 -28.65 4.44 23.19
N ARG B 662 -27.54 4.10 23.83
CA ARG B 662 -27.49 2.98 24.75
C ARG B 662 -26.79 3.41 26.03
N ASP B 663 -27.19 4.57 26.55
CA ASP B 663 -26.57 5.13 27.74
C ASP B 663 -27.15 4.47 28.99
N GLU B 664 -26.27 4.26 29.96
CA GLU B 664 -26.62 3.53 31.18
C GLU B 664 -27.19 4.54 32.17
N ILE B 665 -28.41 4.27 32.65
CA ILE B 665 -29.11 5.20 33.52
C ILE B 665 -28.66 4.99 34.96
N GLU B 666 -27.71 5.79 35.41
CA GLU B 666 -27.20 5.73 36.78
C GLU B 666 -27.57 7.01 37.52
N SER B 667 -28.07 6.86 38.75
CA SER B 667 -28.56 8.01 39.51
C SER B 667 -27.67 8.30 40.72
N VAL B 668 -26.66 9.14 40.50
CA VAL B 668 -25.91 9.73 41.60
C VAL B 668 -26.67 10.94 42.15
N LYS B 669 -26.28 11.41 43.33
CA LYS B 669 -26.99 12.47 44.03
C LYS B 669 -26.05 13.61 44.37
N GLU B 670 -25.91 14.56 43.44
CA GLU B 670 -25.33 15.87 43.69
C GLU B 670 -23.91 15.77 44.25
N LEU B 671 -23.01 15.32 43.37
CA LEU B 671 -21.58 15.43 43.66
C LEU B 671 -21.15 16.89 43.56
N LYS B 672 -19.99 17.18 44.17
CA LYS B 672 -19.43 18.54 44.11
C LYS B 672 -18.67 18.71 42.79
N ASP B 673 -19.35 18.37 41.71
CA ASP B 673 -18.81 18.47 40.36
C ASP B 673 -19.86 19.05 39.42
N THR B 674 -20.48 20.16 39.79
CA THR B 674 -21.62 20.70 39.04
C THR B 674 -21.11 21.29 37.73
N GLY B 675 -20.43 20.43 36.97
CA GLY B 675 -19.94 20.71 35.63
C GLY B 675 -18.48 21.10 35.67
N LYS B 676 -17.59 20.13 35.54
CA LYS B 676 -16.18 20.40 35.28
C LYS B 676 -15.65 19.46 34.20
N ASP B 677 -16.11 18.21 34.23
CA ASP B 677 -15.55 17.13 33.42
C ASP B 677 -16.47 16.75 32.26
N ALA B 678 -17.66 17.33 32.20
CA ALA B 678 -18.63 16.93 31.19
C ALA B 678 -19.64 18.04 30.94
N VAL B 679 -20.68 17.73 30.17
CA VAL B 679 -21.68 18.74 29.81
C VAL B 679 -23.02 18.38 30.40
N ASN B 680 -23.33 18.95 31.56
CA ASN B 680 -24.66 18.78 32.13
C ASN B 680 -25.63 19.78 31.49
N CYS B 681 -26.83 19.30 31.19
CA CYS B 681 -27.83 20.10 30.50
C CYS B 681 -29.16 19.88 31.19
N THR B 682 -30.12 20.76 30.92
CA THR B 682 -31.43 20.67 31.55
C THR B 682 -32.50 21.08 30.54
N TYR B 683 -33.58 20.29 30.51
CA TYR B 683 -34.75 20.62 29.71
C TYR B 683 -35.98 20.30 30.54
N LYS B 684 -37.03 21.08 30.30
CA LYS B 684 -38.31 20.87 30.97
C LYS B 684 -39.00 19.67 30.35
N ASN B 685 -39.21 18.63 31.16
CA ASN B 685 -39.68 17.34 30.68
C ASN B 685 -41.16 17.41 30.34
N GLU B 686 -41.77 16.24 30.12
CA GLU B 686 -43.16 16.17 29.69
C GLU B 686 -44.09 16.89 30.66
N ASP B 687 -43.74 16.91 31.95
CA ASP B 687 -44.53 17.58 32.96
C ASP B 687 -43.99 18.98 33.27
N ASP B 688 -43.16 19.52 32.38
CA ASP B 688 -42.58 20.85 32.53
C ASP B 688 -41.82 20.98 33.85
N CYS B 689 -41.15 19.89 34.24
CA CYS B 689 -40.32 19.88 35.43
C CYS B 689 -38.86 19.89 35.01
N VAL B 690 -38.12 20.86 35.53
CA VAL B 690 -36.70 20.99 35.20
C VAL B 690 -35.96 19.80 35.78
N VAL B 691 -35.14 19.16 34.95
CA VAL B 691 -34.40 17.97 35.33
C VAL B 691 -32.93 18.24 35.01
N ARG B 692 -32.14 18.50 36.04
CA ARG B 692 -30.72 18.72 35.87
C ARG B 692 -30.02 17.38 35.69
N PHE B 693 -29.59 17.11 34.47
CA PHE B 693 -28.95 15.83 34.15
C PHE B 693 -27.57 16.12 33.58
N GLN B 694 -26.78 15.08 33.45
CA GLN B 694 -25.42 15.20 32.94
C GLN B 694 -25.04 13.89 32.26
N TYR B 695 -24.71 13.96 30.98
CA TYR B 695 -24.24 12.78 30.28
C TYR B 695 -23.26 13.21 29.21
N TYR B 696 -22.08 12.59 29.22
CA TYR B 696 -21.04 12.89 28.26
C TYR B 696 -19.90 11.88 28.37
N GLU B 697 -18.96 12.13 29.27
CA GLU B 697 -17.73 11.36 29.36
C GLU B 697 -17.12 11.53 30.75
N ASP B 698 -16.54 10.45 31.26
CA ASP B 698 -15.77 10.51 32.51
C ASP B 698 -14.32 10.05 32.30
N SER B 699 -14.11 9.01 31.50
CA SER B 699 -12.75 8.55 31.18
C SER B 699 -12.75 7.98 29.77
N SER B 700 -12.43 8.84 28.80
CA SER B 700 -12.24 8.52 27.38
C SER B 700 -13.55 8.16 26.68
N GLY B 701 -14.61 7.97 27.47
CA GLY B 701 -15.95 7.76 26.94
C GLY B 701 -16.77 7.04 27.98
N LYS B 702 -17.99 7.48 28.23
CA LYS B 702 -18.85 6.89 29.25
C LYS B 702 -20.31 7.08 28.85
N SER B 703 -20.96 6.03 28.36
CA SER B 703 -22.41 6.07 28.16
C SER B 703 -23.06 5.82 29.53
N ILE B 704 -22.68 6.65 30.49
CA ILE B 704 -23.11 6.53 31.88
C ILE B 704 -23.82 7.81 32.26
N LEU B 705 -25.02 7.70 32.83
CA LEU B 705 -25.73 8.87 33.30
C LEU B 705 -25.24 9.27 34.70
N TYR B 706 -25.23 10.58 34.94
CA TYR B 706 -24.92 11.15 36.24
C TYR B 706 -26.14 11.97 36.67
N VAL B 707 -27.31 11.49 36.29
CA VAL B 707 -28.57 12.19 36.49
C VAL B 707 -28.99 12.03 37.94
N VAL B 708 -29.51 13.10 38.52
CA VAL B 708 -30.15 13.00 39.82
C VAL B 708 -31.43 12.19 39.63
N GLU B 709 -31.76 11.34 40.61
CA GLU B 709 -32.99 10.57 40.54
C GLU B 709 -34.20 11.47 40.78
N GLU B 710 -34.11 12.37 41.76
CA GLU B 710 -35.19 13.30 42.07
C GLU B 710 -34.92 14.65 41.44
N PRO B 711 -35.75 15.09 40.49
CA PRO B 711 -35.57 16.42 39.93
C PRO B 711 -36.15 17.50 40.83
N GLU B 712 -36.04 18.73 40.36
CA GLU B 712 -36.53 19.91 41.09
C GLU B 712 -37.39 20.74 40.15
N CYS B 713 -38.59 21.09 40.58
CA CYS B 713 -39.49 21.91 39.78
C CYS B 713 -39.73 23.25 40.46
N ILE B 719 -53.74 33.65 30.52
CA ILE B 719 -54.63 32.61 31.05
C ILE B 719 -55.87 33.26 31.67
N LEU B 720 -56.22 34.45 31.17
CA LEU B 720 -57.35 35.19 31.74
C LEU B 720 -58.66 34.84 31.03
N VAL B 721 -58.62 34.74 29.70
CA VAL B 721 -59.84 34.49 28.93
C VAL B 721 -60.45 33.15 29.31
N VAL B 722 -59.63 32.10 29.27
CA VAL B 722 -60.11 30.78 29.66
C VAL B 722 -60.52 30.79 31.13
N LEU B 723 -59.74 31.45 31.97
CA LEU B 723 -60.11 31.58 33.38
C LEU B 723 -61.43 32.33 33.53
N LEU B 724 -61.55 33.48 32.86
CA LEU B 724 -62.78 34.28 32.97
C LEU B 724 -63.98 33.50 32.45
N SER B 725 -63.84 32.90 31.26
CA SER B 725 -64.96 32.16 30.68
C SER B 725 -65.46 31.10 31.65
N VAL B 726 -64.55 30.37 32.27
CA VAL B 726 -64.94 29.41 33.31
C VAL B 726 -65.61 30.14 34.47
N MET B 727 -65.06 31.29 34.86
CA MET B 727 -65.63 32.06 35.97
C MET B 727 -67.05 32.50 35.66
N GLY B 728 -67.28 33.00 34.44
CA GLY B 728 -68.60 33.48 34.09
C GLY B 728 -69.65 32.38 34.13
N ALA B 729 -69.35 31.23 33.52
CA ALA B 729 -70.31 30.14 33.50
C ALA B 729 -70.66 29.69 34.90
N ILE B 730 -69.65 29.54 35.76
CA ILE B 730 -69.92 29.20 37.16
C ILE B 730 -70.76 30.28 37.81
N LEU B 731 -70.49 31.54 37.48
CA LEU B 731 -71.32 32.62 37.97
C LEU B 731 -72.77 32.47 37.50
N LEU B 732 -72.95 32.27 36.20
CA LEU B 732 -74.29 32.01 35.67
C LEU B 732 -74.86 30.71 36.21
N ILE B 733 -74.04 29.66 36.31
CA ILE B 733 -74.52 28.40 36.85
C ILE B 733 -75.03 28.59 38.28
N GLY B 734 -74.24 29.30 39.09
CA GLY B 734 -74.75 29.72 40.39
C GLY B 734 -75.96 30.63 40.26
N LEU B 735 -75.94 31.53 39.27
CA LEU B 735 -77.10 32.41 39.07
C LEU B 735 -78.38 31.59 38.92
N ALA B 736 -78.33 30.49 38.16
CA ALA B 736 -79.49 29.62 38.06
C ALA B 736 -79.85 29.02 39.41
N ALA B 737 -78.86 28.70 40.23
CA ALA B 737 -79.12 28.15 41.56
C ALA B 737 -79.86 29.16 42.43
N LEU B 738 -79.46 30.43 42.35
CA LEU B 738 -80.18 31.47 43.08
C LEU B 738 -81.63 31.57 42.63
C1 NAG C . 1.53 4.44 16.37
C2 NAG C . 2.82 5.19 16.25
C3 NAG C . 2.72 6.38 15.31
C4 NAG C . 1.56 7.30 15.69
C5 NAG C . 0.28 6.48 15.83
C6 NAG C . -0.29 6.06 14.47
C7 NAG C . 4.39 5.24 18.03
C8 NAG C . 4.64 5.39 19.48
N2 NAG C . 3.24 5.67 17.54
O3 NAG C . 2.45 5.89 14.00
O4 NAG C . 1.87 8.02 16.87
O5 NAG C . 0.49 5.35 16.69
O6 NAG C . 0.28 6.87 13.43
O7 NAG C . 5.21 4.74 17.29
C1 NAG C . 2.29 9.32 16.39
C2 NAG C . 1.32 10.33 15.79
C3 NAG C . 1.98 10.91 14.54
C4 NAG C . 3.31 11.49 14.94
C5 NAG C . 4.19 10.43 15.59
C6 NAG C . 5.50 11.03 16.04
C7 NAG C . -0.98 10.73 15.38
C8 NAG C . -1.85 10.66 14.16
N2 NAG C . 0.00 9.85 15.44
O3 NAG C . 1.16 11.92 13.94
O4 NAG C . 3.94 11.98 13.76
O5 NAG C . 3.53 9.89 16.75
O6 NAG C . 5.28 11.78 17.25
O7 NAG C . -1.14 11.57 16.24
C1 BMA C . 3.98 13.41 13.82
C2 BMA C . 4.35 13.90 12.44
C3 BMA C . 4.42 15.42 12.43
C4 BMA C . 3.06 15.95 12.81
C5 BMA C . 2.73 15.40 14.19
C6 BMA C . 1.37 15.89 14.68
O2 BMA C . 3.34 13.45 11.54
O3 BMA C . 4.80 15.88 11.13
O4 BMA C . 3.09 17.38 12.81
O5 BMA C . 2.71 13.97 14.15
O6 BMA C . 0.39 15.67 13.67
C1 MAN C . 6.05 15.23 10.84
C2 MAN C . 7.18 16.22 10.64
C3 MAN C . 7.09 16.85 9.26
C4 MAN C . 7.00 15.77 8.20
C5 MAN C . 5.87 14.80 8.49
C6 MAN C . 5.87 13.63 7.51
O2 MAN C . 8.42 15.54 10.78
O3 MAN C . 8.26 17.64 9.03
O4 MAN C . 6.78 16.37 6.93
O5 MAN C . 5.99 14.26 9.80
O6 MAN C . 4.62 12.96 7.57
C1 BMA C . -0.27 16.92 13.41
C2 BMA C . -1.78 16.75 13.55
C3 BMA C . -2.46 18.07 13.24
C4 BMA C . -1.91 19.15 14.14
C5 BMA C . -0.40 19.24 13.98
C6 BMA C . 0.21 20.25 14.93
O2 BMA C . -2.11 16.31 14.86
O3 BMA C . -3.88 17.95 13.45
O4 BMA C . -2.49 20.42 13.81
O5 BMA C . 0.20 17.97 14.25
O6 BMA C . 1.62 20.05 15.00
C1 NAG D . -24.85 -6.31 -1.04
C2 NAG D . -25.29 -7.15 -2.22
C3 NAG D . -25.34 -6.29 -3.48
C4 NAG D . -26.21 -5.08 -3.25
C5 NAG D . -25.74 -4.31 -2.04
C6 NAG D . -26.73 -3.21 -1.67
C7 NAG D . -24.54 -9.40 -1.78
C8 NAG D . -23.30 -10.14 -1.45
N2 NAG D . -24.36 -8.24 -2.40
O3 NAG D . -25.91 -7.03 -4.55
O4 NAG D . -26.03 -4.26 -4.39
O5 NAG D . -25.69 -5.17 -0.90
O6 NAG D . -27.24 -2.55 -2.84
O7 NAG D . -25.64 -9.83 -1.51
C1 NAG D . -27.30 -4.14 -5.05
C2 NAG D . -27.16 -3.70 -6.49
C3 NAG D . -28.52 -3.34 -7.00
C4 NAG D . -29.43 -4.53 -6.80
C5 NAG D . -29.48 -4.93 -5.33
C6 NAG D . -30.36 -6.15 -5.14
C7 NAG D . -25.27 -2.54 -7.42
C8 NAG D . -24.89 -1.20 -7.98
N2 NAG D . -26.30 -2.54 -6.59
O3 NAG D . -28.44 -3.04 -8.39
O4 NAG D . -30.73 -4.13 -7.24
O5 NAG D . -28.16 -5.25 -4.89
O6 NAG D . -29.99 -7.14 -6.11
O7 NAG D . -24.67 -3.56 -7.71
C1 BMA D . -31.06 -4.96 -8.36
C2 BMA D . -32.44 -4.60 -8.88
C3 BMA D . -32.82 -5.57 -9.98
C4 BMA D . -31.75 -5.49 -11.05
C5 BMA D . -30.39 -5.83 -10.45
C6 BMA D . -29.29 -5.75 -11.50
O2 BMA D . -32.40 -3.28 -9.40
O3 BMA D . -34.09 -5.23 -10.52
O4 BMA D . -32.04 -6.43 -12.10
O5 BMA D . -30.10 -4.90 -9.40
O6 BMA D . -28.02 -5.77 -10.85
C1 NAG E . -9.52 5.21 -9.72
C2 NAG E . -10.31 6.43 -9.26
C3 NAG E . -10.77 7.21 -10.49
C4 NAG E . -9.51 7.69 -11.20
C5 NAG E . -8.75 6.43 -11.59
C6 NAG E . -7.51 6.75 -12.38
C7 NAG E . -11.73 6.89 -7.43
C8 NAG E . -10.59 7.24 -6.54
N2 NAG E . -11.42 6.08 -8.44
O3 NAG E . -11.64 8.26 -10.05
O4 NAG E . -9.73 8.50 -12.37
O5 NAG E . -8.39 5.72 -10.41
O6 NAG E . -7.08 5.58 -13.07
O7 NAG E . -12.86 7.32 -7.25
C1 NAG E . -10.62 9.63 -12.17
C2 NAG E . -10.04 10.79 -11.37
C3 NAG E . -11.15 11.80 -11.11
C4 NAG E . -11.70 12.26 -12.45
C5 NAG E . -12.21 11.05 -13.21
C6 NAG E . -12.80 11.50 -14.55
C7 NAG E . -9.95 10.58 -8.91
C8 NAG E . -9.10 11.39 -7.99
N2 NAG E . -9.45 10.35 -10.11
O3 NAG E . -10.67 12.94 -10.40
O4 NAG E . -12.77 13.19 -12.25
O5 NAG E . -11.15 10.13 -13.41
O6 NAG E . -13.98 12.25 -14.27
O7 NAG E . -11.05 10.15 -8.56
C1 NAG F . -29.41 -14.96 -2.61
C2 NAG F . -30.25 -15.11 -1.35
C3 NAG F . -31.72 -14.90 -1.64
C4 NAG F . -31.92 -13.57 -2.34
C5 NAG F . -31.03 -13.47 -3.56
C6 NAG F . -31.13 -12.05 -4.08
C7 NAG F . -29.93 -17.51 -1.46
C8 NAG F . -29.01 -18.55 -0.88
N2 NAG F . -30.07 -16.41 -0.73
O3 NAG F . -32.47 -14.92 -0.42
O4 NAG F . -33.26 -13.37 -2.78
O5 NAG F . -29.68 -13.71 -3.23
O6 NAG F . -30.94 -11.17 -2.97
O7 NAG F . -30.51 -17.68 -2.51
C1 NAG F . -33.92 -14.60 -3.16
C2 NAG F . -35.20 -14.30 -3.89
C3 NAG F . -35.96 -15.60 -4.12
C4 NAG F . -35.06 -16.53 -4.92
C5 NAG F . -33.77 -16.76 -4.15
C6 NAG F . -32.82 -17.67 -4.91
C7 NAG F . -35.75 -12.05 -3.32
C8 NAG F . -36.01 -11.19 -2.12
N2 NAG F . -36.01 -13.35 -3.15
O3 NAG F . -37.17 -15.32 -4.84
O4 NAG F . -35.71 -17.79 -5.12
O5 NAG F . -33.13 -15.51 -3.92
O6 NAG F . -31.49 -17.13 -4.86
O7 NAG F . -35.33 -11.62 -4.38
CA CA G . 29.18 18.64 -1.08
CA CA H . 19.45 12.17 -10.25
CA CA I . 20.92 1.82 -18.37
CA CA J . 32.72 -7.08 -17.95
CA CA K . -7.98 13.62 -58.46
C1 NAG L . 30.80 -30.22 2.81
C2 NAG L . 29.40 -29.66 2.68
C3 NAG L . 28.52 -30.74 2.08
C4 NAG L . 29.12 -31.13 0.73
C5 NAG L . 30.55 -31.63 0.95
C6 NAG L . 31.24 -32.04 -0.33
C7 NAG L . 29.21 -29.84 5.10
C8 NAG L . 29.71 -28.94 6.19
N2 NAG L . 28.88 -29.24 3.96
O3 NAG L . 27.18 -30.27 1.89
O4 NAG L . 28.33 -32.14 0.12
O5 NAG L . 31.32 -30.60 1.55
O6 NAG L . 32.61 -32.27 -0.01
O7 NAG L . 29.10 -31.05 5.25
C1 NAG M . 10.21 -11.72 -34.89
C2 NAG M . 8.74 -11.89 -34.57
C3 NAG M . 8.59 -12.06 -33.07
C4 NAG M . 9.38 -13.31 -32.72
C5 NAG M . 10.83 -13.09 -33.10
C6 NAG M . 11.65 -14.31 -32.70
C7 NAG M . 7.33 -10.87 -36.22
C8 NAG M . 6.45 -9.71 -36.61
N2 NAG M . 7.97 -10.76 -35.07
O3 NAG M . 7.21 -12.21 -32.72
O4 NAG M . 9.31 -13.54 -31.31
O5 NAG M . 10.91 -12.89 -34.51
O6 NAG M . 10.78 -15.44 -32.60
O7 NAG M . 7.45 -11.85 -36.93
C1 NAG N . 35.78 24.56 -2.92
C2 NAG N . 36.83 24.90 -3.97
C3 NAG N . 36.66 26.34 -4.41
C4 NAG N . 35.23 26.52 -4.91
C5 NAG N . 34.24 26.11 -3.83
C6 NAG N . 32.81 26.24 -4.35
C7 NAG N . 38.94 23.76 -3.96
C8 NAG N . 40.36 24.17 -4.24
N2 NAG N . 38.17 24.71 -3.45
O3 NAG N . 37.59 26.63 -5.44
O4 NAG N . 35.03 27.89 -5.26
O5 NAG N . 34.46 24.77 -3.43
O6 NAG N . 32.71 25.68 -5.66
O7 NAG N . 38.53 22.63 -4.18
MG MG O . 12.82 -5.20 30.76
CA CA P . 8.08 -3.68 36.81
CA CA Q . 17.29 -7.20 25.74
#